data_2JUH
#
_entry.id   2JUH
#
_entity_poly.entity_id   1
_entity_poly.type   'polypeptide(L)'
_entity_poly.pdbx_seq_one_letter_code
;PVNQKSKRSELSQRRIRRPFSVAEVEALVEAVEHLGTGRWRDVKMRAFDNADHRTYVDLKDKWKTLVHTASIAPQQRRGE
PVPQDLLDRVLAAHAYWSQQQGKQHVEPLKILDAKAQKVGA
;
_entity_poly.pdbx_strand_id   A
#
# COMPACT_ATOMS: atom_id res chain seq x y z
N PRO A 1 44.12 -5.40 11.99
CA PRO A 1 43.37 -6.62 11.70
C PRO A 1 42.42 -6.45 10.53
N VAL A 2 41.62 -7.48 10.26
CA VAL A 2 40.67 -7.43 9.15
C VAL A 2 39.81 -8.70 9.13
N ASN A 3 38.50 -8.51 9.14
CA ASN A 3 37.56 -9.63 9.11
C ASN A 3 36.60 -9.52 7.94
N GLN A 4 35.77 -10.54 7.74
CA GLN A 4 34.80 -10.54 6.66
C GLN A 4 33.38 -10.71 7.20
N LYS A 5 32.40 -10.58 6.32
CA LYS A 5 31.00 -10.71 6.70
C LYS A 5 30.20 -11.40 5.61
N SER A 6 29.07 -12.00 5.99
CA SER A 6 28.22 -12.70 5.04
C SER A 6 26.81 -12.12 5.05
N LYS A 7 26.14 -12.17 3.89
CA LYS A 7 24.78 -11.65 3.78
C LYS A 7 23.90 -12.62 2.99
N ARG A 8 22.65 -12.23 2.79
CA ARG A 8 21.70 -13.07 2.05
C ARG A 8 21.67 -12.68 0.57
N SER A 9 21.33 -13.65 -0.28
CA SER A 9 21.27 -13.41 -1.72
C SER A 9 19.85 -13.60 -2.24
N GLU A 10 19.53 -12.89 -3.31
CA GLU A 10 18.20 -12.98 -3.92
C GLU A 10 18.09 -14.20 -4.82
N LEU A 11 16.86 -14.52 -5.22
CA LEU A 11 16.62 -15.67 -6.08
C LEU A 11 15.80 -15.27 -7.30
N SER A 12 14.56 -14.84 -7.07
CA SER A 12 13.67 -14.43 -8.15
C SER A 12 13.08 -13.05 -7.87
N GLN A 13 12.39 -12.50 -8.86
CA GLN A 13 11.78 -11.18 -8.72
C GLN A 13 10.94 -10.84 -9.95
N ARG A 14 9.83 -10.13 -9.73
CA ARG A 14 8.95 -9.74 -10.82
C ARG A 14 8.40 -8.34 -10.59
N ARG A 15 8.40 -7.53 -11.66
CA ARG A 15 7.90 -6.16 -11.57
C ARG A 15 7.87 -5.51 -12.95
N ILE A 16 6.89 -4.64 -13.17
CA ILE A 16 6.75 -3.96 -14.44
C ILE A 16 6.90 -2.45 -14.28
N ARG A 17 6.43 -1.93 -13.14
CA ARG A 17 6.52 -0.51 -12.86
C ARG A 17 7.73 -0.19 -11.99
N ARG A 18 7.79 1.03 -11.48
CA ARG A 18 8.90 1.46 -10.63
C ARG A 18 8.43 1.75 -9.22
N PRO A 19 9.36 1.70 -8.26
CA PRO A 19 9.06 1.95 -6.85
C PRO A 19 8.72 3.41 -6.58
N PHE A 20 7.99 3.65 -5.49
CA PHE A 20 7.59 5.01 -5.12
C PHE A 20 8.61 5.64 -4.18
N SER A 21 8.81 6.94 -4.32
CA SER A 21 9.77 7.66 -3.49
C SER A 21 9.24 7.81 -2.06
N VAL A 22 10.15 8.02 -1.12
CA VAL A 22 9.78 8.18 0.28
C VAL A 22 8.70 9.24 0.44
N ALA A 23 8.80 10.31 -0.34
CA ALA A 23 7.82 11.39 -0.29
C ALA A 23 6.48 10.95 -0.85
N GLU A 24 6.52 10.14 -1.91
CA GLU A 24 5.31 9.65 -2.54
C GLU A 24 4.61 8.62 -1.65
N VAL A 25 5.35 7.57 -1.28
CA VAL A 25 4.81 6.53 -0.43
C VAL A 25 4.35 7.08 0.91
N GLU A 26 5.04 8.10 1.39
CA GLU A 26 4.70 8.73 2.66
C GLU A 26 3.22 9.09 2.72
N ALA A 27 2.66 9.39 1.55
CA ALA A 27 1.24 9.76 1.45
C ALA A 27 0.35 8.52 1.51
N LEU A 28 0.81 7.44 0.88
CA LEU A 28 0.05 6.19 0.84
C LEU A 28 -0.25 5.71 2.26
N VAL A 29 0.77 5.67 3.10
CA VAL A 29 0.61 5.23 4.48
C VAL A 29 -0.19 6.24 5.29
N GLU A 30 0.26 7.48 5.30
CA GLU A 30 -0.41 8.55 6.03
C GLU A 30 -1.90 8.59 5.68
N ALA A 31 -2.21 8.44 4.40
CA ALA A 31 -3.59 8.46 3.95
C ALA A 31 -4.34 7.21 4.43
N VAL A 32 -3.67 6.07 4.39
CA VAL A 32 -4.28 4.82 4.84
C VAL A 32 -4.49 4.81 6.34
N GLU A 33 -3.67 5.56 7.06
CA GLU A 33 -3.76 5.64 8.51
C GLU A 33 -4.98 6.46 8.93
N HIS A 34 -5.27 7.51 8.16
CA HIS A 34 -6.40 8.38 8.46
C HIS A 34 -7.68 7.83 7.83
N LEU A 35 -7.60 7.45 6.56
CA LEU A 35 -8.76 6.90 5.86
C LEU A 35 -8.96 5.43 6.20
N GLY A 36 -7.89 4.77 6.62
CA GLY A 36 -7.98 3.38 6.98
C GLY A 36 -7.90 2.46 5.78
N THR A 37 -8.07 1.16 6.01
CA THR A 37 -8.00 0.18 4.93
C THR A 37 -9.39 -0.11 4.38
N GLY A 38 -10.31 0.85 4.54
CA GLY A 38 -11.66 0.67 4.04
C GLY A 38 -12.06 1.76 3.07
N ARG A 39 -11.26 2.82 2.99
CA ARG A 39 -11.55 3.93 2.10
C ARG A 39 -10.37 4.21 1.18
N TRP A 40 -10.20 3.38 0.16
CA TRP A 40 -9.11 3.53 -0.80
C TRP A 40 -9.31 4.77 -1.65
N ARG A 41 -10.54 4.98 -2.11
CA ARG A 41 -10.86 6.13 -2.95
C ARG A 41 -10.40 7.42 -2.29
N ASP A 42 -10.65 7.55 -0.98
CA ASP A 42 -10.26 8.74 -0.24
C ASP A 42 -8.75 8.84 -0.13
N VAL A 43 -8.09 7.69 0.05
CA VAL A 43 -6.64 7.65 0.17
C VAL A 43 -5.98 8.23 -1.07
N LYS A 44 -6.54 7.92 -2.24
CA LYS A 44 -6.00 8.42 -3.50
C LYS A 44 -6.26 9.91 -3.65
N MET A 45 -7.41 10.37 -3.18
CA MET A 45 -7.77 11.78 -3.28
C MET A 45 -6.96 12.61 -2.28
N ARG A 46 -6.67 12.02 -1.13
CA ARG A 46 -5.90 12.71 -0.10
C ARG A 46 -4.40 12.63 -0.40
N ALA A 47 -3.95 11.48 -0.87
CA ALA A 47 -2.55 11.27 -1.20
C ALA A 47 -2.21 11.88 -2.56
N PHE A 48 -2.77 11.30 -3.61
CA PHE A 48 -2.52 11.78 -4.96
C PHE A 48 -3.36 13.02 -5.27
N ASP A 49 -2.70 14.09 -5.69
CA ASP A 49 -3.38 15.33 -6.01
C ASP A 49 -4.29 15.15 -7.23
N ASN A 50 -3.87 14.31 -8.16
CA ASN A 50 -4.64 14.06 -9.38
C ASN A 50 -5.39 12.73 -9.27
N ALA A 51 -6.35 12.67 -8.37
CA ALA A 51 -7.15 11.47 -8.16
C ALA A 51 -8.58 11.67 -8.65
N ASP A 52 -8.75 12.52 -9.66
CA ASP A 52 -10.07 12.80 -10.21
C ASP A 52 -10.78 11.51 -10.59
N HIS A 53 -10.26 10.83 -11.61
CA HIS A 53 -10.85 9.58 -12.07
C HIS A 53 -9.84 8.43 -11.98
N ARG A 54 -8.87 8.57 -11.09
CA ARG A 54 -7.84 7.56 -10.91
C ARG A 54 -8.41 6.33 -10.22
N THR A 55 -7.76 5.19 -10.43
CA THR A 55 -8.19 3.94 -9.82
C THR A 55 -7.87 3.90 -8.34
N TYR A 56 -8.47 2.95 -7.62
CA TYR A 56 -8.24 2.80 -6.19
C TYR A 56 -7.38 1.58 -5.90
N VAL A 57 -7.30 0.67 -6.86
CA VAL A 57 -6.51 -0.54 -6.71
C VAL A 57 -5.02 -0.23 -6.71
N ASP A 58 -4.63 0.78 -7.48
CA ASP A 58 -3.23 1.18 -7.55
C ASP A 58 -2.64 1.40 -6.17
N LEU A 59 -3.34 2.19 -5.36
CA LEU A 59 -2.88 2.48 -4.00
C LEU A 59 -3.00 1.24 -3.11
N LYS A 60 -3.92 0.35 -3.46
CA LYS A 60 -4.12 -0.88 -2.70
C LYS A 60 -2.94 -1.83 -2.87
N ASP A 61 -2.38 -1.86 -4.07
CA ASP A 61 -1.24 -2.73 -4.36
C ASP A 61 0.02 -2.21 -3.69
N LYS A 62 0.24 -0.91 -3.78
CA LYS A 62 1.41 -0.29 -3.17
C LYS A 62 1.44 -0.52 -1.66
N TRP A 63 0.28 -0.46 -1.03
CA TRP A 63 0.17 -0.68 0.41
C TRP A 63 0.43 -2.13 0.75
N LYS A 64 -0.20 -3.04 0.01
CA LYS A 64 -0.04 -4.47 0.23
C LYS A 64 1.44 -4.85 0.34
N THR A 65 2.23 -4.37 -0.61
CA THR A 65 3.66 -4.65 -0.64
C THR A 65 4.38 -3.87 0.45
N LEU A 66 3.84 -2.73 0.82
CA LEU A 66 4.44 -1.89 1.85
C LEU A 66 4.44 -2.61 3.20
N VAL A 67 3.26 -3.04 3.64
CA VAL A 67 3.13 -3.74 4.91
C VAL A 67 3.97 -5.01 4.92
N HIS A 68 3.91 -5.77 3.83
CA HIS A 68 4.66 -7.01 3.73
C HIS A 68 6.16 -6.74 3.84
N THR A 69 6.57 -5.54 3.44
CA THR A 69 7.98 -5.16 3.49
C THR A 69 8.42 -4.86 4.92
N ALA A 70 7.47 -4.38 5.73
CA ALA A 70 7.76 -4.06 7.13
C ALA A 70 8.41 -5.23 7.84
N SER A 71 7.82 -6.41 7.71
CA SER A 71 8.34 -7.61 8.34
C SER A 71 7.35 -8.76 8.24
N ILE A 72 7.17 -9.25 7.02
CA ILE A 72 6.25 -10.36 6.77
C ILE A 72 6.91 -11.45 5.94
N ALA A 73 7.05 -11.19 4.64
CA ALA A 73 7.67 -12.16 3.75
C ALA A 73 9.10 -11.73 3.38
N PRO A 74 10.03 -12.70 3.42
CA PRO A 74 11.44 -12.46 3.11
C PRO A 74 11.66 -12.17 1.63
N GLN A 75 10.96 -12.90 0.77
CA GLN A 75 11.07 -12.71 -0.67
C GLN A 75 10.30 -11.48 -1.13
N GLN A 76 9.45 -10.95 -0.25
CA GLN A 76 8.66 -9.78 -0.57
C GLN A 76 9.48 -8.50 -0.40
N ARG A 77 10.74 -8.66 0.01
CA ARG A 77 11.62 -7.52 0.20
C ARG A 77 11.84 -6.78 -1.11
N ARG A 78 11.37 -5.53 -1.15
CA ARG A 78 11.52 -4.70 -2.35
C ARG A 78 12.99 -4.41 -2.62
N GLY A 79 13.83 -4.66 -1.64
CA GLY A 79 15.26 -4.41 -1.80
C GLY A 79 15.62 -2.95 -1.55
N GLU A 80 14.96 -2.05 -2.26
CA GLU A 80 15.22 -0.62 -2.11
C GLU A 80 15.15 -0.20 -0.66
N PRO A 81 15.85 0.88 -0.31
CA PRO A 81 15.87 1.41 1.06
C PRO A 81 14.54 2.03 1.47
N VAL A 82 13.96 1.51 2.54
CA VAL A 82 12.67 2.01 3.03
C VAL A 82 12.80 2.51 4.46
N PRO A 83 12.13 3.63 4.76
CA PRO A 83 12.14 4.25 6.09
C PRO A 83 11.38 3.40 7.12
N GLN A 84 12.04 3.12 8.24
CA GLN A 84 11.42 2.33 9.30
C GLN A 84 10.20 3.03 9.88
N ASP A 85 10.09 4.33 9.61
CA ASP A 85 8.97 5.12 10.10
C ASP A 85 7.69 4.74 9.38
N LEU A 86 7.79 4.49 8.08
CA LEU A 86 6.63 4.11 7.28
C LEU A 86 6.22 2.68 7.55
N LEU A 87 7.19 1.76 7.45
CA LEU A 87 6.93 0.35 7.68
C LEU A 87 6.23 0.13 9.01
N ASP A 88 6.57 0.96 10.00
CA ASP A 88 5.97 0.87 11.33
C ASP A 88 4.52 1.36 11.31
N ARG A 89 4.31 2.50 10.67
CA ARG A 89 2.96 3.07 10.58
C ARG A 89 2.05 2.18 9.76
N VAL A 90 2.61 1.55 8.73
CA VAL A 90 1.83 0.66 7.86
C VAL A 90 1.33 -0.55 8.64
N LEU A 91 2.23 -1.23 9.32
CA LEU A 91 1.87 -2.41 10.10
C LEU A 91 0.87 -2.06 11.20
N ALA A 92 0.91 -0.80 11.64
CA ALA A 92 0.00 -0.33 12.68
C ALA A 92 -1.44 -0.34 12.20
N ALA A 93 -1.67 0.24 11.02
CA ALA A 93 -3.01 0.31 10.45
C ALA A 93 -3.44 -1.05 9.91
N HIS A 94 -2.53 -1.72 9.22
CA HIS A 94 -2.81 -3.04 8.65
C HIS A 94 -3.24 -4.02 9.73
N ALA A 95 -2.54 -3.99 10.87
CA ALA A 95 -2.85 -4.88 11.98
C ALA A 95 -4.07 -4.38 12.74
N TYR A 96 -4.11 -3.09 13.05
CA TYR A 96 -5.23 -2.51 13.78
C TYR A 96 -6.54 -2.76 13.05
N TRP A 97 -6.57 -2.48 11.76
CA TRP A 97 -7.77 -2.68 10.95
C TRP A 97 -8.04 -4.16 10.75
N SER A 98 -6.98 -4.96 10.72
CA SER A 98 -7.11 -6.40 10.53
C SER A 98 -7.96 -7.02 11.63
N GLN A 99 -7.81 -6.50 12.84
CA GLN A 99 -8.56 -7.00 13.98
C GLN A 99 -10.06 -6.94 13.72
N GLN A 100 -10.47 -6.02 12.84
CA GLN A 100 -11.87 -5.85 12.51
C GLN A 100 -12.38 -7.05 11.71
N GLN A 101 -11.54 -7.54 10.81
CA GLN A 101 -11.91 -8.69 9.98
C GLN A 101 -11.30 -9.98 10.52
N GLY A 102 -10.00 -10.13 10.31
CA GLY A 102 -9.32 -11.33 10.79
C GLY A 102 -8.57 -11.09 12.09
N LYS A 103 -7.50 -11.86 12.29
CA LYS A 103 -6.69 -11.72 13.50
C LYS A 103 -5.36 -12.46 13.34
N GLN A 104 -4.26 -11.72 13.45
CA GLN A 104 -2.93 -12.30 13.32
C GLN A 104 -1.99 -11.76 14.40
N HIS A 105 -1.92 -10.43 14.50
CA HIS A 105 -1.06 -9.79 15.49
C HIS A 105 -1.26 -8.28 15.47
N VAL A 106 -2.00 -7.78 16.46
CA VAL A 106 -2.27 -6.35 16.56
C VAL A 106 -1.52 -5.74 17.74
N GLU A 107 -1.62 -4.41 17.88
CA GLU A 107 -0.95 -3.70 18.95
C GLU A 107 -1.92 -2.77 19.69
N PRO A 108 -1.55 -2.38 20.91
CA PRO A 108 -2.37 -1.50 21.74
C PRO A 108 -2.42 -0.07 21.19
N LEU A 109 -3.32 0.16 20.25
CA LEU A 109 -3.47 1.49 19.64
C LEU A 109 -4.83 1.62 18.95
N LYS A 110 -5.27 2.86 18.77
CA LYS A 110 -6.55 3.12 18.12
C LYS A 110 -6.49 4.41 17.31
N ILE A 111 -7.41 4.55 16.36
CA ILE A 111 -7.46 5.74 15.51
C ILE A 111 -8.89 6.05 15.09
N LEU A 112 -9.05 7.09 14.27
CA LEU A 112 -10.36 7.48 13.79
C LEU A 112 -10.26 8.14 12.40
N ASP A 113 -11.41 8.48 11.84
CA ASP A 113 -11.45 9.11 10.52
C ASP A 113 -12.67 10.03 10.40
N ALA A 114 -12.67 10.87 9.38
CA ALA A 114 -13.77 11.80 9.14
C ALA A 114 -13.59 12.55 7.83
N LYS A 115 -14.69 12.89 7.19
CA LYS A 115 -14.65 13.62 5.92
C LYS A 115 -15.15 15.05 6.11
N ALA A 116 -15.05 15.85 5.04
CA ALA A 116 -15.50 17.24 5.09
C ALA A 116 -16.50 17.52 3.98
N GLN A 117 -16.91 18.78 3.87
CA GLN A 117 -17.86 19.18 2.84
C GLN A 117 -17.49 20.53 2.24
N LYS A 118 -17.39 20.58 0.92
CA LYS A 118 -17.04 21.81 0.22
C LYS A 118 -17.98 22.05 -0.96
N VAL A 119 -18.87 23.02 -0.81
CA VAL A 119 -19.82 23.35 -1.87
C VAL A 119 -19.47 24.68 -2.53
N GLY A 120 -19.55 24.72 -3.86
CA GLY A 120 -19.24 25.93 -4.58
C GLY A 120 -20.48 26.60 -5.15
N ALA A 121 -20.48 26.84 -6.46
CA ALA A 121 -21.60 27.49 -7.12
C ALA A 121 -22.83 26.59 -7.11
N PRO A 1 38.32 -14.98 -6.52
CA PRO A 1 37.29 -14.73 -7.54
C PRO A 1 36.57 -13.40 -7.32
N VAL A 2 35.84 -12.95 -8.32
CA VAL A 2 35.10 -11.70 -8.24
C VAL A 2 34.21 -11.50 -9.47
N ASN A 3 32.92 -11.29 -9.24
CA ASN A 3 31.97 -11.09 -10.33
C ASN A 3 30.62 -10.65 -9.78
N GLN A 4 29.97 -9.75 -10.52
CA GLN A 4 28.66 -9.24 -10.11
C GLN A 4 27.61 -9.49 -11.20
N LYS A 5 26.36 -9.18 -10.89
CA LYS A 5 25.28 -9.37 -11.84
C LYS A 5 24.15 -8.35 -11.61
N SER A 6 23.49 -7.95 -12.68
CA SER A 6 22.41 -6.97 -12.59
C SER A 6 21.14 -7.51 -13.26
N LYS A 7 19.99 -7.12 -12.72
CA LYS A 7 18.71 -7.54 -13.27
C LYS A 7 17.64 -6.48 -13.04
N ARG A 8 16.92 -6.14 -14.12
CA ARG A 8 15.87 -5.14 -14.03
C ARG A 8 15.11 -5.04 -15.35
N SER A 9 13.79 -4.88 -15.26
CA SER A 9 12.95 -4.78 -16.45
C SER A 9 12.28 -3.40 -16.52
N GLU A 10 12.44 -2.74 -17.67
CA GLU A 10 11.86 -1.42 -17.87
C GLU A 10 11.58 -1.17 -19.35
N LEU A 11 11.11 0.04 -19.66
CA LEU A 11 10.80 0.40 -21.03
C LEU A 11 9.69 -0.47 -21.60
N SER A 12 8.74 -0.85 -20.75
CA SER A 12 7.63 -1.69 -21.16
C SER A 12 6.32 -1.20 -20.55
N GLN A 13 5.63 -0.33 -21.29
CA GLN A 13 4.36 0.22 -20.82
C GLN A 13 3.35 -0.89 -20.57
N ARG A 14 2.79 -0.91 -19.36
CA ARG A 14 1.81 -1.92 -18.98
C ARG A 14 1.31 -1.69 -17.56
N ARG A 15 0.45 -2.59 -17.09
CA ARG A 15 -0.10 -2.49 -15.75
C ARG A 15 0.91 -2.97 -14.71
N ILE A 16 2.05 -2.30 -14.66
CA ILE A 16 3.11 -2.64 -13.71
C ILE A 16 3.30 -1.55 -12.66
N ARG A 17 3.73 -1.95 -11.47
CA ARG A 17 3.95 -1.00 -10.39
C ARG A 17 4.83 0.16 -10.85
N ARG A 18 4.78 1.26 -10.10
CA ARG A 18 5.58 2.43 -10.43
C ARG A 18 6.65 2.69 -9.37
N PRO A 19 7.72 3.41 -9.76
CA PRO A 19 8.82 3.74 -8.85
C PRO A 19 8.42 4.73 -7.78
N PHE A 20 8.02 4.21 -6.62
CA PHE A 20 7.60 5.05 -5.50
C PHE A 20 8.78 5.35 -4.58
N SER A 21 8.86 6.59 -4.10
CA SER A 21 9.93 7.00 -3.21
C SER A 21 9.42 7.23 -1.79
N VAL A 22 10.31 7.62 -0.89
CA VAL A 22 9.95 7.88 0.49
C VAL A 22 8.80 8.89 0.58
N ALA A 23 8.83 9.88 -0.29
CA ALA A 23 7.80 10.91 -0.32
C ALA A 23 6.47 10.34 -0.81
N GLU A 24 6.51 9.60 -1.91
CA GLU A 24 5.31 9.00 -2.47
C GLU A 24 4.70 7.99 -1.51
N VAL A 25 5.51 7.03 -1.07
CA VAL A 25 5.05 6.00 -0.15
C VAL A 25 4.51 6.63 1.13
N GLU A 26 5.11 7.74 1.55
CA GLU A 26 4.70 8.42 2.77
C GLU A 26 3.24 8.88 2.66
N ALA A 27 2.87 9.40 1.50
CA ALA A 27 1.52 9.87 1.27
C ALA A 27 0.53 8.70 1.22
N LEU A 28 0.99 7.57 0.70
CA LEU A 28 0.15 6.38 0.60
C LEU A 28 -0.15 5.81 1.98
N VAL A 29 0.89 5.53 2.74
CA VAL A 29 0.73 4.98 4.08
C VAL A 29 -0.02 5.95 4.99
N GLU A 30 0.41 7.21 4.97
CA GLU A 30 -0.23 8.24 5.79
C GLU A 30 -1.71 8.37 5.45
N ALA A 31 -2.06 8.06 4.21
CA ALA A 31 -3.43 8.15 3.75
C ALA A 31 -4.26 7.00 4.31
N VAL A 32 -3.69 5.79 4.26
CA VAL A 32 -4.38 4.61 4.77
C VAL A 32 -4.36 4.56 6.28
N GLU A 33 -3.36 5.21 6.88
CA GLU A 33 -3.24 5.23 8.33
C GLU A 33 -4.29 6.15 8.95
N HIS A 34 -4.51 7.29 8.32
CA HIS A 34 -5.49 8.27 8.81
C HIS A 34 -6.89 7.92 8.31
N LEU A 35 -7.00 7.62 7.02
CA LEU A 35 -8.29 7.27 6.43
C LEU A 35 -8.64 5.81 6.72
N GLY A 36 -7.64 5.03 7.11
CA GLY A 36 -7.86 3.63 7.42
C GLY A 36 -7.81 2.75 6.19
N THR A 37 -7.69 1.44 6.40
CA THR A 37 -7.62 0.49 5.29
C THR A 37 -9.00 0.30 4.65
N GLY A 38 -10.02 0.91 5.25
CA GLY A 38 -11.37 0.79 4.73
C GLY A 38 -11.78 2.01 3.94
N ARG A 39 -10.82 2.80 3.49
CA ARG A 39 -11.09 4.00 2.72
C ARG A 39 -10.10 4.16 1.58
N TRP A 40 -10.13 3.23 0.64
CA TRP A 40 -9.23 3.26 -0.50
C TRP A 40 -9.44 4.53 -1.33
N ARG A 41 -10.70 4.81 -1.66
CA ARG A 41 -11.04 5.98 -2.46
C ARG A 41 -10.46 7.25 -1.81
N ASP A 42 -10.59 7.34 -0.50
CA ASP A 42 -10.08 8.50 0.24
C ASP A 42 -8.56 8.54 0.21
N VAL A 43 -7.95 7.36 0.15
CA VAL A 43 -6.49 7.26 0.12
C VAL A 43 -5.93 7.83 -1.18
N LYS A 44 -6.68 7.65 -2.26
CA LYS A 44 -6.26 8.15 -3.57
C LYS A 44 -6.36 9.67 -3.63
N MET A 45 -7.48 10.19 -3.13
CA MET A 45 -7.69 11.64 -3.13
C MET A 45 -6.82 12.32 -2.09
N ARG A 46 -6.54 11.62 -1.00
CA ARG A 46 -5.72 12.16 0.07
C ARG A 46 -4.24 12.11 -0.29
N ALA A 47 -3.83 11.01 -0.92
CA ALA A 47 -2.44 10.85 -1.34
C ALA A 47 -2.20 11.45 -2.72
N PHE A 48 -2.75 10.81 -3.75
CA PHE A 48 -2.59 11.30 -5.11
C PHE A 48 -3.40 12.57 -5.33
N ASP A 49 -2.74 13.60 -5.85
CA ASP A 49 -3.40 14.88 -6.11
C ASP A 49 -4.35 14.75 -7.30
N ASN A 50 -3.98 13.93 -8.27
CA ASN A 50 -4.81 13.73 -9.46
C ASN A 50 -5.57 12.42 -9.37
N ALA A 51 -6.60 12.39 -8.52
CA ALA A 51 -7.42 11.20 -8.36
C ALA A 51 -8.88 11.48 -8.68
N ASP A 52 -9.14 11.89 -9.93
CA ASP A 52 -10.49 12.20 -10.37
C ASP A 52 -11.17 10.95 -10.93
N HIS A 53 -10.74 10.54 -12.12
CA HIS A 53 -11.30 9.35 -12.77
C HIS A 53 -10.29 8.22 -12.81
N ARG A 54 -9.37 8.21 -11.85
CA ARG A 54 -8.34 7.19 -11.78
C ARG A 54 -8.81 6.00 -10.95
N THR A 55 -8.22 4.83 -11.20
CA THR A 55 -8.59 3.61 -10.48
C THR A 55 -8.03 3.64 -9.06
N TYR A 56 -8.61 2.82 -8.19
CA TYR A 56 -8.18 2.74 -6.80
C TYR A 56 -7.28 1.53 -6.58
N VAL A 57 -7.03 0.78 -7.64
CA VAL A 57 -6.18 -0.40 -7.56
C VAL A 57 -4.72 -0.01 -7.39
N ASP A 58 -4.33 1.11 -7.98
CA ASP A 58 -2.95 1.58 -7.89
C ASP A 58 -2.55 1.77 -6.43
N LEU A 59 -3.37 2.48 -5.68
CA LEU A 59 -3.10 2.73 -4.27
C LEU A 59 -3.16 1.43 -3.46
N LYS A 60 -3.97 0.50 -3.93
CA LYS A 60 -4.12 -0.80 -3.26
C LYS A 60 -2.83 -1.61 -3.35
N ASP A 61 -2.14 -1.48 -4.47
CA ASP A 61 -0.88 -2.21 -4.68
C ASP A 61 0.23 -1.63 -3.82
N LYS A 62 0.39 -0.32 -3.86
CA LYS A 62 1.42 0.35 -3.08
C LYS A 62 1.29 0.01 -1.60
N TRP A 63 0.06 -0.02 -1.11
CA TRP A 63 -0.20 -0.33 0.29
C TRP A 63 0.12 -1.80 0.58
N LYS A 64 -0.40 -2.69 -0.24
CA LYS A 64 -0.17 -4.12 -0.08
C LYS A 64 1.32 -4.42 0.04
N THR A 65 2.09 -3.96 -0.94
CA THR A 65 3.53 -4.17 -0.95
C THR A 65 4.19 -3.52 0.27
N LEU A 66 3.59 -2.45 0.75
CA LEU A 66 4.12 -1.73 1.91
C LEU A 66 4.12 -2.62 3.15
N VAL A 67 2.95 -3.18 3.47
CA VAL A 67 2.81 -4.05 4.62
C VAL A 67 3.74 -5.26 4.52
N HIS A 68 3.64 -5.98 3.41
CA HIS A 68 4.47 -7.16 3.19
C HIS A 68 5.95 -6.82 3.36
N THR A 69 6.30 -5.57 3.08
CA THR A 69 7.68 -5.12 3.19
C THR A 69 8.07 -4.93 4.65
N ALA A 70 7.10 -4.59 5.49
CA ALA A 70 7.34 -4.38 6.91
C ALA A 70 8.02 -5.60 7.53
N SER A 71 7.45 -6.77 7.28
CA SER A 71 8.00 -8.02 7.82
C SER A 71 7.07 -9.19 7.53
N ILE A 72 6.98 -9.56 6.25
CA ILE A 72 6.13 -10.67 5.85
C ILE A 72 6.90 -11.65 4.97
N ALA A 73 7.11 -11.28 3.71
CA ALA A 73 7.84 -12.12 2.77
C ALA A 73 9.26 -11.62 2.56
N PRO A 74 10.22 -12.55 2.43
CA PRO A 74 11.63 -12.23 2.22
C PRO A 74 11.89 -11.63 0.84
N GLN A 75 11.31 -12.24 -0.18
CA GLN A 75 11.49 -11.76 -1.54
C GLN A 75 10.71 -10.47 -1.78
N GLN A 76 9.81 -10.15 -0.85
CA GLN A 76 9.01 -8.94 -0.95
C GLN A 76 9.81 -7.72 -0.50
N ARG A 77 11.04 -7.95 -0.06
CA ARG A 77 11.90 -6.86 0.39
C ARG A 77 12.62 -6.20 -0.78
N ARG A 78 12.29 -4.93 -1.02
CA ARG A 78 12.89 -4.18 -2.11
C ARG A 78 14.31 -3.75 -1.75
N GLY A 79 15.18 -3.72 -2.76
CA GLY A 79 16.56 -3.33 -2.53
C GLY A 79 16.68 -2.01 -1.80
N GLU A 80 16.00 -0.99 -2.31
CA GLU A 80 16.04 0.33 -1.70
C GLU A 80 15.66 0.26 -0.22
N PRO A 81 16.42 0.99 0.62
CA PRO A 81 16.19 1.03 2.06
C PRO A 81 14.90 1.75 2.43
N VAL A 82 14.01 1.04 3.13
CA VAL A 82 12.73 1.62 3.54
C VAL A 82 12.78 2.05 5.00
N PRO A 83 12.17 3.21 5.29
CA PRO A 83 12.12 3.76 6.65
C PRO A 83 11.22 2.96 7.57
N GLN A 84 11.75 2.59 8.74
CA GLN A 84 10.99 1.81 9.71
C GLN A 84 9.76 2.57 10.18
N ASP A 85 9.76 3.89 9.96
CA ASP A 85 8.64 4.73 10.36
C ASP A 85 7.39 4.38 9.55
N LEU A 86 7.57 4.13 8.27
CA LEU A 86 6.45 3.78 7.39
C LEU A 86 5.99 2.34 7.64
N LEU A 87 6.94 1.41 7.57
CA LEU A 87 6.64 0.00 7.79
C LEU A 87 5.91 -0.21 9.12
N ASP A 88 6.38 0.48 10.15
CA ASP A 88 5.77 0.38 11.47
C ASP A 88 4.42 1.09 11.51
N ARG A 89 4.29 2.13 10.69
CA ARG A 89 3.05 2.90 10.64
C ARG A 89 1.94 2.10 9.96
N VAL A 90 2.26 1.53 8.80
CA VAL A 90 1.29 0.73 8.05
C VAL A 90 0.86 -0.49 8.85
N LEU A 91 1.76 -1.04 9.65
CA LEU A 91 1.47 -2.21 10.46
C LEU A 91 0.53 -1.84 11.62
N ALA A 92 0.71 -0.65 12.17
CA ALA A 92 -0.12 -0.19 13.27
C ALA A 92 -1.58 -0.08 12.84
N ALA A 93 -1.81 0.53 11.68
CA ALA A 93 -3.17 0.69 11.16
C ALA A 93 -3.70 -0.62 10.61
N HIS A 94 -2.91 -1.29 9.77
CA HIS A 94 -3.30 -2.56 9.18
C HIS A 94 -3.75 -3.55 10.25
N ALA A 95 -3.01 -3.57 11.35
CA ALA A 95 -3.32 -4.47 12.46
C ALA A 95 -4.50 -3.95 13.28
N TYR A 96 -4.47 -2.67 13.61
CA TYR A 96 -5.53 -2.06 14.40
C TYR A 96 -6.88 -2.25 13.73
N TRP A 97 -6.94 -1.95 12.44
CA TRP A 97 -8.19 -2.10 11.69
C TRP A 97 -8.53 -3.57 11.48
N SER A 98 -7.50 -4.38 11.28
CA SER A 98 -7.68 -5.82 11.07
C SER A 98 -8.51 -6.44 12.19
N GLN A 99 -8.32 -5.92 13.41
CA GLN A 99 -9.04 -6.41 14.57
C GLN A 99 -10.55 -6.31 14.35
N GLN A 100 -10.96 -5.41 13.48
CA GLN A 100 -12.37 -5.22 13.18
C GLN A 100 -12.71 -5.70 11.78
N GLN A 101 -12.09 -5.09 10.77
CA GLN A 101 -12.32 -5.46 9.39
C GLN A 101 -11.50 -6.69 9.01
N GLY A 102 -11.58 -7.08 7.74
CA GLY A 102 -10.83 -8.23 7.27
C GLY A 102 -10.31 -8.04 5.85
N LYS A 103 -9.51 -9.00 5.40
CA LYS A 103 -8.93 -8.94 4.06
C LYS A 103 -8.14 -10.20 3.75
N GLN A 104 -8.27 -10.71 2.52
CA GLN A 104 -7.57 -11.91 2.11
C GLN A 104 -6.07 -11.65 2.02
N HIS A 105 -5.30 -12.34 2.87
CA HIS A 105 -3.85 -12.18 2.89
C HIS A 105 -3.22 -13.10 3.94
N VAL A 106 -1.93 -13.34 3.80
CA VAL A 106 -1.20 -14.20 4.73
C VAL A 106 -0.15 -13.42 5.49
N GLU A 107 -0.30 -13.36 6.81
CA GLU A 107 0.64 -12.64 7.66
C GLU A 107 0.99 -13.44 8.90
N PRO A 108 2.12 -13.10 9.55
CA PRO A 108 2.58 -13.78 10.75
C PRO A 108 1.70 -13.49 11.96
N LEU A 109 2.11 -13.98 13.12
CA LEU A 109 1.35 -13.78 14.35
C LEU A 109 2.04 -12.76 15.25
N LYS A 110 1.28 -11.76 15.71
CA LYS A 110 1.82 -10.73 16.58
C LYS A 110 0.70 -9.86 17.15
N ILE A 111 0.69 -9.70 18.47
CA ILE A 111 -0.32 -8.90 19.13
C ILE A 111 -0.05 -8.78 20.63
N LEU A 112 -0.17 -7.57 21.16
CA LEU A 112 0.06 -7.32 22.58
C LEU A 112 -1.12 -6.60 23.21
N ASP A 113 -1.79 -7.26 24.14
CA ASP A 113 -2.94 -6.67 24.82
C ASP A 113 -3.10 -7.27 26.22
N ALA A 114 -3.61 -6.46 27.14
CA ALA A 114 -3.82 -6.91 28.51
C ALA A 114 -5.17 -6.43 29.04
N LYS A 115 -5.72 -7.17 29.99
CA LYS A 115 -7.01 -6.83 30.58
C LYS A 115 -6.96 -6.95 32.11
N ALA A 116 -7.21 -5.83 32.79
CA ALA A 116 -7.19 -5.82 34.25
C ALA A 116 -8.58 -5.52 34.81
N GLN A 117 -8.81 -5.90 36.06
CA GLN A 117 -10.09 -5.67 36.71
C GLN A 117 -10.02 -6.04 38.19
N LYS A 118 -10.46 -5.12 39.05
CA LYS A 118 -10.45 -5.34 40.48
C LYS A 118 -11.75 -6.01 40.94
N VAL A 119 -11.66 -7.32 41.22
CA VAL A 119 -12.82 -8.07 41.67
C VAL A 119 -12.92 -8.08 43.19
N GLY A 120 -13.93 -7.40 43.73
CA GLY A 120 -14.11 -7.34 45.17
C GLY A 120 -15.33 -8.11 45.61
N ALA A 121 -15.69 -7.96 46.89
CA ALA A 121 -16.85 -8.65 47.45
C ALA A 121 -17.82 -7.66 48.08
N PRO A 1 -23.15 -0.20 34.40
CA PRO A 1 -22.20 -0.37 33.30
C PRO A 1 -22.55 -1.54 32.39
N VAL A 2 -22.03 -1.51 31.17
CA VAL A 2 -22.29 -2.58 30.20
C VAL A 2 -21.50 -2.35 28.92
N ASN A 3 -20.74 -3.36 28.51
CA ASN A 3 -19.93 -3.28 27.30
C ASN A 3 -19.35 -4.65 26.94
N GLN A 4 -18.98 -4.81 25.67
CA GLN A 4 -18.41 -6.06 25.20
C GLN A 4 -17.17 -5.81 24.35
N LYS A 5 -16.41 -6.87 24.09
CA LYS A 5 -15.19 -6.76 23.29
C LYS A 5 -15.01 -8.00 22.41
N SER A 6 -14.62 -7.77 21.16
CA SER A 6 -14.41 -8.87 20.22
C SER A 6 -13.02 -8.79 19.60
N LYS A 7 -12.46 -9.95 19.27
CA LYS A 7 -11.13 -10.02 18.68
C LYS A 7 -11.04 -11.19 17.70
N ARG A 8 -10.51 -10.92 16.51
CA ARG A 8 -10.36 -11.95 15.49
C ARG A 8 -9.25 -11.58 14.50
N SER A 9 -8.18 -12.37 14.50
CA SER A 9 -7.06 -12.12 13.61
C SER A 9 -7.22 -12.88 12.30
N GLU A 10 -7.15 -12.17 11.19
CA GLU A 10 -7.29 -12.78 9.86
C GLU A 10 -6.58 -11.95 8.80
N LEU A 11 -5.83 -12.63 7.94
CA LEU A 11 -5.10 -11.97 6.87
C LEU A 11 -4.65 -12.96 5.81
N SER A 12 -3.98 -12.46 4.77
CA SER A 12 -3.48 -13.30 3.70
C SER A 12 -2.12 -12.83 3.21
N GLN A 13 -1.67 -13.40 2.10
CA GLN A 13 -0.37 -13.04 1.54
C GLN A 13 -0.42 -13.03 0.01
N ARG A 14 0.38 -12.17 -0.60
CA ARG A 14 0.42 -12.06 -2.05
C ARG A 14 1.84 -11.78 -2.54
N ARG A 15 2.00 -11.69 -3.85
CA ARG A 15 3.31 -11.42 -4.44
C ARG A 15 3.27 -10.20 -5.34
N ILE A 16 3.59 -9.03 -4.76
CA ILE A 16 3.59 -7.78 -5.51
C ILE A 16 4.60 -6.80 -4.93
N ARG A 17 5.26 -6.05 -5.81
CA ARG A 17 6.25 -5.07 -5.39
C ARG A 17 6.41 -3.97 -6.43
N ARG A 18 6.17 -2.73 -6.02
CA ARG A 18 6.29 -1.59 -6.92
C ARG A 18 7.33 -0.60 -6.42
N PRO A 19 8.19 -0.13 -7.33
CA PRO A 19 9.25 0.84 -7.00
C PRO A 19 8.69 2.22 -6.66
N PHE A 20 8.12 2.35 -5.48
CA PHE A 20 7.55 3.62 -5.03
C PHE A 20 8.57 4.43 -4.26
N SER A 21 8.61 5.73 -4.52
CA SER A 21 9.55 6.62 -3.85
C SER A 21 9.08 6.94 -2.43
N VAL A 22 10.01 7.34 -1.58
CA VAL A 22 9.69 7.68 -0.20
C VAL A 22 8.53 8.67 -0.12
N ALA A 23 8.41 9.50 -1.15
CA ALA A 23 7.35 10.50 -1.21
C ALA A 23 5.99 9.84 -1.39
N GLU A 24 5.92 8.89 -2.32
CA GLU A 24 4.68 8.18 -2.59
C GLU A 24 4.28 7.30 -1.42
N VAL A 25 5.20 6.44 -0.99
CA VAL A 25 4.94 5.54 0.13
C VAL A 25 4.48 6.31 1.36
N GLU A 26 5.02 7.51 1.53
CA GLU A 26 4.67 8.36 2.67
C GLU A 26 3.18 8.71 2.64
N ALA A 27 2.72 9.21 1.50
CA ALA A 27 1.32 9.60 1.36
C ALA A 27 0.40 8.37 1.44
N LEU A 28 0.84 7.28 0.82
CA LEU A 28 0.05 6.05 0.82
C LEU A 28 -0.19 5.56 2.25
N VAL A 29 0.88 5.41 3.02
CA VAL A 29 0.78 4.96 4.40
C VAL A 29 0.05 6.00 5.25
N GLU A 30 0.55 7.23 5.23
CA GLU A 30 -0.05 8.30 6.01
C GLU A 30 -1.56 8.38 5.77
N ALA A 31 -1.94 8.34 4.49
CA ALA A 31 -3.36 8.41 4.13
C ALA A 31 -4.11 7.17 4.61
N VAL A 32 -3.45 6.02 4.53
CA VAL A 32 -4.04 4.76 4.95
C VAL A 32 -4.21 4.71 6.47
N GLU A 33 -3.36 5.45 7.18
CA GLU A 33 -3.41 5.48 8.62
C GLU A 33 -4.60 6.31 9.11
N HIS A 34 -4.90 7.38 8.39
CA HIS A 34 -6.01 8.26 8.74
C HIS A 34 -7.32 7.73 8.15
N LEU A 35 -7.29 7.37 6.86
CA LEU A 35 -8.47 6.85 6.19
C LEU A 35 -8.69 5.39 6.52
N GLY A 36 -7.60 4.70 6.89
CA GLY A 36 -7.70 3.30 7.23
C GLY A 36 -7.65 2.40 6.00
N THR A 37 -7.85 1.10 6.22
CA THR A 37 -7.83 0.13 5.12
C THR A 37 -9.22 -0.11 4.58
N GLY A 38 -10.12 0.84 4.79
CA GLY A 38 -11.49 0.71 4.32
C GLY A 38 -11.89 1.83 3.39
N ARG A 39 -11.10 2.89 3.37
CA ARG A 39 -11.38 4.04 2.51
C ARG A 39 -10.25 4.27 1.51
N TRP A 40 -10.23 3.46 0.45
CA TRP A 40 -9.20 3.58 -0.57
C TRP A 40 -9.36 4.87 -1.37
N ARG A 41 -10.58 5.12 -1.85
CA ARG A 41 -10.86 6.31 -2.62
C ARG A 41 -10.41 7.57 -1.87
N ASP A 42 -10.65 7.59 -0.57
CA ASP A 42 -10.27 8.73 0.26
C ASP A 42 -8.75 8.84 0.36
N VAL A 43 -8.08 7.70 0.30
CA VAL A 43 -6.62 7.66 0.38
C VAL A 43 -5.98 8.20 -0.90
N LYS A 44 -6.65 7.98 -2.02
CA LYS A 44 -6.15 8.44 -3.31
C LYS A 44 -6.26 9.96 -3.43
N MET A 45 -7.39 10.49 -2.97
CA MET A 45 -7.63 11.93 -3.02
C MET A 45 -6.77 12.66 -1.99
N ARG A 46 -6.50 11.99 -0.87
CA ARG A 46 -5.70 12.57 0.20
C ARG A 46 -4.21 12.46 -0.12
N ALA A 47 -3.82 11.32 -0.66
CA ALA A 47 -2.42 11.07 -1.01
C ALA A 47 -2.07 11.72 -2.34
N PHE A 48 -2.63 11.20 -3.42
CA PHE A 48 -2.38 11.73 -4.76
C PHE A 48 -3.07 13.08 -4.95
N ASP A 49 -2.30 14.09 -5.31
CA ASP A 49 -2.84 15.42 -5.52
C ASP A 49 -3.66 15.48 -6.81
N ASN A 50 -3.24 14.72 -7.81
CA ASN A 50 -3.93 14.68 -9.09
C ASN A 50 -4.51 13.29 -9.35
N ALA A 51 -5.68 13.03 -8.77
CA ALA A 51 -6.34 11.74 -8.94
C ALA A 51 -7.85 11.91 -9.05
N ASP A 52 -8.32 12.35 -10.21
CA ASP A 52 -9.74 12.55 -10.44
C ASP A 52 -10.35 11.36 -11.16
N HIS A 53 -9.90 11.11 -12.39
CA HIS A 53 -10.40 10.00 -13.18
C HIS A 53 -9.49 8.78 -13.06
N ARG A 54 -8.80 8.69 -11.92
CA ARG A 54 -7.90 7.58 -11.68
C ARG A 54 -8.57 6.49 -10.85
N THR A 55 -8.08 5.26 -10.97
CA THR A 55 -8.64 4.14 -10.23
C THR A 55 -8.26 4.20 -8.75
N TYR A 56 -9.01 3.47 -7.93
CA TYR A 56 -8.74 3.44 -6.49
C TYR A 56 -8.09 2.13 -6.09
N VAL A 57 -8.12 1.15 -6.99
CA VAL A 57 -7.51 -0.15 -6.73
C VAL A 57 -6.00 -0.07 -6.73
N ASP A 58 -5.46 0.80 -7.57
CA ASP A 58 -4.01 0.99 -7.67
C ASP A 58 -3.40 1.22 -6.30
N LEU A 59 -3.96 2.16 -5.55
CA LEU A 59 -3.47 2.48 -4.22
C LEU A 59 -3.56 1.27 -3.30
N LYS A 60 -4.48 0.36 -3.61
CA LYS A 60 -4.68 -0.84 -2.81
C LYS A 60 -3.51 -1.81 -3.01
N ASP A 61 -2.97 -1.84 -4.23
CA ASP A 61 -1.86 -2.71 -4.55
C ASP A 61 -0.57 -2.23 -3.88
N LYS A 62 -0.36 -0.92 -3.87
CA LYS A 62 0.83 -0.33 -3.26
C LYS A 62 0.81 -0.54 -1.75
N TRP A 63 -0.38 -0.52 -1.16
CA TRP A 63 -0.53 -0.71 0.28
C TRP A 63 -0.19 -2.14 0.68
N LYS A 64 -0.82 -3.10 0.01
CA LYS A 64 -0.58 -4.51 0.30
C LYS A 64 0.92 -4.81 0.31
N THR A 65 1.58 -4.49 -0.78
CA THR A 65 3.02 -4.73 -0.91
C THR A 65 3.80 -3.99 0.18
N LEU A 66 3.29 -2.83 0.59
CA LEU A 66 3.93 -2.03 1.62
C LEU A 66 4.02 -2.80 2.93
N VAL A 67 2.87 -3.31 3.39
CA VAL A 67 2.82 -4.07 4.64
C VAL A 67 3.80 -5.23 4.61
N HIS A 68 3.73 -6.04 3.56
CA HIS A 68 4.62 -7.19 3.41
C HIS A 68 6.08 -6.77 3.56
N THR A 69 6.39 -5.56 3.10
CA THR A 69 7.76 -5.05 3.18
C THR A 69 8.13 -4.71 4.62
N ALA A 70 7.13 -4.34 5.41
CA ALA A 70 7.35 -3.99 6.81
C ALA A 70 8.07 -5.11 7.55
N SER A 71 7.56 -6.33 7.41
CA SER A 71 8.15 -7.48 8.06
C SER A 71 7.29 -8.72 7.87
N ILE A 72 7.23 -9.21 6.63
CA ILE A 72 6.44 -10.39 6.31
C ILE A 72 7.28 -11.42 5.56
N ALA A 73 7.54 -11.14 4.28
CA ALA A 73 8.33 -12.05 3.45
C ALA A 73 9.75 -11.52 3.27
N PRO A 74 10.73 -12.42 3.39
CA PRO A 74 12.15 -12.08 3.24
C PRO A 74 12.51 -11.73 1.80
N GLN A 75 11.90 -12.42 0.86
CA GLN A 75 12.16 -12.18 -0.56
C GLN A 75 11.45 -10.92 -1.03
N GLN A 76 10.52 -10.42 -0.22
CA GLN A 76 9.77 -9.23 -0.56
C GLN A 76 10.58 -7.96 -0.28
N ARG A 77 11.48 -8.06 0.71
CA ARG A 77 12.32 -6.93 1.07
C ARG A 77 13.55 -6.85 0.17
N ARG A 78 13.62 -5.80 -0.63
CA ARG A 78 14.75 -5.61 -1.54
C ARG A 78 14.65 -4.26 -2.26
N GLY A 79 15.78 -3.78 -2.74
CA GLY A 79 15.80 -2.50 -3.44
C GLY A 79 16.22 -1.35 -2.55
N GLU A 80 15.83 -0.13 -2.92
CA GLU A 80 16.18 1.06 -2.15
C GLU A 80 15.79 0.87 -0.69
N PRO A 81 16.40 1.69 0.19
CA PRO A 81 16.14 1.65 1.63
C PRO A 81 14.75 2.14 1.98
N VAL A 82 13.96 1.29 2.64
CA VAL A 82 12.61 1.64 3.04
C VAL A 82 12.58 2.23 4.44
N PRO A 83 11.85 3.34 4.62
CA PRO A 83 11.72 4.02 5.90
C PRO A 83 10.92 3.21 6.91
N GLN A 84 11.47 3.03 8.10
CA GLN A 84 10.79 2.27 9.15
C GLN A 84 9.55 3.01 9.65
N ASP A 85 9.52 4.32 9.40
CA ASP A 85 8.39 5.14 9.82
C ASP A 85 7.12 4.75 9.08
N LEU A 86 7.26 4.52 7.78
CA LEU A 86 6.11 4.13 6.94
C LEU A 86 5.73 2.68 7.18
N LEU A 87 6.74 1.82 7.33
CA LEU A 87 6.51 0.40 7.56
C LEU A 87 5.90 0.17 8.94
N ASP A 88 6.35 0.95 9.92
CA ASP A 88 5.85 0.83 11.29
C ASP A 88 4.44 1.40 11.40
N ARG A 89 4.14 2.40 10.57
CA ARG A 89 2.84 3.03 10.57
C ARG A 89 1.79 2.13 9.90
N VAL A 90 2.13 1.64 8.71
CA VAL A 90 1.22 0.76 7.97
C VAL A 90 0.91 -0.50 8.76
N LEU A 91 1.88 -0.97 9.53
CA LEU A 91 1.70 -2.16 10.35
C LEU A 91 0.74 -1.90 11.51
N ALA A 92 0.91 -0.76 12.16
CA ALA A 92 0.05 -0.39 13.28
C ALA A 92 -1.41 -0.27 12.85
N ALA A 93 -1.62 0.34 11.68
CA ALA A 93 -2.97 0.51 11.16
C ALA A 93 -3.52 -0.80 10.60
N HIS A 94 -2.69 -1.48 9.82
CA HIS A 94 -3.08 -2.76 9.21
C HIS A 94 -3.58 -3.73 10.27
N ALA A 95 -2.81 -3.87 11.35
CA ALA A 95 -3.16 -4.76 12.44
C ALA A 95 -4.40 -4.29 13.17
N TYR A 96 -4.43 -3.00 13.48
CA TYR A 96 -5.57 -2.41 14.19
C TYR A 96 -6.87 -2.64 13.42
N TRP A 97 -6.84 -2.32 12.13
CA TRP A 97 -8.01 -2.49 11.28
C TRP A 97 -8.30 -3.97 11.04
N SER A 98 -7.23 -4.75 10.87
CA SER A 98 -7.38 -6.19 10.63
C SER A 98 -8.24 -6.83 11.71
N GLN A 99 -8.15 -6.32 12.92
CA GLN A 99 -8.92 -6.85 14.04
C GLN A 99 -10.41 -6.83 13.74
N GLN A 100 -10.81 -5.93 12.82
CA GLN A 100 -12.21 -5.81 12.44
C GLN A 100 -12.52 -6.67 11.22
N GLN A 101 -11.92 -6.32 10.08
CA GLN A 101 -12.14 -7.06 8.85
C GLN A 101 -11.25 -6.51 7.73
N GLY A 102 -11.31 -7.17 6.57
CA GLY A 102 -10.50 -6.73 5.44
C GLY A 102 -11.17 -7.04 4.11
N LYS A 103 -10.40 -6.92 3.03
CA LYS A 103 -10.91 -7.20 1.70
C LYS A 103 -9.79 -7.61 0.76
N GLN A 104 -10.12 -7.82 -0.51
CA GLN A 104 -9.13 -8.22 -1.52
C GLN A 104 -9.65 -7.95 -2.91
N HIS A 105 -8.73 -7.84 -3.87
CA HIS A 105 -9.10 -7.59 -5.27
C HIS A 105 -7.87 -7.68 -6.17
N VAL A 106 -8.10 -7.74 -7.47
CA VAL A 106 -7.02 -7.83 -8.44
C VAL A 106 -6.51 -6.45 -8.82
N GLU A 107 -5.45 -6.42 -9.64
CA GLU A 107 -4.87 -5.16 -10.08
C GLU A 107 -4.57 -5.19 -11.58
N PRO A 108 -4.48 -4.00 -12.19
CA PRO A 108 -4.20 -3.87 -13.61
C PRO A 108 -2.77 -4.26 -13.97
N LEU A 109 -2.37 -3.99 -15.20
CA LEU A 109 -1.03 -4.32 -15.67
C LEU A 109 -0.22 -3.06 -15.96
N LYS A 110 0.98 -3.23 -16.47
CA LYS A 110 1.85 -2.11 -16.81
C LYS A 110 3.07 -2.57 -17.60
N ILE A 111 3.64 -1.65 -18.37
CA ILE A 111 4.81 -1.97 -19.18
C ILE A 111 5.78 -0.79 -19.22
N LEU A 112 7.08 -1.11 -19.30
CA LEU A 112 8.10 -0.07 -19.34
C LEU A 112 9.37 -0.60 -20.00
N ASP A 113 10.23 0.31 -20.45
CA ASP A 113 11.48 -0.06 -21.09
C ASP A 113 12.43 1.12 -21.16
N ALA A 114 13.72 0.84 -21.34
CA ALA A 114 14.74 1.88 -21.42
C ALA A 114 16.11 1.30 -21.73
N LYS A 115 17.12 2.15 -21.75
CA LYS A 115 18.48 1.72 -22.03
C LYS A 115 19.50 2.66 -21.40
N ALA A 116 20.78 2.43 -21.68
CA ALA A 116 21.85 3.26 -21.14
C ALA A 116 23.01 3.37 -22.12
N GLN A 117 24.08 4.04 -21.70
CA GLN A 117 25.25 4.21 -22.54
C GLN A 117 26.43 4.76 -21.73
N LYS A 118 27.63 4.35 -22.09
CA LYS A 118 28.83 4.78 -21.40
C LYS A 118 29.79 5.49 -22.37
N VAL A 119 30.28 6.65 -21.97
CA VAL A 119 31.21 7.42 -22.80
C VAL A 119 32.50 7.72 -22.04
N GLY A 120 33.60 7.78 -22.77
CA GLY A 120 34.89 8.05 -22.15
C GLY A 120 35.71 9.05 -22.95
N ALA A 121 36.94 9.30 -22.50
CA ALA A 121 37.83 10.24 -23.18
C ALA A 121 38.33 9.66 -24.50
N PRO A 1 -17.34 46.44 -27.49
CA PRO A 1 -17.23 47.80 -26.96
C PRO A 1 -16.59 47.83 -25.58
N VAL A 2 -15.44 48.48 -25.47
CA VAL A 2 -14.72 48.58 -24.21
C VAL A 2 -14.87 47.30 -23.40
N ASN A 3 -14.70 46.16 -24.06
CA ASN A 3 -14.80 44.87 -23.41
C ASN A 3 -13.90 43.84 -24.08
N GLN A 4 -12.97 43.30 -23.31
CA GLN A 4 -12.03 42.30 -23.83
C GLN A 4 -12.57 40.88 -23.61
N LYS A 5 -11.78 39.89 -24.00
CA LYS A 5 -12.18 38.49 -23.86
C LYS A 5 -11.15 37.74 -23.01
N SER A 6 -11.57 36.58 -22.50
CA SER A 6 -10.69 35.76 -21.66
C SER A 6 -10.45 34.40 -22.31
N LYS A 7 -9.24 34.20 -22.82
CA LYS A 7 -8.89 32.94 -23.47
C LYS A 7 -7.55 32.42 -22.93
N ARG A 8 -7.54 32.03 -21.67
CA ARG A 8 -6.34 31.50 -21.04
C ARG A 8 -6.08 30.07 -21.47
N SER A 9 -4.81 29.66 -21.44
CA SER A 9 -4.43 28.31 -21.84
C SER A 9 -4.54 27.35 -20.66
N GLU A 10 -4.90 26.11 -20.95
CA GLU A 10 -5.05 25.09 -19.91
C GLU A 10 -3.98 24.01 -20.07
N LEU A 11 -3.64 23.37 -18.95
CA LEU A 11 -2.64 22.31 -18.95
C LEU A 11 -3.29 20.94 -19.07
N SER A 12 -2.81 20.13 -20.03
CA SER A 12 -3.34 18.80 -20.24
C SER A 12 -2.87 17.84 -19.16
N GLN A 13 -3.75 16.92 -18.77
CA GLN A 13 -3.43 15.94 -17.74
C GLN A 13 -2.57 14.81 -18.30
N ARG A 14 -1.33 14.75 -17.85
CA ARG A 14 -0.40 13.72 -18.30
C ARG A 14 -0.30 12.58 -17.29
N ARG A 15 -0.26 11.36 -17.79
CA ARG A 15 -0.16 10.18 -16.94
C ARG A 15 1.04 10.29 -15.99
N ILE A 16 1.14 9.33 -15.07
CA ILE A 16 2.23 9.33 -14.10
C ILE A 16 3.58 9.46 -14.81
N ARG A 17 4.38 10.42 -14.38
CA ARG A 17 5.70 10.64 -14.97
C ARG A 17 6.73 9.69 -14.36
N ARG A 18 7.09 9.94 -13.10
CA ARG A 18 8.06 9.11 -12.41
C ARG A 18 7.44 8.45 -11.18
N PRO A 19 8.07 7.36 -10.70
CA PRO A 19 7.60 6.62 -9.54
C PRO A 19 7.76 7.41 -8.24
N PHE A 20 6.84 7.21 -7.31
CA PHE A 20 6.88 7.90 -6.03
C PHE A 20 8.11 7.50 -5.24
N SER A 21 8.66 8.45 -4.49
CA SER A 21 9.86 8.21 -3.69
C SER A 21 9.49 7.89 -2.24
N VAL A 22 10.49 7.64 -1.42
CA VAL A 22 10.27 7.32 -0.01
C VAL A 22 9.42 8.39 0.66
N ALA A 23 9.68 9.65 0.33
CA ALA A 23 8.93 10.76 0.89
C ALA A 23 7.49 10.79 0.36
N GLU A 24 7.33 10.38 -0.90
CA GLU A 24 6.01 10.36 -1.51
C GLU A 24 5.17 9.20 -0.98
N VAL A 25 5.83 8.05 -0.76
CA VAL A 25 5.14 6.88 -0.25
C VAL A 25 4.38 7.19 1.02
N GLU A 26 4.92 8.10 1.82
CA GLU A 26 4.28 8.49 3.08
C GLU A 26 2.82 8.85 2.86
N ALA A 27 2.51 9.39 1.68
CA ALA A 27 1.15 9.77 1.34
C ALA A 27 0.22 8.58 1.37
N LEU A 28 0.67 7.46 0.81
CA LEU A 28 -0.13 6.24 0.78
C LEU A 28 -0.36 5.70 2.19
N VAL A 29 0.69 5.69 2.99
CA VAL A 29 0.60 5.21 4.37
C VAL A 29 -0.28 6.12 5.22
N GLU A 30 0.07 7.40 5.26
CA GLU A 30 -0.69 8.38 6.04
C GLU A 30 -2.17 8.36 5.63
N ALA A 31 -2.41 8.09 4.35
CA ALA A 31 -3.78 8.04 3.83
C ALA A 31 -4.53 6.84 4.39
N VAL A 32 -3.88 5.67 4.34
CA VAL A 32 -4.49 4.44 4.83
C VAL A 32 -4.52 4.40 6.35
N GLU A 33 -3.59 5.13 6.97
CA GLU A 33 -3.50 5.18 8.43
C GLU A 33 -4.65 6.01 9.01
N HIS A 34 -4.95 7.13 8.35
CA HIS A 34 -6.02 8.01 8.80
C HIS A 34 -7.37 7.54 8.28
N LEU A 35 -7.42 7.21 7.00
CA LEU A 35 -8.65 6.74 6.37
C LEU A 35 -8.90 5.27 6.69
N GLY A 36 -7.86 4.58 7.14
CA GLY A 36 -7.97 3.18 7.47
C GLY A 36 -7.72 2.28 6.29
N THR A 37 -7.69 0.97 6.53
CA THR A 37 -7.44 0.00 5.48
C THR A 37 -8.76 -0.46 4.84
N GLY A 38 -9.74 0.41 4.84
CA GLY A 38 -11.04 0.08 4.26
C GLY A 38 -11.57 1.17 3.36
N ARG A 39 -10.78 2.24 3.19
CA ARG A 39 -11.19 3.36 2.36
C ARG A 39 -10.18 3.61 1.25
N TRP A 40 -10.20 2.74 0.24
CA TRP A 40 -9.27 2.86 -0.88
C TRP A 40 -9.50 4.17 -1.64
N ARG A 41 -10.76 4.44 -1.98
CA ARG A 41 -11.11 5.65 -2.70
C ARG A 41 -10.56 6.88 -1.99
N ASP A 42 -10.80 6.96 -0.69
CA ASP A 42 -10.33 8.09 0.11
C ASP A 42 -8.81 8.15 0.11
N VAL A 43 -8.17 6.99 0.11
CA VAL A 43 -6.72 6.92 0.12
C VAL A 43 -6.13 7.50 -1.16
N LYS A 44 -6.86 7.35 -2.26
CA LYS A 44 -6.42 7.86 -3.55
C LYS A 44 -6.44 9.39 -3.57
N MET A 45 -7.54 9.97 -3.12
CA MET A 45 -7.68 11.42 -3.07
C MET A 45 -6.83 12.01 -1.95
N ARG A 46 -6.65 11.25 -0.88
CA ARG A 46 -5.86 11.71 0.26
C ARG A 46 -4.37 11.62 -0.05
N ALA A 47 -3.98 10.59 -0.79
CA ALA A 47 -2.58 10.40 -1.16
C ALA A 47 -2.25 11.12 -2.46
N PHE A 48 -2.82 10.63 -3.55
CA PHE A 48 -2.59 11.24 -4.87
C PHE A 48 -3.26 12.60 -4.97
N ASP A 49 -2.48 13.62 -5.29
CA ASP A 49 -3.01 14.98 -5.43
C ASP A 49 -3.83 15.11 -6.70
N ASN A 50 -3.42 14.40 -7.75
CA ASN A 50 -4.12 14.45 -9.02
C ASN A 50 -5.12 13.29 -9.14
N ALA A 51 -5.80 13.00 -8.04
CA ALA A 51 -6.78 11.92 -8.02
C ALA A 51 -7.95 12.22 -8.95
N ASP A 52 -9.02 11.44 -8.84
CA ASP A 52 -10.20 11.62 -9.68
C ASP A 52 -9.87 11.36 -11.13
N HIS A 53 -9.00 10.38 -11.38
CA HIS A 53 -8.60 10.04 -12.75
C HIS A 53 -7.89 8.68 -12.77
N ARG A 54 -7.06 8.43 -11.76
CA ARG A 54 -6.32 7.18 -11.67
C ARG A 54 -7.17 6.09 -11.01
N THR A 55 -6.83 4.84 -11.28
CA THR A 55 -7.57 3.71 -10.72
C THR A 55 -7.24 3.54 -9.24
N TYR A 56 -8.14 2.87 -8.52
CA TYR A 56 -7.96 2.64 -7.09
C TYR A 56 -7.12 1.39 -6.85
N VAL A 57 -7.12 0.49 -7.82
CA VAL A 57 -6.36 -0.76 -7.71
C VAL A 57 -4.87 -0.48 -7.56
N ASP A 58 -4.42 0.60 -8.18
CA ASP A 58 -3.01 0.98 -8.11
C ASP A 58 -2.60 1.27 -6.67
N LEU A 59 -3.37 2.10 -5.99
CA LEU A 59 -3.09 2.46 -4.60
C LEU A 59 -3.13 1.22 -3.71
N LYS A 60 -3.88 0.21 -4.14
CA LYS A 60 -3.99 -1.03 -3.37
C LYS A 60 -2.73 -1.86 -3.49
N ASP A 61 -2.09 -1.80 -4.65
CA ASP A 61 -0.86 -2.55 -4.89
C ASP A 61 0.30 -1.95 -4.11
N LYS A 62 0.32 -0.63 -4.00
CA LYS A 62 1.37 0.07 -3.27
C LYS A 62 1.25 -0.17 -1.77
N TRP A 63 0.02 -0.15 -1.26
CA TRP A 63 -0.22 -0.37 0.16
C TRP A 63 0.04 -1.82 0.54
N LYS A 64 -0.56 -2.74 -0.22
CA LYS A 64 -0.39 -4.16 0.04
C LYS A 64 1.08 -4.53 0.17
N THR A 65 1.87 -4.18 -0.84
CA THR A 65 3.30 -4.46 -0.83
C THR A 65 4.00 -3.76 0.32
N LEU A 66 3.47 -2.59 0.70
CA LEU A 66 4.04 -1.81 1.79
C LEU A 66 4.04 -2.61 3.09
N VAL A 67 2.87 -3.12 3.47
CA VAL A 67 2.73 -3.90 4.69
C VAL A 67 3.64 -5.13 4.66
N HIS A 68 3.50 -5.93 3.61
CA HIS A 68 4.31 -7.14 3.47
C HIS A 68 5.80 -6.81 3.59
N THR A 69 6.17 -5.60 3.20
CA THR A 69 7.55 -5.16 3.27
C THR A 69 7.97 -4.86 4.70
N ALA A 70 7.01 -4.44 5.51
CA ALA A 70 7.28 -4.13 6.91
C ALA A 70 7.96 -5.30 7.62
N SER A 71 7.38 -6.49 7.47
CA SER A 71 7.92 -7.69 8.09
C SER A 71 6.99 -8.88 7.90
N ILE A 72 6.87 -9.33 6.66
CA ILE A 72 6.00 -10.47 6.34
C ILE A 72 6.75 -11.51 5.51
N ALA A 73 6.93 -11.21 4.23
CA ALA A 73 7.62 -12.12 3.33
C ALA A 73 9.04 -11.64 3.04
N PRO A 74 9.97 -12.58 2.91
CA PRO A 74 11.38 -12.27 2.63
C PRO A 74 11.59 -11.73 1.21
N GLN A 75 11.01 -12.41 0.24
CA GLN A 75 11.14 -12.00 -1.15
C GLN A 75 10.28 -10.77 -1.44
N GLN A 76 9.38 -10.46 -0.50
CA GLN A 76 8.50 -9.31 -0.66
C GLN A 76 9.21 -8.02 -0.26
N ARG A 77 10.46 -8.14 0.15
CA ARG A 77 11.26 -6.99 0.56
C ARG A 77 11.81 -6.26 -0.66
N ARG A 78 11.35 -5.02 -0.85
CA ARG A 78 11.78 -4.21 -1.98
C ARG A 78 13.29 -3.97 -1.92
N GLY A 79 13.95 -4.14 -3.06
CA GLY A 79 15.40 -3.94 -3.11
C GLY A 79 15.81 -2.58 -2.54
N GLU A 80 15.27 -1.52 -3.12
CA GLU A 80 15.61 -0.17 -2.66
C GLU A 80 15.37 -0.03 -1.16
N PRO A 81 15.99 1.00 -0.56
CA PRO A 81 15.87 1.27 0.87
C PRO A 81 14.47 1.74 1.25
N VAL A 82 13.83 1.02 2.16
CA VAL A 82 12.48 1.37 2.61
C VAL A 82 12.52 1.97 4.01
N PRO A 83 11.79 3.08 4.21
CA PRO A 83 11.71 3.76 5.49
C PRO A 83 10.96 2.96 6.54
N GLN A 84 11.57 2.78 7.71
CA GLN A 84 10.93 2.03 8.79
C GLN A 84 9.73 2.78 9.34
N ASP A 85 9.74 4.10 9.19
CA ASP A 85 8.65 4.94 9.68
C ASP A 85 7.35 4.60 8.97
N LEU A 86 7.43 4.38 7.65
CA LEU A 86 6.26 4.05 6.85
C LEU A 86 5.82 2.61 7.10
N LEU A 87 6.80 1.73 7.32
CA LEU A 87 6.52 0.32 7.56
C LEU A 87 5.90 0.12 8.94
N ASP A 88 6.41 0.85 9.93
CA ASP A 88 5.91 0.76 11.29
C ASP A 88 4.54 1.41 11.41
N ARG A 89 4.31 2.43 10.59
CA ARG A 89 3.04 3.15 10.61
C ARG A 89 1.93 2.33 9.95
N VAL A 90 2.22 1.79 8.77
CA VAL A 90 1.26 0.98 8.04
C VAL A 90 0.84 -0.24 8.86
N LEU A 91 1.77 -0.77 9.64
CA LEU A 91 1.50 -1.93 10.46
C LEU A 91 0.59 -1.58 11.64
N ALA A 92 0.86 -0.42 12.25
CA ALA A 92 0.06 0.04 13.38
C ALA A 92 -1.43 0.09 13.02
N ALA A 93 -1.72 0.68 11.88
CA ALA A 93 -3.11 0.79 11.42
C ALA A 93 -3.63 -0.54 10.89
N HIS A 94 -2.81 -1.20 10.07
CA HIS A 94 -3.18 -2.49 9.48
C HIS A 94 -3.57 -3.47 10.57
N ALA A 95 -2.82 -3.47 11.66
CA ALA A 95 -3.08 -4.38 12.79
C ALA A 95 -4.27 -3.88 13.60
N TYR A 96 -4.28 -2.60 13.93
CA TYR A 96 -5.36 -2.01 14.71
C TYR A 96 -6.71 -2.28 14.05
N TRP A 97 -6.79 -1.98 12.76
CA TRP A 97 -8.03 -2.18 12.01
C TRP A 97 -8.32 -3.66 11.82
N SER A 98 -7.28 -4.45 11.62
CA SER A 98 -7.41 -5.89 11.44
C SER A 98 -8.20 -6.51 12.58
N GLN A 99 -8.01 -5.99 13.78
CA GLN A 99 -8.70 -6.49 14.96
C GLN A 99 -10.21 -6.44 14.77
N GLN A 100 -10.67 -5.54 13.90
CA GLN A 100 -12.09 -5.40 13.63
C GLN A 100 -12.38 -5.61 12.14
N GLN A 101 -11.89 -6.71 11.60
CA GLN A 101 -12.10 -7.03 10.19
C GLN A 101 -12.04 -8.53 9.95
N GLY A 102 -12.47 -8.95 8.77
CA GLY A 102 -12.46 -10.38 8.45
C GLY A 102 -11.21 -10.79 7.70
N LYS A 103 -11.10 -12.09 7.42
CA LYS A 103 -9.93 -12.61 6.70
C LYS A 103 -10.31 -13.85 5.89
N GLN A 104 -9.38 -14.32 5.07
CA GLN A 104 -9.61 -15.50 4.25
C GLN A 104 -9.05 -16.75 4.92
N HIS A 105 -7.74 -16.87 4.94
CA HIS A 105 -7.08 -18.02 5.55
C HIS A 105 -5.80 -17.60 6.27
N VAL A 106 -5.59 -18.13 7.47
CA VAL A 106 -4.40 -17.81 8.25
C VAL A 106 -3.70 -19.08 8.73
N GLU A 107 -2.60 -18.91 9.45
CA GLU A 107 -1.84 -20.04 9.96
C GLU A 107 -2.55 -20.68 11.15
N PRO A 108 -2.19 -21.94 11.45
CA PRO A 108 -2.78 -22.69 12.56
C PRO A 108 -2.36 -22.14 13.92
N LEU A 109 -3.19 -22.39 14.92
CA LEU A 109 -2.92 -21.92 16.28
C LEU A 109 -2.63 -23.09 17.22
N LYS A 110 -1.76 -22.86 18.19
CA LYS A 110 -1.40 -23.90 19.16
C LYS A 110 -2.18 -23.72 20.46
N ILE A 111 -3.01 -24.70 20.78
CA ILE A 111 -3.81 -24.66 22.01
C ILE A 111 -3.37 -25.74 22.99
N LEU A 112 -3.47 -25.43 24.28
CA LEU A 112 -3.09 -26.37 25.32
C LEU A 112 -4.27 -27.22 25.75
N ASP A 113 -4.08 -28.54 25.73
CA ASP A 113 -5.15 -29.46 26.13
C ASP A 113 -4.87 -30.06 27.50
N ALA A 114 -5.78 -29.84 28.44
CA ALA A 114 -5.62 -30.36 29.79
C ALA A 114 -6.33 -31.70 29.95
N LYS A 115 -5.92 -32.46 30.95
CA LYS A 115 -6.53 -33.77 31.21
C LYS A 115 -6.99 -33.87 32.67
N ALA A 116 -8.30 -33.82 32.87
CA ALA A 116 -8.87 -33.91 34.20
C ALA A 116 -8.87 -35.35 34.70
N GLN A 117 -8.40 -35.55 35.93
CA GLN A 117 -8.34 -36.88 36.52
C GLN A 117 -9.73 -37.40 36.85
N LYS A 118 -9.93 -38.70 36.70
CA LYS A 118 -11.22 -39.32 36.98
C LYS A 118 -11.15 -40.18 38.23
N VAL A 119 -12.29 -40.74 38.64
CA VAL A 119 -12.36 -41.59 39.81
C VAL A 119 -12.93 -42.96 39.47
N GLY A 120 -12.26 -44.01 39.94
CA GLY A 120 -12.71 -45.36 39.68
C GLY A 120 -13.25 -46.05 40.93
N ALA A 121 -14.44 -45.63 41.37
CA ALA A 121 -15.05 -46.21 42.55
C ALA A 121 -14.12 -46.14 43.75
N PRO A 1 -11.10 -0.03 30.85
CA PRO A 1 -11.48 -0.34 29.47
C PRO A 1 -12.40 -1.55 29.37
N VAL A 2 -13.41 -1.44 28.52
CA VAL A 2 -14.37 -2.53 28.32
C VAL A 2 -14.57 -2.82 26.83
N ASN A 3 -13.96 -3.89 26.36
CA ASN A 3 -14.07 -4.28 24.96
C ASN A 3 -14.10 -5.81 24.82
N GLN A 4 -14.52 -6.28 23.66
CA GLN A 4 -14.60 -7.72 23.40
C GLN A 4 -13.36 -8.20 22.66
N LYS A 5 -13.27 -9.52 22.47
CA LYS A 5 -12.13 -10.11 21.79
C LYS A 5 -12.59 -11.16 20.78
N SER A 6 -12.65 -10.77 19.50
CA SER A 6 -13.07 -11.67 18.45
C SER A 6 -12.05 -11.71 17.33
N LYS A 7 -11.95 -12.87 16.67
CA LYS A 7 -10.99 -13.05 15.57
C LYS A 7 -11.63 -13.85 14.44
N ARG A 8 -11.20 -13.56 13.22
CA ARG A 8 -11.72 -14.27 12.04
C ARG A 8 -10.61 -14.54 11.04
N SER A 9 -10.96 -15.18 9.93
CA SER A 9 -10.00 -15.52 8.89
C SER A 9 -10.33 -14.80 7.58
N GLU A 10 -9.32 -14.53 6.78
CA GLU A 10 -9.50 -13.85 5.50
C GLU A 10 -8.41 -14.24 4.51
N LEU A 11 -8.49 -13.69 3.30
CA LEU A 11 -7.51 -13.98 2.26
C LEU A 11 -7.13 -12.71 1.50
N SER A 12 -6.20 -12.84 0.57
CA SER A 12 -5.76 -11.71 -0.23
C SER A 12 -5.20 -12.17 -1.57
N GLN A 13 -4.58 -11.25 -2.31
CA GLN A 13 -4.02 -11.56 -3.61
C GLN A 13 -3.03 -10.49 -4.04
N ARG A 14 -2.49 -10.63 -5.26
CA ARG A 14 -1.55 -9.67 -5.80
C ARG A 14 -1.10 -10.07 -7.20
N ARG A 15 -0.56 -9.11 -7.94
CA ARG A 15 -0.10 -9.35 -9.30
C ARG A 15 1.14 -8.51 -9.62
N ILE A 16 0.92 -7.22 -9.85
CA ILE A 16 2.01 -6.32 -10.17
C ILE A 16 1.88 -5.01 -9.39
N ARG A 17 3.02 -4.39 -9.10
CA ARG A 17 3.03 -3.13 -8.36
C ARG A 17 3.38 -1.96 -9.27
N ARG A 18 3.43 -0.76 -8.70
CA ARG A 18 3.74 0.44 -9.47
C ARG A 18 4.99 1.12 -8.91
N PRO A 19 5.64 1.95 -9.74
CA PRO A 19 6.85 2.69 -9.34
C PRO A 19 6.55 3.79 -8.33
N PHE A 20 6.45 3.40 -7.06
CA PHE A 20 6.18 4.35 -5.99
C PHE A 20 7.47 4.87 -5.37
N SER A 21 7.48 6.15 -5.02
CA SER A 21 8.66 6.77 -4.42
C SER A 21 8.42 7.08 -2.95
N VAL A 22 9.48 7.47 -2.25
CA VAL A 22 9.39 7.80 -0.83
C VAL A 22 8.27 8.81 -0.58
N ALA A 23 8.12 9.76 -1.50
CA ALA A 23 7.09 10.78 -1.38
C ALA A 23 5.71 10.19 -1.56
N GLU A 24 5.54 9.40 -2.62
CA GLU A 24 4.25 8.77 -2.90
C GLU A 24 3.86 7.81 -1.78
N VAL A 25 4.74 6.87 -1.48
CA VAL A 25 4.48 5.88 -0.44
C VAL A 25 4.12 6.56 0.87
N GLU A 26 4.72 7.72 1.12
CA GLU A 26 4.47 8.47 2.35
C GLU A 26 3.01 8.91 2.42
N ALA A 27 2.53 9.56 1.36
CA ALA A 27 1.16 10.03 1.30
C ALA A 27 0.18 8.86 1.33
N LEU A 28 0.59 7.73 0.77
CA LEU A 28 -0.25 6.55 0.73
C LEU A 28 -0.48 6.00 2.13
N VAL A 29 0.60 5.74 2.86
CA VAL A 29 0.52 5.21 4.21
C VAL A 29 -0.23 6.18 5.13
N GLU A 30 0.24 7.43 5.16
CA GLU A 30 -0.39 8.44 6.00
C GLU A 30 -1.89 8.51 5.74
N ALA A 31 -2.28 8.33 4.48
CA ALA A 31 -3.69 8.38 4.10
C ALA A 31 -4.42 7.13 4.58
N VAL A 32 -3.77 5.98 4.47
CA VAL A 32 -4.36 4.71 4.88
C VAL A 32 -4.39 4.60 6.40
N GLU A 33 -3.47 5.30 7.07
CA GLU A 33 -3.40 5.28 8.52
C GLU A 33 -4.53 6.10 9.14
N HIS A 34 -4.84 7.23 8.52
CA HIS A 34 -5.91 8.10 9.00
C HIS A 34 -7.26 7.66 8.45
N LEU A 35 -7.31 7.41 7.15
CA LEU A 35 -8.54 6.99 6.50
C LEU A 35 -8.80 5.50 6.73
N GLY A 36 -7.72 4.75 7.01
CA GLY A 36 -7.85 3.33 7.26
C GLY A 36 -7.86 2.53 5.97
N THR A 37 -8.08 1.22 6.09
CA THR A 37 -8.10 0.33 4.93
C THR A 37 -9.52 0.13 4.43
N GLY A 38 -10.38 1.12 4.66
CA GLY A 38 -11.75 1.03 4.22
C GLY A 38 -12.15 2.15 3.28
N ARG A 39 -11.44 3.28 3.38
CA ARG A 39 -11.72 4.43 2.53
C ARG A 39 -10.65 4.58 1.45
N TRP A 40 -10.67 3.68 0.47
CA TRP A 40 -9.71 3.71 -0.61
C TRP A 40 -9.79 5.03 -1.38
N ARG A 41 -11.01 5.40 -1.77
CA ARG A 41 -11.22 6.65 -2.51
C ARG A 41 -10.59 7.82 -1.79
N ASP A 42 -10.80 7.90 -0.48
CA ASP A 42 -10.25 8.99 0.33
C ASP A 42 -8.72 8.94 0.32
N VAL A 43 -8.17 7.73 0.28
CA VAL A 43 -6.72 7.57 0.27
C VAL A 43 -6.11 8.13 -1.00
N LYS A 44 -6.87 8.06 -2.10
CA LYS A 44 -6.40 8.57 -3.38
C LYS A 44 -6.31 10.08 -3.36
N MET A 45 -7.38 10.74 -2.91
CA MET A 45 -7.41 12.19 -2.84
C MET A 45 -6.53 12.71 -1.71
N ARG A 46 -6.42 11.92 -0.65
CA ARG A 46 -5.61 12.29 0.50
C ARG A 46 -4.12 12.13 0.20
N ALA A 47 -3.78 11.05 -0.50
CA ALA A 47 -2.40 10.79 -0.86
C ALA A 47 -2.01 11.51 -2.14
N PHE A 48 -2.59 11.08 -3.26
CA PHE A 48 -2.31 11.68 -4.55
C PHE A 48 -2.93 13.07 -4.66
N ASP A 49 -2.12 14.07 -4.95
CA ASP A 49 -2.58 15.44 -5.08
C ASP A 49 -3.40 15.62 -6.35
N ASN A 50 -3.03 14.90 -7.40
CA ASN A 50 -3.73 14.98 -8.68
C ASN A 50 -4.29 13.62 -9.08
N ALA A 51 -5.41 13.26 -8.48
CA ALA A 51 -6.06 11.98 -8.78
C ALA A 51 -7.57 12.13 -8.84
N ASP A 52 -8.09 12.43 -10.02
CA ASP A 52 -9.52 12.60 -10.22
C ASP A 52 -10.13 11.38 -10.91
N HIS A 53 -9.62 11.06 -12.09
CA HIS A 53 -10.10 9.92 -12.86
C HIS A 53 -9.23 8.68 -12.61
N ARG A 54 -8.59 8.65 -11.45
CA ARG A 54 -7.73 7.52 -11.09
C ARG A 54 -8.51 6.46 -10.33
N THR A 55 -8.04 5.22 -10.40
CA THR A 55 -8.69 4.11 -9.72
C THR A 55 -8.09 3.86 -8.35
N TYR A 56 -8.80 3.11 -7.53
CA TYR A 56 -8.33 2.80 -6.17
C TYR A 56 -7.49 1.53 -6.16
N VAL A 57 -7.27 0.96 -7.35
CA VAL A 57 -6.48 -0.25 -7.48
C VAL A 57 -5.00 0.02 -7.24
N ASP A 58 -4.56 1.21 -7.64
CA ASP A 58 -3.16 1.60 -7.46
C ASP A 58 -2.85 1.87 -6.00
N LEU A 59 -3.68 2.69 -5.35
CA LEU A 59 -3.48 3.04 -3.95
C LEU A 59 -3.61 1.80 -3.07
N LYS A 60 -4.56 0.93 -3.40
CA LYS A 60 -4.79 -0.29 -2.65
C LYS A 60 -3.68 -1.30 -2.90
N ASP A 61 -3.13 -1.28 -4.10
CA ASP A 61 -2.05 -2.19 -4.47
C ASP A 61 -0.75 -1.81 -3.77
N LYS A 62 -0.54 -0.50 -3.60
CA LYS A 62 0.66 0.01 -2.94
C LYS A 62 0.65 -0.32 -1.46
N TRP A 63 -0.52 -0.23 -0.85
CA TRP A 63 -0.68 -0.51 0.58
C TRP A 63 -0.36 -1.98 0.87
N LYS A 64 -1.00 -2.88 0.13
CA LYS A 64 -0.79 -4.31 0.31
C LYS A 64 0.69 -4.65 0.26
N THR A 65 1.36 -4.26 -0.81
CA THR A 65 2.78 -4.53 -0.99
C THR A 65 3.59 -3.84 0.11
N LEU A 66 3.10 -2.72 0.60
CA LEU A 66 3.78 -1.97 1.65
C LEU A 66 3.94 -2.81 2.90
N VAL A 67 2.83 -3.35 3.39
CA VAL A 67 2.83 -4.19 4.58
C VAL A 67 3.79 -5.37 4.42
N HIS A 68 3.62 -6.11 3.33
CA HIS A 68 4.46 -7.26 3.05
C HIS A 68 5.94 -6.88 3.10
N THR A 69 6.23 -5.62 2.79
CA THR A 69 7.59 -5.13 2.79
C THR A 69 8.07 -4.83 4.21
N ALA A 70 7.14 -4.45 5.07
CA ALA A 70 7.46 -4.14 6.46
C ALA A 70 8.19 -5.30 7.12
N SER A 71 7.63 -6.50 6.99
CA SER A 71 8.23 -7.69 7.59
C SER A 71 7.31 -8.90 7.42
N ILE A 72 7.20 -9.38 6.19
CA ILE A 72 6.36 -10.53 5.89
C ILE A 72 7.15 -11.62 5.19
N ALA A 73 7.60 -11.33 3.98
CA ALA A 73 8.38 -12.28 3.19
C ALA A 73 9.87 -11.96 3.23
N PRO A 74 10.70 -12.98 3.02
CA PRO A 74 12.16 -12.82 3.03
C PRO A 74 12.67 -12.02 1.84
N GLN A 75 12.15 -12.34 0.66
CA GLN A 75 12.54 -11.65 -0.56
C GLN A 75 12.19 -10.17 -0.50
N GLN A 76 11.31 -9.83 0.44
CA GLN A 76 10.87 -8.45 0.60
C GLN A 76 11.88 -7.65 1.40
N ARG A 77 12.58 -8.32 2.31
CA ARG A 77 13.59 -7.67 3.15
C ARG A 77 14.92 -7.59 2.42
N ARG A 78 15.71 -6.57 2.76
CA ARG A 78 17.01 -6.37 2.13
C ARG A 78 16.86 -6.08 0.65
N GLY A 79 16.88 -4.81 0.28
CA GLY A 79 16.74 -4.42 -1.11
C GLY A 79 16.66 -2.92 -1.29
N GLU A 80 15.75 -2.49 -2.16
CA GLU A 80 15.57 -1.07 -2.43
C GLU A 80 15.39 -0.29 -1.14
N PRO A 81 15.62 1.04 -1.20
CA PRO A 81 15.48 1.92 -0.04
C PRO A 81 14.03 2.10 0.39
N VAL A 82 13.74 1.73 1.63
CA VAL A 82 12.38 1.85 2.16
C VAL A 82 12.39 2.45 3.56
N PRO A 83 11.55 3.47 3.78
CA PRO A 83 11.44 4.15 5.07
C PRO A 83 10.80 3.27 6.13
N GLN A 84 11.47 3.16 7.28
CA GLN A 84 10.97 2.34 8.38
C GLN A 84 9.74 2.99 9.02
N ASP A 85 9.60 4.29 8.83
CA ASP A 85 8.46 5.03 9.38
C ASP A 85 7.16 4.61 8.70
N LEU A 86 7.23 4.38 7.39
CA LEU A 86 6.06 3.97 6.63
C LEU A 86 5.71 2.51 6.89
N LEU A 87 6.73 1.67 6.95
CA LEU A 87 6.53 0.24 7.19
C LEU A 87 5.98 0.01 8.59
N ASP A 88 6.49 0.75 9.57
CA ASP A 88 6.05 0.62 10.95
C ASP A 88 4.65 1.22 11.13
N ARG A 89 4.36 2.26 10.35
CA ARG A 89 3.06 2.93 10.43
C ARG A 89 1.98 2.08 9.76
N VAL A 90 2.27 1.62 8.55
CA VAL A 90 1.33 0.80 7.80
C VAL A 90 0.95 -0.45 8.57
N LEU A 91 1.91 -0.98 9.33
CA LEU A 91 1.68 -2.19 10.13
C LEU A 91 0.77 -1.89 11.31
N ALA A 92 1.00 -0.77 11.96
CA ALA A 92 0.20 -0.37 13.12
C ALA A 92 -1.29 -0.34 12.76
N ALA A 93 -1.61 0.36 11.67
CA ALA A 93 -3.00 0.47 11.23
C ALA A 93 -3.49 -0.85 10.64
N HIS A 94 -2.63 -1.51 9.86
CA HIS A 94 -2.98 -2.78 9.25
C HIS A 94 -3.49 -3.77 10.29
N ALA A 95 -2.78 -3.85 11.42
CA ALA A 95 -3.15 -4.76 12.49
C ALA A 95 -4.47 -4.33 13.14
N TYR A 96 -4.58 -3.05 13.45
CA TYR A 96 -5.78 -2.52 14.07
C TYR A 96 -7.02 -2.84 13.23
N TRP A 97 -6.95 -2.56 11.94
CA TRP A 97 -8.06 -2.82 11.03
C TRP A 97 -8.22 -4.32 10.80
N SER A 98 -7.10 -5.03 10.73
CA SER A 98 -7.12 -6.47 10.50
C SER A 98 -8.02 -7.17 11.53
N GLN A 99 -8.08 -6.61 12.72
CA GLN A 99 -8.90 -7.17 13.79
C GLN A 99 -10.35 -7.29 13.36
N GLN A 100 -10.73 -6.49 12.36
CA GLN A 100 -12.10 -6.50 11.85
C GLN A 100 -13.10 -6.67 12.99
N GLN A 101 -12.96 -5.85 14.02
CA GLN A 101 -13.86 -5.91 15.16
C GLN A 101 -15.31 -5.85 14.73
N GLY A 102 -15.56 -5.20 13.60
CA GLY A 102 -16.91 -5.07 13.09
C GLY A 102 -16.96 -4.39 11.74
N LYS A 103 -16.54 -5.10 10.70
CA LYS A 103 -16.54 -4.55 9.35
C LYS A 103 -16.20 -5.63 8.32
N GLN A 104 -16.52 -5.35 7.06
CA GLN A 104 -16.24 -6.29 5.98
C GLN A 104 -16.60 -5.70 4.63
N HIS A 105 -15.89 -6.14 3.59
CA HIS A 105 -16.14 -5.65 2.23
C HIS A 105 -15.61 -6.63 1.20
N VAL A 106 -15.79 -6.29 -0.07
CA VAL A 106 -15.33 -7.14 -1.17
C VAL A 106 -14.26 -6.44 -2.00
N GLU A 107 -13.46 -7.23 -2.71
CA GLU A 107 -12.39 -6.68 -3.55
C GLU A 107 -12.73 -6.85 -5.03
N PRO A 108 -12.12 -6.01 -5.87
CA PRO A 108 -12.34 -6.03 -7.32
C PRO A 108 -11.73 -7.28 -7.97
N LEU A 109 -11.71 -7.30 -9.29
CA LEU A 109 -11.17 -8.43 -10.03
C LEU A 109 -9.84 -8.06 -10.69
N LYS A 110 -9.34 -8.94 -11.56
CA LYS A 110 -8.08 -8.71 -12.26
C LYS A 110 -8.20 -7.52 -13.20
N ILE A 111 -7.08 -6.85 -13.44
CA ILE A 111 -7.05 -5.70 -14.34
C ILE A 111 -5.64 -5.18 -14.51
N LEU A 112 -5.34 -4.67 -15.71
CA LEU A 112 -4.02 -4.13 -16.01
C LEU A 112 -4.02 -3.42 -17.36
N ASP A 113 -3.19 -2.40 -17.48
CA ASP A 113 -3.08 -1.63 -18.73
C ASP A 113 -1.99 -0.58 -18.62
N ALA A 114 -1.32 -0.32 -19.73
CA ALA A 114 -0.25 0.68 -19.78
C ALA A 114 0.31 0.82 -21.19
N LYS A 115 0.90 1.98 -21.46
CA LYS A 115 1.48 2.24 -22.77
C LYS A 115 2.19 3.59 -22.79
N ALA A 116 3.27 3.68 -23.56
CA ALA A 116 4.04 4.90 -23.67
C ALA A 116 5.17 4.76 -24.69
N GLN A 117 5.71 5.89 -25.14
CA GLN A 117 6.79 5.90 -26.11
C GLN A 117 7.32 7.31 -26.33
N LYS A 118 8.58 7.40 -26.78
CA LYS A 118 9.21 8.69 -27.03
C LYS A 118 10.58 8.51 -27.65
N VAL A 119 10.98 9.46 -28.50
CA VAL A 119 12.27 9.41 -29.16
C VAL A 119 13.09 10.65 -28.87
N GLY A 120 14.28 10.73 -29.47
CA GLY A 120 15.15 11.88 -29.25
C GLY A 120 16.31 11.92 -30.22
N ALA A 121 17.08 13.00 -30.19
CA ALA A 121 18.23 13.15 -31.07
C ALA A 121 19.52 13.30 -30.27
N PRO A 1 -28.03 -18.50 20.77
CA PRO A 1 -26.57 -18.49 20.76
C PRO A 1 -26.00 -17.37 19.88
N VAL A 2 -24.68 -17.35 19.73
CA VAL A 2 -24.01 -16.35 18.93
C VAL A 2 -22.52 -16.61 18.82
N ASN A 3 -22.01 -16.68 17.59
CA ASN A 3 -20.60 -16.95 17.36
C ASN A 3 -20.11 -16.21 16.11
N GLN A 4 -18.86 -16.43 15.75
CA GLN A 4 -18.27 -15.78 14.59
C GLN A 4 -16.90 -16.38 14.27
N LYS A 5 -16.31 -15.93 13.16
CA LYS A 5 -14.99 -16.41 12.75
C LYS A 5 -14.38 -15.48 11.71
N SER A 6 -13.05 -15.36 11.73
CA SER A 6 -12.35 -14.52 10.78
C SER A 6 -11.24 -15.30 10.06
N LYS A 7 -10.98 -14.91 8.82
CA LYS A 7 -9.95 -15.57 8.03
C LYS A 7 -9.16 -14.55 7.22
N ARG A 8 -7.94 -14.94 6.81
CA ARG A 8 -7.09 -14.05 6.04
C ARG A 8 -6.46 -14.81 4.86
N SER A 9 -6.64 -14.28 3.65
CA SER A 9 -6.10 -14.92 2.47
C SER A 9 -5.09 -13.99 1.78
N GLU A 10 -4.14 -14.59 1.08
CA GLU A 10 -3.10 -13.84 0.38
C GLU A 10 -2.60 -14.59 -0.84
N LEU A 11 -2.42 -13.87 -1.94
CA LEU A 11 -1.93 -14.47 -3.18
C LEU A 11 -1.23 -13.45 -4.05
N SER A 12 -0.51 -13.92 -5.06
CA SER A 12 0.22 -13.04 -5.97
C SER A 12 1.10 -12.07 -5.20
N GLN A 13 1.96 -12.62 -4.35
CA GLN A 13 2.87 -11.81 -3.54
C GLN A 13 3.72 -10.91 -4.42
N ARG A 14 4.07 -11.41 -5.61
CA ARG A 14 4.88 -10.64 -6.55
C ARG A 14 4.18 -9.34 -6.94
N ARG A 15 4.99 -8.31 -7.20
CA ARG A 15 4.45 -7.01 -7.59
C ARG A 15 5.21 -6.44 -8.78
N ILE A 16 4.72 -5.32 -9.30
CA ILE A 16 5.36 -4.67 -10.45
C ILE A 16 5.29 -3.15 -10.33
N ARG A 17 5.13 -2.67 -9.10
CA ARG A 17 5.05 -1.24 -8.85
C ARG A 17 6.35 -0.54 -9.24
N ARG A 18 6.36 0.79 -9.11
CA ARG A 18 7.54 1.57 -9.46
C ARG A 18 8.24 2.06 -8.20
N PRO A 19 9.54 2.37 -8.32
CA PRO A 19 10.36 2.85 -7.21
C PRO A 19 9.97 4.26 -6.77
N PHE A 20 9.11 4.35 -5.76
CA PHE A 20 8.66 5.63 -5.24
C PHE A 20 9.55 6.11 -4.10
N SER A 21 9.76 7.42 -4.03
CA SER A 21 10.60 8.00 -3.00
C SER A 21 9.90 7.95 -1.64
N VAL A 22 10.69 8.05 -0.57
CA VAL A 22 10.15 8.03 0.79
C VAL A 22 9.07 9.09 0.97
N ALA A 23 9.27 10.24 0.34
CA ALA A 23 8.31 11.33 0.44
C ALA A 23 7.01 10.99 -0.29
N GLU A 24 7.13 10.28 -1.41
CA GLU A 24 5.97 9.89 -2.20
C GLU A 24 5.23 8.73 -1.53
N VAL A 25 5.99 7.78 -1.00
CA VAL A 25 5.39 6.62 -0.34
C VAL A 25 4.67 7.03 0.94
N GLU A 26 5.24 8.01 1.65
CA GLU A 26 4.65 8.49 2.89
C GLU A 26 3.18 8.85 2.69
N ALA A 27 2.84 9.28 1.48
CA ALA A 27 1.46 9.65 1.16
C ALA A 27 0.54 8.45 1.24
N LEU A 28 0.97 7.34 0.66
CA LEU A 28 0.18 6.11 0.65
C LEU A 28 -0.11 5.65 2.08
N VAL A 29 0.95 5.47 2.86
CA VAL A 29 0.81 5.04 4.25
C VAL A 29 -0.02 6.03 5.05
N GLU A 30 0.35 7.30 4.97
CA GLU A 30 -0.37 8.35 5.69
C GLU A 30 -1.83 8.42 5.27
N ALA A 31 -2.09 8.04 4.03
CA ALA A 31 -3.45 8.04 3.49
C ALA A 31 -4.26 6.88 4.05
N VAL A 32 -3.64 5.70 4.08
CA VAL A 32 -4.31 4.51 4.59
C VAL A 32 -4.39 4.53 6.11
N GLU A 33 -3.46 5.24 6.74
CA GLU A 33 -3.43 5.34 8.19
C GLU A 33 -4.53 6.24 8.70
N HIS A 34 -4.83 7.30 7.95
CA HIS A 34 -5.87 8.24 8.33
C HIS A 34 -7.24 7.76 7.87
N LEU A 35 -7.32 7.32 6.62
CA LEU A 35 -8.57 6.82 6.06
C LEU A 35 -8.82 5.38 6.49
N GLY A 36 -7.75 4.68 6.83
CA GLY A 36 -7.87 3.29 7.26
C GLY A 36 -7.68 2.31 6.11
N THR A 37 -7.67 1.03 6.44
CA THR A 37 -7.48 -0.01 5.43
C THR A 37 -8.81 -0.44 4.83
N GLY A 38 -9.83 0.39 5.01
CA GLY A 38 -11.15 0.07 4.48
C GLY A 38 -11.70 1.18 3.60
N ARG A 39 -10.82 2.10 3.19
CA ARG A 39 -11.22 3.22 2.35
C ARG A 39 -10.16 3.52 1.30
N TRP A 40 -10.15 2.72 0.23
CA TRP A 40 -9.19 2.89 -0.84
C TRP A 40 -9.47 4.16 -1.63
N ARG A 41 -10.74 4.38 -1.97
CA ARG A 41 -11.14 5.56 -2.72
C ARG A 41 -10.65 6.84 -2.03
N ASP A 42 -10.89 6.94 -0.73
CA ASP A 42 -10.46 8.10 0.04
C ASP A 42 -8.95 8.20 0.07
N VAL A 43 -8.28 7.06 0.18
CA VAL A 43 -6.82 7.02 0.22
C VAL A 43 -6.22 7.68 -1.01
N LYS A 44 -6.87 7.48 -2.16
CA LYS A 44 -6.41 8.05 -3.42
C LYS A 44 -6.63 9.55 -3.45
N MET A 45 -7.76 9.99 -2.92
CA MET A 45 -8.10 11.41 -2.89
C MET A 45 -7.20 12.16 -1.91
N ARG A 46 -6.80 11.47 -0.85
CA ARG A 46 -5.94 12.06 0.17
C ARG A 46 -4.48 11.99 -0.24
N ALA A 47 -4.09 10.85 -0.81
CA ALA A 47 -2.71 10.65 -1.25
C ALA A 47 -2.47 11.30 -2.61
N PHE A 48 -3.07 10.74 -3.65
CA PHE A 48 -2.91 11.27 -5.00
C PHE A 48 -3.66 12.59 -5.15
N ASP A 49 -2.95 13.63 -5.58
CA ASP A 49 -3.54 14.94 -5.76
C ASP A 49 -4.43 14.96 -7.00
N ASN A 50 -4.05 14.20 -8.02
CA ASN A 50 -4.82 14.14 -9.25
C ASN A 50 -5.83 12.99 -9.20
N ALA A 51 -6.56 12.91 -8.10
CA ALA A 51 -7.56 11.85 -7.93
C ALA A 51 -8.90 12.26 -8.56
N ASP A 52 -8.85 12.61 -9.84
CA ASP A 52 -10.06 13.02 -10.56
C ASP A 52 -10.60 11.87 -11.40
N HIS A 53 -11.43 11.02 -10.79
CA HIS A 53 -12.01 9.89 -11.49
C HIS A 53 -10.93 8.91 -11.93
N ARG A 54 -10.16 8.42 -10.96
CA ARG A 54 -9.09 7.47 -11.25
C ARG A 54 -9.29 6.17 -10.48
N THR A 55 -8.71 5.09 -10.99
CA THR A 55 -8.83 3.78 -10.35
C THR A 55 -7.96 3.71 -9.09
N TYR A 56 -8.31 2.78 -8.20
CA TYR A 56 -7.56 2.61 -6.96
C TYR A 56 -6.60 1.43 -7.07
N VAL A 57 -6.32 1.02 -8.29
CA VAL A 57 -5.40 -0.10 -8.53
C VAL A 57 -3.96 0.29 -8.21
N ASP A 58 -3.61 1.53 -8.51
CA ASP A 58 -2.27 2.04 -8.25
C ASP A 58 -1.93 1.94 -6.77
N LEU A 59 -2.82 2.47 -5.93
CA LEU A 59 -2.61 2.45 -4.49
C LEU A 59 -2.82 1.05 -3.93
N LYS A 60 -3.50 0.21 -4.69
CA LYS A 60 -3.77 -1.16 -4.27
C LYS A 60 -2.48 -1.99 -4.25
N ASP A 61 -1.74 -1.92 -5.35
CA ASP A 61 -0.48 -2.66 -5.45
C ASP A 61 0.60 -2.03 -4.57
N LYS A 62 0.53 -0.71 -4.42
CA LYS A 62 1.50 0.01 -3.60
C LYS A 62 1.37 -0.37 -2.14
N TRP A 63 0.13 -0.52 -1.68
CA TRP A 63 -0.14 -0.89 -0.29
C TRP A 63 0.22 -2.34 -0.04
N LYS A 64 -0.18 -3.22 -0.96
CA LYS A 64 0.11 -4.64 -0.84
C LYS A 64 1.59 -4.88 -0.57
N THR A 65 2.44 -4.20 -1.31
CA THR A 65 3.89 -4.34 -1.15
C THR A 65 4.37 -3.62 0.11
N LEU A 66 3.77 -2.47 0.40
CA LEU A 66 4.14 -1.70 1.57
C LEU A 66 4.03 -2.53 2.84
N VAL A 67 2.87 -3.12 3.06
CA VAL A 67 2.64 -3.95 4.23
C VAL A 67 3.56 -5.16 4.24
N HIS A 68 3.53 -5.93 3.16
CA HIS A 68 4.37 -7.11 3.03
C HIS A 68 5.84 -6.77 3.27
N THR A 69 6.20 -5.52 3.01
CA THR A 69 7.57 -5.07 3.20
C THR A 69 7.86 -4.79 4.67
N ALA A 70 6.83 -4.39 5.41
CA ALA A 70 6.98 -4.10 6.83
C ALA A 70 7.63 -5.26 7.57
N SER A 71 7.10 -6.47 7.35
CA SER A 71 7.63 -7.66 7.99
C SER A 71 6.70 -8.85 7.77
N ILE A 72 6.60 -9.30 6.53
CA ILE A 72 5.74 -10.44 6.18
C ILE A 72 6.53 -11.49 5.41
N ALA A 73 6.77 -11.21 4.13
CA ALA A 73 7.51 -12.13 3.27
C ALA A 73 8.95 -11.68 3.09
N PRO A 74 9.87 -12.64 2.98
CA PRO A 74 11.30 -12.36 2.80
C PRO A 74 11.61 -11.79 1.42
N GLN A 75 11.07 -12.43 0.38
CA GLN A 75 11.29 -11.99 -0.99
C GLN A 75 10.48 -10.74 -1.29
N GLN A 76 9.52 -10.43 -0.41
CA GLN A 76 8.67 -9.26 -0.59
C GLN A 76 9.38 -8.00 -0.10
N ARG A 77 10.61 -8.17 0.39
CA ARG A 77 11.38 -7.04 0.90
C ARG A 77 11.92 -6.20 -0.26
N ARG A 78 11.46 -4.96 -0.35
CA ARG A 78 11.90 -4.06 -1.40
C ARG A 78 13.41 -4.00 -1.48
N GLY A 79 13.94 -4.20 -2.68
CA GLY A 79 15.38 -4.18 -2.87
C GLY A 79 16.02 -2.93 -2.30
N GLU A 80 15.34 -1.80 -2.45
CA GLU A 80 15.85 -0.52 -1.94
C GLU A 80 15.57 -0.38 -0.44
N PRO A 81 16.31 0.52 0.21
CA PRO A 81 16.17 0.77 1.65
C PRO A 81 14.85 1.47 1.98
N VAL A 82 14.05 0.85 2.83
CA VAL A 82 12.77 1.41 3.23
C VAL A 82 12.82 1.94 4.66
N PRO A 83 12.19 3.10 4.88
CA PRO A 83 12.16 3.74 6.20
C PRO A 83 11.30 2.97 7.20
N GLN A 84 11.86 2.69 8.37
CA GLN A 84 11.14 1.96 9.40
C GLN A 84 9.95 2.77 9.93
N ASP A 85 9.97 4.07 9.66
CA ASP A 85 8.90 4.95 10.10
C ASP A 85 7.60 4.64 9.36
N LEU A 86 7.70 4.42 8.05
CA LEU A 86 6.54 4.10 7.24
C LEU A 86 6.03 2.69 7.53
N LEU A 87 6.92 1.71 7.44
CA LEU A 87 6.56 0.33 7.69
C LEU A 87 5.86 0.19 9.04
N ASP A 88 6.47 0.72 10.09
CA ASP A 88 5.90 0.66 11.42
C ASP A 88 4.51 1.28 11.45
N ARG A 89 4.35 2.39 10.75
CA ARG A 89 3.07 3.09 10.70
C ARG A 89 2.02 2.24 9.98
N VAL A 90 2.44 1.58 8.91
CA VAL A 90 1.54 0.73 8.13
C VAL A 90 0.99 -0.41 8.98
N LEU A 91 1.90 -1.18 9.58
CA LEU A 91 1.51 -2.30 10.42
C LEU A 91 0.74 -1.83 11.64
N ALA A 92 0.97 -0.59 12.04
CA ALA A 92 0.29 0.00 13.19
C ALA A 92 -1.21 0.11 12.94
N ALA A 93 -1.57 0.71 11.81
CA ALA A 93 -2.98 0.88 11.45
C ALA A 93 -3.58 -0.43 10.96
N HIS A 94 -2.89 -1.08 10.02
CA HIS A 94 -3.35 -2.34 9.47
C HIS A 94 -3.66 -3.35 10.58
N ALA A 95 -2.92 -3.25 11.67
CA ALA A 95 -3.10 -4.15 12.81
C ALA A 95 -4.33 -3.76 13.63
N TYR A 96 -4.46 -2.46 13.92
CA TYR A 96 -5.58 -1.96 14.69
C TYR A 96 -6.90 -2.18 13.95
N TRP A 97 -6.91 -1.83 12.68
CA TRP A 97 -8.10 -1.99 11.85
C TRP A 97 -8.46 -3.46 11.69
N SER A 98 -7.43 -4.29 11.52
CA SER A 98 -7.63 -5.73 11.34
C SER A 98 -8.32 -6.33 12.56
N GLN A 99 -8.03 -5.78 13.73
CA GLN A 99 -8.62 -6.27 14.97
C GLN A 99 -10.14 -6.23 14.90
N GLN A 100 -10.66 -5.35 14.05
CA GLN A 100 -12.11 -5.21 13.89
C GLN A 100 -12.62 -6.11 12.78
N GLN A 101 -11.98 -6.04 11.62
CA GLN A 101 -12.37 -6.84 10.47
C GLN A 101 -11.36 -6.72 9.34
N GLY A 102 -11.57 -7.48 8.27
CA GLY A 102 -10.66 -7.43 7.13
C GLY A 102 -10.42 -8.80 6.54
N LYS A 103 -10.86 -8.99 5.30
CA LYS A 103 -10.67 -10.27 4.62
C LYS A 103 -11.16 -10.18 3.17
N GLN A 104 -11.18 -11.33 2.49
CA GLN A 104 -11.62 -11.38 1.10
C GLN A 104 -10.70 -10.56 0.21
N HIS A 105 -9.45 -11.01 0.09
CA HIS A 105 -8.46 -10.33 -0.75
C HIS A 105 -8.37 -10.96 -2.13
N VAL A 106 -8.45 -10.14 -3.16
CA VAL A 106 -8.38 -10.61 -4.54
C VAL A 106 -7.31 -9.86 -5.33
N GLU A 107 -6.75 -10.54 -6.33
CA GLU A 107 -5.71 -9.94 -7.16
C GLU A 107 -6.21 -9.73 -8.59
N PRO A 108 -5.58 -8.79 -9.31
CA PRO A 108 -5.93 -8.49 -10.70
C PRO A 108 -5.58 -9.61 -11.65
N LEU A 109 -4.35 -10.11 -11.55
CA LEU A 109 -3.88 -11.18 -12.41
C LEU A 109 -2.47 -11.62 -12.02
N LYS A 110 -2.03 -12.75 -12.58
CA LYS A 110 -0.70 -13.27 -12.29
C LYS A 110 -0.05 -13.82 -13.56
N ILE A 111 0.56 -12.93 -14.34
CA ILE A 111 1.22 -13.33 -15.57
C ILE A 111 1.99 -12.16 -16.18
N LEU A 112 3.14 -12.46 -16.76
CA LEU A 112 3.97 -11.43 -17.39
C LEU A 112 5.17 -12.06 -18.09
N ASP A 113 5.24 -11.90 -19.41
CA ASP A 113 6.34 -12.44 -20.19
C ASP A 113 6.22 -12.01 -21.66
N ALA A 114 7.36 -11.82 -22.30
CA ALA A 114 7.40 -11.41 -23.70
C ALA A 114 8.83 -11.37 -24.23
N LYS A 115 9.03 -11.90 -25.41
CA LYS A 115 10.35 -11.93 -26.04
C LYS A 115 10.27 -12.48 -27.46
N ALA A 116 11.26 -12.14 -28.27
CA ALA A 116 11.31 -12.60 -29.66
C ALA A 116 12.70 -12.37 -30.26
N GLN A 117 12.91 -12.94 -31.45
CA GLN A 117 14.19 -12.79 -32.13
C GLN A 117 14.14 -13.42 -33.52
N LYS A 118 15.20 -13.23 -34.29
CA LYS A 118 15.27 -13.79 -35.64
C LYS A 118 16.55 -14.60 -35.82
N VAL A 119 16.77 -15.10 -37.03
CA VAL A 119 17.95 -15.89 -37.34
C VAL A 119 18.36 -15.72 -38.80
N GLY A 120 19.67 -15.78 -39.05
CA GLY A 120 20.18 -15.63 -40.40
C GLY A 120 20.77 -16.91 -40.95
N ALA A 121 20.28 -17.35 -42.10
CA ALA A 121 20.77 -18.57 -42.73
C ALA A 121 21.65 -18.26 -43.93
N PRO A 1 20.74 25.59 -18.19
CA PRO A 1 20.72 24.56 -17.15
C PRO A 1 20.30 23.20 -17.68
N VAL A 2 19.49 23.21 -18.74
CA VAL A 2 19.01 21.97 -19.35
C VAL A 2 18.30 21.10 -18.32
N ASN A 3 17.10 21.52 -17.93
CA ASN A 3 16.31 20.78 -16.95
C ASN A 3 15.31 19.85 -17.65
N GLN A 4 14.75 18.91 -16.89
CA GLN A 4 13.78 17.97 -17.44
C GLN A 4 13.09 17.20 -16.32
N LYS A 5 11.80 16.92 -16.52
CA LYS A 5 11.03 16.19 -15.52
C LYS A 5 10.49 14.88 -16.11
N SER A 6 10.01 14.00 -15.23
CA SER A 6 9.47 12.71 -15.66
C SER A 6 7.99 12.60 -15.32
N LYS A 7 7.17 12.35 -16.32
CA LYS A 7 5.73 12.21 -16.13
C LYS A 7 5.15 11.18 -17.08
N ARG A 8 4.50 10.16 -16.52
CA ARG A 8 3.89 9.10 -17.31
C ARG A 8 2.84 8.35 -16.51
N SER A 9 1.57 8.52 -16.89
CA SER A 9 0.48 7.86 -16.20
C SER A 9 0.26 6.45 -16.76
N GLU A 10 0.36 5.46 -15.89
CA GLU A 10 0.17 4.06 -16.29
C GLU A 10 -1.29 3.66 -16.16
N LEU A 11 -2.03 3.78 -17.27
CA LEU A 11 -3.45 3.42 -17.28
C LEU A 11 -3.64 1.93 -17.47
N SER A 12 -3.03 1.13 -16.59
CA SER A 12 -3.12 -0.32 -16.68
C SER A 12 -3.28 -0.92 -15.29
N GLN A 13 -4.16 -1.92 -15.18
CA GLN A 13 -4.40 -2.59 -13.91
C GLN A 13 -3.68 -3.94 -13.86
N ARG A 14 -2.46 -3.94 -13.35
CA ARG A 14 -1.67 -5.16 -13.25
C ARG A 14 -1.06 -5.29 -11.86
N ARG A 15 -0.45 -6.45 -11.60
CA ARG A 15 0.16 -6.70 -10.30
C ARG A 15 1.63 -6.28 -10.31
N ILE A 16 1.89 -5.06 -10.74
CA ILE A 16 3.25 -4.52 -10.81
C ILE A 16 3.40 -3.29 -9.92
N ARG A 17 4.46 -3.27 -9.13
CA ARG A 17 4.71 -2.14 -8.24
C ARG A 17 6.06 -1.49 -8.56
N ARG A 18 6.02 -0.28 -9.10
CA ARG A 18 7.22 0.44 -9.46
C ARG A 18 7.87 1.06 -8.23
N PRO A 19 9.17 1.39 -8.33
CA PRO A 19 9.92 1.98 -7.23
C PRO A 19 9.49 3.42 -6.93
N PHE A 20 8.66 3.58 -5.90
CA PHE A 20 8.18 4.89 -5.51
C PHE A 20 9.09 5.53 -4.47
N SER A 21 9.27 6.84 -4.59
CA SER A 21 10.13 7.57 -3.66
C SER A 21 9.46 7.72 -2.30
N VAL A 22 10.27 7.96 -1.28
CA VAL A 22 9.75 8.12 0.08
C VAL A 22 8.68 9.20 0.14
N ALA A 23 8.83 10.21 -0.71
CA ALA A 23 7.87 11.31 -0.76
C ALA A 23 6.49 10.82 -1.21
N GLU A 24 6.47 10.02 -2.28
CA GLU A 24 5.23 9.49 -2.80
C GLU A 24 4.67 8.39 -1.90
N VAL A 25 5.56 7.49 -1.47
CA VAL A 25 5.17 6.39 -0.59
C VAL A 25 4.62 6.91 0.74
N GLU A 26 5.18 8.01 1.21
CA GLU A 26 4.75 8.61 2.48
C GLU A 26 3.27 8.96 2.42
N ALA A 27 2.80 9.37 1.24
CA ALA A 27 1.40 9.73 1.06
C ALA A 27 0.50 8.51 1.13
N LEU A 28 0.90 7.45 0.45
CA LEU A 28 0.13 6.21 0.43
C LEU A 28 -0.12 5.70 1.84
N VAL A 29 0.97 5.51 2.59
CA VAL A 29 0.87 5.03 3.96
C VAL A 29 0.08 5.98 4.83
N GLU A 30 0.51 7.25 4.84
CA GLU A 30 -0.17 8.27 5.63
C GLU A 30 -1.67 8.27 5.37
N ALA A 31 -2.05 8.17 4.10
CA ALA A 31 -3.45 8.15 3.70
C ALA A 31 -4.14 6.90 4.20
N VAL A 32 -3.44 5.77 4.13
CA VAL A 32 -3.99 4.49 4.57
C VAL A 32 -4.13 4.45 6.09
N GLU A 33 -3.30 5.23 6.77
CA GLU A 33 -3.34 5.29 8.23
C GLU A 33 -4.55 6.08 8.72
N HIS A 34 -4.89 7.13 7.98
CA HIS A 34 -6.03 7.98 8.34
C HIS A 34 -7.33 7.40 7.77
N LEU A 35 -7.30 7.06 6.49
CA LEU A 35 -8.47 6.51 5.81
C LEU A 35 -8.62 5.02 6.13
N GLY A 36 -7.52 4.39 6.49
CA GLY A 36 -7.55 2.97 6.81
C GLY A 36 -7.36 2.09 5.59
N THR A 37 -7.65 0.80 5.74
CA THR A 37 -7.50 -0.14 4.64
C THR A 37 -8.86 -0.48 4.02
N GLY A 38 -9.82 0.42 4.21
CA GLY A 38 -11.15 0.20 3.66
C GLY A 38 -11.61 1.37 2.82
N ARG A 39 -10.86 2.46 2.85
CA ARG A 39 -11.22 3.66 2.08
C ARG A 39 -10.14 3.95 1.03
N TRP A 40 -10.17 3.19 -0.06
CA TRP A 40 -9.19 3.38 -1.13
C TRP A 40 -9.44 4.70 -1.86
N ARG A 41 -10.68 4.93 -2.25
CA ARG A 41 -11.05 6.15 -2.96
C ARG A 41 -10.62 7.38 -2.17
N ASP A 42 -10.91 7.38 -0.87
CA ASP A 42 -10.55 8.50 -0.01
C ASP A 42 -9.04 8.67 0.07
N VAL A 43 -8.32 7.56 -0.06
CA VAL A 43 -6.86 7.59 -0.01
C VAL A 43 -6.28 8.23 -1.26
N LYS A 44 -6.94 8.01 -2.39
CA LYS A 44 -6.48 8.57 -3.66
C LYS A 44 -6.71 10.08 -3.70
N MET A 45 -7.88 10.51 -3.25
CA MET A 45 -8.21 11.93 -3.23
C MET A 45 -7.43 12.66 -2.13
N ARG A 46 -7.16 11.94 -1.04
CA ARG A 46 -6.43 12.53 0.08
C ARG A 46 -4.93 12.56 -0.21
N ALA A 47 -4.42 11.48 -0.79
CA ALA A 47 -3.00 11.39 -1.12
C ALA A 47 -2.68 12.19 -2.38
N PHE A 48 -3.18 11.72 -3.51
CA PHE A 48 -2.94 12.39 -4.79
C PHE A 48 -3.72 13.70 -4.87
N ASP A 49 -3.00 14.80 -5.11
CA ASP A 49 -3.62 16.11 -5.22
C ASP A 49 -4.42 16.24 -6.51
N ASN A 50 -3.93 15.61 -7.56
CA ASN A 50 -4.59 15.66 -8.86
C ASN A 50 -4.97 14.26 -9.33
N ALA A 51 -6.04 13.71 -8.74
CA ALA A 51 -6.51 12.38 -9.10
C ALA A 51 -7.73 12.45 -10.01
N ASP A 52 -7.51 12.80 -11.27
CA ASP A 52 -8.59 12.91 -12.24
C ASP A 52 -9.45 11.65 -12.23
N HIS A 53 -8.82 10.51 -12.00
CA HIS A 53 -9.53 9.23 -11.97
C HIS A 53 -9.45 8.60 -10.58
N ARG A 54 -10.62 8.28 -10.02
CA ARG A 54 -10.69 7.68 -8.70
C ARG A 54 -10.21 6.23 -8.74
N THR A 55 -8.98 6.02 -8.26
CA THR A 55 -8.41 4.68 -8.24
C THR A 55 -8.57 4.03 -6.87
N TYR A 56 -8.13 2.78 -6.75
CA TYR A 56 -8.24 2.05 -5.50
C TYR A 56 -7.34 0.82 -5.51
N VAL A 57 -7.29 0.13 -6.65
CA VAL A 57 -6.48 -1.06 -6.81
C VAL A 57 -4.99 -0.71 -6.86
N ASP A 58 -4.69 0.45 -7.43
CA ASP A 58 -3.31 0.91 -7.54
C ASP A 58 -2.74 1.26 -6.18
N LEU A 59 -3.47 2.09 -5.44
CA LEU A 59 -3.02 2.51 -4.11
C LEU A 59 -2.98 1.32 -3.15
N LYS A 60 -4.10 0.60 -3.08
CA LYS A 60 -4.19 -0.55 -2.19
C LYS A 60 -3.10 -1.57 -2.51
N ASP A 61 -2.72 -1.65 -3.77
CA ASP A 61 -1.67 -2.58 -4.20
C ASP A 61 -0.33 -2.20 -3.58
N LYS A 62 -0.01 -0.91 -3.61
CA LYS A 62 1.24 -0.42 -3.06
C LYS A 62 1.26 -0.56 -1.54
N TRP A 63 0.08 -0.53 -0.93
CA TRP A 63 -0.04 -0.66 0.52
C TRP A 63 0.21 -2.10 0.95
N LYS A 64 -0.52 -3.03 0.36
CA LYS A 64 -0.38 -4.44 0.68
C LYS A 64 1.09 -4.88 0.60
N THR A 65 1.78 -4.42 -0.43
CA THR A 65 3.17 -4.75 -0.63
C THR A 65 4.07 -4.03 0.38
N LEU A 66 3.62 -2.86 0.81
CA LEU A 66 4.37 -2.06 1.77
C LEU A 66 4.38 -2.72 3.14
N VAL A 67 3.20 -3.02 3.66
CA VAL A 67 3.08 -3.66 4.96
C VAL A 67 3.84 -4.99 5.00
N HIS A 68 3.68 -5.77 3.94
CA HIS A 68 4.35 -7.07 3.85
C HIS A 68 5.86 -6.91 3.94
N THR A 69 6.37 -5.84 3.33
CA THR A 69 7.80 -5.57 3.36
C THR A 69 8.28 -5.18 4.75
N ALA A 70 7.38 -4.58 5.53
CA ALA A 70 7.70 -4.15 6.89
C ALA A 70 8.27 -5.31 7.70
N SER A 71 7.60 -6.46 7.64
CA SER A 71 8.03 -7.64 8.38
C SER A 71 7.02 -8.76 8.26
N ILE A 72 6.88 -9.30 7.05
CA ILE A 72 5.94 -10.39 6.80
C ILE A 72 6.59 -11.51 5.98
N ALA A 73 6.80 -11.24 4.69
CA ALA A 73 7.42 -12.22 3.80
C ALA A 73 8.88 -11.87 3.54
N PRO A 74 9.72 -12.91 3.41
CA PRO A 74 11.15 -12.74 3.16
C PRO A 74 11.43 -12.21 1.76
N GLN A 75 10.77 -12.79 0.76
CA GLN A 75 10.95 -12.38 -0.62
C GLN A 75 10.27 -11.04 -0.88
N GLN A 76 9.44 -10.61 0.06
CA GLN A 76 8.73 -9.34 -0.07
C GLN A 76 9.64 -8.17 0.32
N ARG A 77 10.52 -8.41 1.27
CA ARG A 77 11.44 -7.37 1.73
C ARG A 77 12.68 -7.31 0.83
N ARG A 78 12.81 -6.20 0.11
CA ARG A 78 13.95 -6.01 -0.79
C ARG A 78 13.83 -4.67 -1.53
N GLY A 79 14.70 -4.48 -2.52
CA GLY A 79 14.67 -3.25 -3.29
C GLY A 79 15.26 -2.08 -2.53
N GLU A 80 14.97 -0.87 -2.99
CA GLU A 80 15.49 0.34 -2.35
C GLU A 80 15.19 0.32 -0.85
N PRO A 81 15.99 1.07 -0.08
CA PRO A 81 15.84 1.17 1.38
C PRO A 81 14.57 1.91 1.78
N VAL A 82 13.72 1.25 2.56
CA VAL A 82 12.48 1.85 3.01
C VAL A 82 12.60 2.34 4.45
N PRO A 83 12.01 3.51 4.73
CA PRO A 83 12.03 4.11 6.06
C PRO A 83 11.19 3.34 7.07
N GLN A 84 11.75 3.09 8.24
CA GLN A 84 11.04 2.36 9.29
C GLN A 84 9.79 3.11 9.73
N ASP A 85 9.74 4.41 9.45
CA ASP A 85 8.60 5.23 9.80
C ASP A 85 7.35 4.77 9.06
N LEU A 86 7.50 4.44 7.79
CA LEU A 86 6.38 3.98 6.97
C LEU A 86 6.01 2.54 7.31
N LEU A 87 7.03 1.71 7.50
CA LEU A 87 6.80 0.30 7.83
C LEU A 87 6.18 0.17 9.22
N ASP A 88 6.54 1.07 10.12
CA ASP A 88 6.01 1.06 11.48
C ASP A 88 4.55 1.50 11.50
N ARG A 89 4.25 2.54 10.73
CA ARG A 89 2.89 3.07 10.67
C ARG A 89 1.98 2.14 9.86
N VAL A 90 2.46 1.74 8.69
CA VAL A 90 1.68 0.84 7.82
C VAL A 90 1.32 -0.45 8.55
N LEU A 91 2.22 -0.91 9.41
CA LEU A 91 1.99 -2.14 10.18
C LEU A 91 0.92 -1.92 11.25
N ALA A 92 0.99 -0.78 11.93
CA ALA A 92 0.03 -0.45 12.97
C ALA A 92 -1.38 -0.39 12.41
N ALA A 93 -1.56 0.33 11.32
CA ALA A 93 -2.86 0.46 10.68
C ALA A 93 -3.31 -0.86 10.07
N HIS A 94 -2.43 -1.50 9.32
CA HIS A 94 -2.73 -2.77 8.68
C HIS A 94 -3.16 -3.81 9.71
N ALA A 95 -2.45 -3.86 10.83
CA ALA A 95 -2.75 -4.79 11.90
C ALA A 95 -4.00 -4.37 12.67
N TYR A 96 -4.06 -3.09 13.03
CA TYR A 96 -5.20 -2.55 13.77
C TYR A 96 -6.50 -2.79 13.01
N TRP A 97 -6.51 -2.44 11.73
CA TRP A 97 -7.69 -2.61 10.90
C TRP A 97 -7.94 -4.09 10.62
N SER A 98 -6.87 -4.87 10.55
CA SER A 98 -6.98 -6.30 10.29
C SER A 98 -7.83 -6.98 11.36
N GLN A 99 -7.71 -6.52 12.58
CA GLN A 99 -8.47 -7.09 13.70
C GLN A 99 -9.97 -7.04 13.42
N GLN A 100 -10.38 -6.10 12.55
CA GLN A 100 -11.78 -5.95 12.20
C GLN A 100 -11.96 -5.87 10.69
N GLN A 101 -11.38 -6.82 9.98
CA GLN A 101 -11.46 -6.85 8.52
C GLN A 101 -11.04 -8.21 7.98
N GLY A 102 -11.48 -8.53 6.77
CA GLY A 102 -11.14 -9.80 6.16
C GLY A 102 -9.97 -9.68 5.20
N LYS A 103 -9.97 -10.52 4.16
CA LYS A 103 -8.90 -10.52 3.18
C LYS A 103 -9.44 -10.88 1.79
N GLN A 104 -8.70 -10.49 0.75
CA GLN A 104 -9.10 -10.78 -0.62
C GLN A 104 -7.88 -10.81 -1.54
N HIS A 105 -8.08 -11.35 -2.73
CA HIS A 105 -6.99 -11.45 -3.71
C HIS A 105 -7.51 -12.00 -5.03
N VAL A 106 -7.54 -11.16 -6.06
CA VAL A 106 -8.00 -11.55 -7.39
C VAL A 106 -7.32 -10.74 -8.48
N GLU A 107 -6.85 -11.44 -9.51
CA GLU A 107 -6.17 -10.77 -10.63
C GLU A 107 -6.65 -11.34 -11.95
N PRO A 108 -6.49 -10.55 -13.03
CA PRO A 108 -6.89 -10.96 -14.37
C PRO A 108 -6.01 -12.07 -14.94
N LEU A 109 -6.18 -12.37 -16.23
CA LEU A 109 -5.41 -13.41 -16.89
C LEU A 109 -5.35 -13.18 -18.39
N LYS A 110 -4.16 -12.87 -18.90
CA LYS A 110 -3.97 -12.62 -20.32
C LYS A 110 -2.48 -12.54 -20.67
N ILE A 111 -2.16 -12.78 -21.93
CA ILE A 111 -0.78 -12.73 -22.39
C ILE A 111 -0.65 -11.89 -23.66
N LEU A 112 0.56 -11.82 -24.20
CA LEU A 112 0.81 -11.07 -25.42
C LEU A 112 1.87 -11.75 -26.27
N ASP A 113 1.99 -11.32 -27.52
CA ASP A 113 2.96 -11.89 -28.44
C ASP A 113 2.97 -11.13 -29.77
N ALA A 114 4.07 -11.25 -30.51
CA ALA A 114 4.20 -10.57 -31.78
C ALA A 114 5.45 -11.05 -32.53
N LYS A 115 5.64 -10.53 -33.75
CA LYS A 115 6.79 -10.90 -34.56
C LYS A 115 7.48 -9.67 -35.12
N ALA A 116 8.55 -9.88 -35.88
CA ALA A 116 9.29 -8.78 -36.48
C ALA A 116 9.54 -9.03 -37.96
N GLN A 117 10.31 -8.15 -38.59
CA GLN A 117 10.61 -8.28 -40.01
C GLN A 117 11.71 -7.30 -40.42
N LYS A 118 12.36 -7.58 -41.55
CA LYS A 118 13.43 -6.74 -42.05
C LYS A 118 13.47 -6.75 -43.57
N VAL A 119 13.57 -5.56 -44.17
CA VAL A 119 13.61 -5.44 -45.62
C VAL A 119 15.05 -5.41 -46.13
N GLY A 120 15.27 -5.96 -47.32
CA GLY A 120 16.61 -5.99 -47.89
C GLY A 120 16.76 -5.02 -49.04
N ALA A 121 17.42 -5.45 -50.11
CA ALA A 121 17.64 -4.61 -51.28
C ALA A 121 16.36 -4.47 -52.10
N PRO A 1 -11.66 -37.08 2.10
CA PRO A 1 -12.89 -36.47 1.58
C PRO A 1 -12.75 -34.97 1.35
N VAL A 2 -13.79 -34.35 0.81
CA VAL A 2 -13.78 -32.92 0.54
C VAL A 2 -15.15 -32.45 0.06
N ASN A 3 -15.69 -31.44 0.74
CA ASN A 3 -16.99 -30.89 0.37
C ASN A 3 -17.09 -29.42 0.75
N GLN A 4 -17.83 -28.65 -0.05
CA GLN A 4 -17.99 -27.22 0.21
C GLN A 4 -19.16 -26.66 -0.60
N LYS A 5 -19.56 -25.44 -0.28
CA LYS A 5 -20.67 -24.78 -0.97
C LYS A 5 -20.23 -23.43 -1.53
N SER A 6 -18.93 -23.30 -1.81
CA SER A 6 -18.39 -22.06 -2.36
C SER A 6 -18.23 -22.16 -3.87
N LYS A 7 -18.39 -21.03 -4.55
CA LYS A 7 -18.27 -20.98 -6.01
C LYS A 7 -17.04 -20.17 -6.40
N ARG A 8 -16.64 -19.23 -5.55
CA ARG A 8 -15.49 -18.39 -5.82
C ARG A 8 -14.19 -19.15 -5.60
N SER A 9 -13.27 -19.05 -6.54
CA SER A 9 -11.98 -19.74 -6.45
C SER A 9 -10.84 -18.73 -6.40
N GLU A 10 -9.75 -19.12 -5.75
CA GLU A 10 -8.58 -18.26 -5.63
C GLU A 10 -7.91 -18.05 -6.98
N LEU A 11 -7.28 -16.89 -7.15
CA LEU A 11 -6.60 -16.57 -8.40
C LEU A 11 -5.47 -15.57 -8.16
N SER A 12 -4.83 -15.14 -9.25
CA SER A 12 -3.73 -14.18 -9.15
C SER A 12 -3.97 -12.99 -10.08
N GLN A 13 -3.13 -11.98 -9.96
CA GLN A 13 -3.25 -10.78 -10.77
C GLN A 13 -1.90 -10.10 -10.95
N ARG A 14 -1.89 -8.96 -11.62
CA ARG A 14 -0.66 -8.21 -11.86
C ARG A 14 -0.57 -7.01 -10.93
N ARG A 15 -1.35 -5.98 -11.22
CA ARG A 15 -1.35 -4.76 -10.41
C ARG A 15 0.07 -4.23 -10.22
N ILE A 16 0.73 -3.93 -11.33
CA ILE A 16 2.09 -3.40 -11.29
C ILE A 16 2.10 -1.91 -11.02
N ARG A 17 3.13 -1.45 -10.31
CA ARG A 17 3.25 -0.04 -9.97
C ARG A 17 4.66 0.46 -10.26
N ARG A 18 4.93 1.72 -9.92
CA ARG A 18 6.23 2.33 -10.14
C ARG A 18 6.92 2.64 -8.81
N PRO A 19 8.25 2.80 -8.86
CA PRO A 19 9.05 3.10 -7.67
C PRO A 19 8.81 4.51 -7.15
N PHE A 20 8.04 4.61 -6.07
CA PHE A 20 7.72 5.90 -5.47
C PHE A 20 8.73 6.26 -4.39
N SER A 21 9.06 7.54 -4.28
CA SER A 21 10.01 8.01 -3.29
C SER A 21 9.40 7.98 -1.89
N VAL A 22 10.26 7.95 -0.87
CA VAL A 22 9.81 7.90 0.52
C VAL A 22 8.86 9.06 0.82
N ALA A 23 9.09 10.19 0.17
CA ALA A 23 8.26 11.37 0.36
C ALA A 23 6.86 11.16 -0.21
N GLU A 24 6.79 10.54 -1.39
CA GLU A 24 5.51 10.28 -2.04
C GLU A 24 4.79 9.13 -1.35
N VAL A 25 5.53 8.09 -0.99
CA VAL A 25 4.96 6.92 -0.33
C VAL A 25 4.32 7.31 1.00
N GLU A 26 4.93 8.27 1.70
CA GLU A 26 4.43 8.72 2.98
C GLU A 26 2.96 9.09 2.89
N ALA A 27 2.54 9.54 1.71
CA ALA A 27 1.14 9.93 1.49
C ALA A 27 0.23 8.71 1.54
N LEU A 28 0.62 7.66 0.84
CA LEU A 28 -0.17 6.43 0.80
C LEU A 28 -0.41 5.89 2.22
N VAL A 29 0.65 5.84 3.01
CA VAL A 29 0.55 5.35 4.38
C VAL A 29 -0.25 6.31 5.25
N GLU A 30 0.19 7.56 5.31
CA GLU A 30 -0.50 8.57 6.10
C GLU A 30 -1.97 8.67 5.71
N ALA A 31 -2.28 8.32 4.46
CA ALA A 31 -3.64 8.36 3.97
C ALA A 31 -4.46 7.19 4.51
N VAL A 32 -3.88 5.99 4.44
CA VAL A 32 -4.55 4.79 4.92
C VAL A 32 -4.56 4.73 6.44
N GLU A 33 -3.58 5.39 7.06
CA GLU A 33 -3.48 5.42 8.51
C GLU A 33 -4.56 6.30 9.12
N HIS A 34 -4.78 7.46 8.50
CA HIS A 34 -5.79 8.40 8.98
C HIS A 34 -7.18 8.04 8.44
N LEU A 35 -7.25 7.77 7.14
CA LEU A 35 -8.51 7.41 6.51
C LEU A 35 -8.85 5.94 6.75
N GLY A 36 -7.86 5.18 7.22
CA GLY A 36 -8.07 3.78 7.49
C GLY A 36 -7.87 2.91 6.27
N THR A 37 -7.92 1.59 6.45
CA THR A 37 -7.73 0.66 5.35
C THR A 37 -9.06 0.35 4.66
N GLY A 38 -10.09 1.13 5.00
CA GLY A 38 -11.40 0.92 4.42
C GLY A 38 -11.89 2.14 3.66
N ARG A 39 -10.98 3.07 3.37
CA ARG A 39 -11.33 4.29 2.65
C ARG A 39 -10.39 4.49 1.46
N TRP A 40 -10.53 3.64 0.45
CA TRP A 40 -9.70 3.73 -0.74
C TRP A 40 -9.89 5.07 -1.44
N ARG A 41 -11.14 5.44 -1.67
CA ARG A 41 -11.45 6.71 -2.33
C ARG A 41 -10.75 7.87 -1.62
N ASP A 42 -10.86 7.91 -0.30
CA ASP A 42 -10.24 8.96 0.49
C ASP A 42 -8.72 8.89 0.39
N VAL A 43 -8.19 7.67 0.35
CA VAL A 43 -6.76 7.46 0.26
C VAL A 43 -6.21 7.98 -1.06
N LYS A 44 -7.02 7.90 -2.10
CA LYS A 44 -6.63 8.36 -3.43
C LYS A 44 -6.47 9.88 -3.45
N MET A 45 -7.49 10.57 -2.96
CA MET A 45 -7.48 12.03 -2.92
C MET A 45 -6.51 12.54 -1.85
N ARG A 46 -6.38 11.78 -0.77
CA ARG A 46 -5.49 12.14 0.33
C ARG A 46 -4.03 11.96 -0.06
N ALA A 47 -3.74 10.88 -0.77
CA ALA A 47 -2.38 10.58 -1.21
C ALA A 47 -2.12 11.18 -2.59
N PHE A 48 -2.75 10.60 -3.61
CA PHE A 48 -2.58 11.07 -4.97
C PHE A 48 -3.25 12.42 -5.18
N ASP A 49 -2.48 13.39 -5.65
CA ASP A 49 -3.01 14.73 -5.89
C ASP A 49 -3.94 14.75 -7.09
N ASN A 50 -3.64 13.91 -8.08
CA ASN A 50 -4.46 13.83 -9.29
C ASN A 50 -5.18 12.48 -9.37
N ALA A 51 -6.20 12.32 -8.54
CA ALA A 51 -6.97 11.08 -8.52
C ALA A 51 -8.37 11.29 -9.08
N ASP A 52 -8.43 11.76 -10.34
CA ASP A 52 -9.71 12.01 -10.99
C ASP A 52 -10.32 10.71 -11.52
N HIS A 53 -9.64 10.12 -12.51
CA HIS A 53 -10.11 8.87 -13.11
C HIS A 53 -9.17 7.72 -12.76
N ARG A 54 -8.52 7.81 -11.61
CA ARG A 54 -7.60 6.78 -11.18
C ARG A 54 -8.34 5.61 -10.55
N THR A 55 -7.72 4.43 -10.58
CA THR A 55 -8.32 3.23 -10.02
C THR A 55 -8.08 3.14 -8.52
N TYR A 56 -8.90 2.35 -7.84
CA TYR A 56 -8.78 2.18 -6.39
C TYR A 56 -7.79 1.07 -6.06
N VAL A 57 -7.54 0.19 -7.03
CA VAL A 57 -6.63 -0.92 -6.85
C VAL A 57 -5.18 -0.45 -6.77
N ASP A 58 -4.89 0.62 -7.51
CA ASP A 58 -3.54 1.18 -7.53
C ASP A 58 -3.04 1.45 -6.11
N LEU A 59 -3.86 2.14 -5.32
CA LEU A 59 -3.50 2.47 -3.94
C LEU A 59 -3.54 1.22 -3.07
N LYS A 60 -4.42 0.28 -3.41
CA LYS A 60 -4.54 -0.95 -2.66
C LYS A 60 -3.28 -1.79 -2.75
N ASP A 61 -2.65 -1.78 -3.93
CA ASP A 61 -1.42 -2.53 -4.16
C ASP A 61 -0.25 -1.88 -3.42
N LYS A 62 -0.14 -0.56 -3.55
CA LYS A 62 0.94 0.17 -2.90
C LYS A 62 0.97 -0.11 -1.40
N TRP A 63 -0.21 -0.14 -0.78
CA TRP A 63 -0.32 -0.40 0.65
C TRP A 63 -0.06 -1.87 0.95
N LYS A 64 -0.65 -2.75 0.15
CA LYS A 64 -0.47 -4.18 0.34
C LYS A 64 1.00 -4.56 0.31
N THR A 65 1.74 -4.01 -0.65
CA THR A 65 3.16 -4.29 -0.79
C THR A 65 3.96 -3.62 0.31
N LEU A 66 3.45 -2.49 0.81
CA LEU A 66 4.11 -1.74 1.86
C LEU A 66 4.18 -2.55 3.15
N VAL A 67 3.02 -3.00 3.61
CA VAL A 67 2.94 -3.79 4.83
C VAL A 67 3.75 -5.08 4.71
N HIS A 68 3.61 -5.76 3.57
CA HIS A 68 4.32 -7.00 3.33
C HIS A 68 5.84 -6.77 3.34
N THR A 69 6.25 -5.54 3.03
CA THR A 69 7.65 -5.19 3.00
C THR A 69 8.18 -4.94 4.41
N ALA A 70 7.30 -4.49 5.29
CA ALA A 70 7.68 -4.22 6.68
C ALA A 70 8.34 -5.44 7.32
N SER A 71 7.70 -6.59 7.19
CA SER A 71 8.22 -7.83 7.75
C SER A 71 7.20 -8.96 7.60
N ILE A 72 6.99 -9.41 6.37
CA ILE A 72 6.05 -10.48 6.10
C ILE A 72 6.69 -11.57 5.24
N ALA A 73 6.87 -11.27 3.96
CA ALA A 73 7.47 -12.21 3.02
C ALA A 73 8.92 -11.84 2.73
N PRO A 74 9.80 -12.86 2.74
CA PRO A 74 11.23 -12.66 2.48
C PRO A 74 11.51 -12.31 1.03
N GLN A 75 10.66 -12.80 0.13
CA GLN A 75 10.81 -12.53 -1.29
C GLN A 75 10.36 -11.12 -1.64
N GLN A 76 9.67 -10.48 -0.70
CA GLN A 76 9.18 -9.12 -0.92
C GLN A 76 10.30 -8.10 -0.69
N ARG A 77 11.48 -8.59 -0.32
CA ARG A 77 12.62 -7.72 -0.08
C ARG A 77 13.34 -7.40 -1.38
N ARG A 78 13.68 -6.13 -1.57
CA ARG A 78 14.38 -5.69 -2.77
C ARG A 78 15.76 -5.13 -2.42
N GLY A 79 15.97 -4.83 -1.16
CA GLY A 79 17.25 -4.30 -0.72
C GLY A 79 17.27 -2.78 -0.70
N GLU A 80 16.48 -2.17 -1.59
CA GLU A 80 16.43 -0.71 -1.66
C GLU A 80 16.14 -0.10 -0.30
N PRO A 81 16.44 1.20 -0.15
CA PRO A 81 16.22 1.92 1.10
C PRO A 81 14.74 2.14 1.40
N VAL A 82 14.31 1.64 2.55
CA VAL A 82 12.91 1.78 2.96
C VAL A 82 12.80 2.39 4.35
N PRO A 83 11.94 3.41 4.47
CA PRO A 83 11.72 4.11 5.75
C PRO A 83 10.98 3.24 6.76
N GLN A 84 11.55 3.14 7.97
CA GLN A 84 10.95 2.33 9.02
C GLN A 84 9.68 2.99 9.55
N ASP A 85 9.54 4.29 9.30
CA ASP A 85 8.37 5.04 9.74
C ASP A 85 7.13 4.62 8.96
N LEU A 86 7.30 4.38 7.67
CA LEU A 86 6.20 3.98 6.81
C LEU A 86 5.82 2.52 7.04
N LEU A 87 6.84 1.67 7.16
CA LEU A 87 6.61 0.24 7.39
C LEU A 87 5.97 0.01 8.75
N ASP A 88 6.44 0.74 9.76
CA ASP A 88 5.91 0.61 11.12
C ASP A 88 4.51 1.22 11.20
N ARG A 89 4.29 2.29 10.46
CA ARG A 89 2.99 2.97 10.46
C ARG A 89 1.95 2.14 9.71
N VAL A 90 2.31 1.69 8.51
CA VAL A 90 1.40 0.89 7.69
C VAL A 90 0.96 -0.36 8.44
N LEU A 91 1.84 -0.90 9.27
CA LEU A 91 1.53 -2.10 10.04
C LEU A 91 0.55 -1.78 11.16
N ALA A 92 0.74 -0.64 11.81
CA ALA A 92 -0.13 -0.22 12.90
C ALA A 92 -1.60 -0.22 12.46
N ALA A 93 -1.86 0.46 11.34
CA ALA A 93 -3.21 0.55 10.81
C ALA A 93 -3.66 -0.78 10.21
N HIS A 94 -2.79 -1.39 9.41
CA HIS A 94 -3.10 -2.66 8.76
C HIS A 94 -3.51 -3.70 9.80
N ALA A 95 -2.78 -3.74 10.92
CA ALA A 95 -3.07 -4.68 11.98
C ALA A 95 -4.27 -4.23 12.82
N TYR A 96 -4.26 -2.95 13.20
CA TYR A 96 -5.34 -2.39 13.99
C TYR A 96 -6.69 -2.63 13.33
N TRP A 97 -6.79 -2.29 12.05
CA TRP A 97 -8.02 -2.48 11.30
C TRP A 97 -8.28 -3.95 11.04
N SER A 98 -7.22 -4.72 10.86
CA SER A 98 -7.33 -6.15 10.60
C SER A 98 -8.12 -6.85 11.71
N GLN A 99 -7.98 -6.33 12.93
CA GLN A 99 -8.67 -6.91 14.08
C GLN A 99 -10.18 -6.93 13.84
N GLN A 100 -10.65 -6.04 12.98
CA GLN A 100 -12.08 -5.95 12.67
C GLN A 100 -12.44 -6.87 11.51
N GLN A 101 -11.64 -6.83 10.45
CA GLN A 101 -11.87 -7.67 9.28
C GLN A 101 -10.57 -8.30 8.80
N GLY A 102 -10.69 -9.50 8.22
CA GLY A 102 -9.52 -10.20 7.73
C GLY A 102 -9.47 -10.26 6.22
N LYS A 103 -8.34 -10.70 5.68
CA LYS A 103 -8.16 -10.80 4.24
C LYS A 103 -6.81 -11.43 3.89
N GLN A 104 -6.79 -12.22 2.82
CA GLN A 104 -5.56 -12.87 2.39
C GLN A 104 -5.42 -12.81 0.88
N HIS A 105 -4.25 -13.20 0.38
CA HIS A 105 -3.97 -13.17 -1.05
C HIS A 105 -2.61 -13.78 -1.35
N VAL A 106 -2.39 -14.12 -2.62
CA VAL A 106 -1.12 -14.72 -3.05
C VAL A 106 -0.16 -13.65 -3.56
N GLU A 107 0.98 -14.09 -4.07
CA GLU A 107 1.98 -13.17 -4.60
C GLU A 107 2.43 -13.59 -6.00
N PRO A 108 2.96 -12.63 -6.77
CA PRO A 108 3.43 -12.88 -8.13
C PRO A 108 4.70 -13.74 -8.16
N LEU A 109 5.30 -13.85 -9.34
CA LEU A 109 6.52 -14.64 -9.50
C LEU A 109 7.60 -13.83 -10.19
N LYS A 110 8.85 -14.27 -10.02
CA LYS A 110 9.98 -13.58 -10.63
C LYS A 110 10.75 -14.52 -11.56
N ILE A 111 11.80 -14.00 -12.18
CA ILE A 111 12.63 -14.80 -13.09
C ILE A 111 14.10 -14.49 -12.91
N LEU A 112 14.94 -15.10 -13.74
CA LEU A 112 16.38 -14.89 -13.68
C LEU A 112 16.92 -14.41 -15.01
N ASP A 113 17.75 -13.37 -14.98
CA ASP A 113 18.34 -12.81 -16.19
C ASP A 113 19.57 -13.62 -16.62
N ALA A 114 20.60 -13.61 -15.76
CA ALA A 114 21.83 -14.33 -16.05
C ALA A 114 22.51 -13.79 -17.29
N LYS A 115 22.77 -12.49 -17.30
CA LYS A 115 23.41 -11.84 -18.44
C LYS A 115 24.92 -11.77 -18.24
N ALA A 116 25.63 -11.27 -19.24
CA ALA A 116 27.09 -11.15 -19.18
C ALA A 116 27.62 -10.29 -20.32
N GLN A 117 28.89 -9.90 -20.22
CA GLN A 117 29.51 -9.08 -21.23
C GLN A 117 30.99 -8.87 -20.94
N LYS A 118 31.68 -8.18 -21.84
CA LYS A 118 33.11 -7.91 -21.67
C LYS A 118 33.91 -9.21 -21.65
N VAL A 119 33.71 -10.03 -22.68
CA VAL A 119 34.41 -11.31 -22.78
C VAL A 119 35.90 -11.09 -23.07
N GLY A 120 36.20 -10.03 -23.79
CA GLY A 120 37.58 -9.73 -24.13
C GLY A 120 37.72 -8.60 -25.13
N ALA A 121 38.93 -8.38 -25.62
CA ALA A 121 39.18 -7.33 -26.60
C ALA A 121 38.57 -7.68 -27.95
N PRO A 1 23.14 13.70 -34.54
CA PRO A 1 21.76 13.22 -34.48
C PRO A 1 20.88 14.09 -33.58
N VAL A 2 19.84 14.67 -34.17
CA VAL A 2 18.92 15.53 -33.43
C VAL A 2 17.49 14.99 -33.49
N ASN A 3 17.19 14.03 -32.61
CA ASN A 3 15.86 13.44 -32.57
C ASN A 3 15.46 13.10 -31.14
N GLN A 4 14.56 13.91 -30.57
CA GLN A 4 14.10 13.69 -29.20
C GLN A 4 12.67 14.21 -29.03
N LYS A 5 11.74 13.29 -28.85
CA LYS A 5 10.34 13.65 -28.67
C LYS A 5 9.57 12.53 -27.97
N SER A 6 9.17 12.79 -26.73
CA SER A 6 8.43 11.82 -25.94
C SER A 6 7.05 12.34 -25.57
N LYS A 7 6.01 11.75 -26.14
CA LYS A 7 4.64 12.16 -25.88
C LYS A 7 3.85 11.02 -25.23
N ARG A 8 3.58 9.98 -26.01
CA ARG A 8 2.83 8.83 -25.50
C ARG A 8 3.74 7.91 -24.69
N SER A 9 3.69 8.06 -23.37
CA SER A 9 4.51 7.24 -22.47
C SER A 9 3.68 6.12 -21.85
N GLU A 10 4.14 4.89 -22.01
CA GLU A 10 3.45 3.73 -21.46
C GLU A 10 4.42 2.60 -21.17
N LEU A 11 4.49 2.20 -19.91
CA LEU A 11 5.38 1.12 -19.49
C LEU A 11 4.59 -0.08 -18.97
N SER A 12 5.09 -1.28 -19.24
CA SER A 12 4.43 -2.50 -18.81
C SER A 12 5.45 -3.57 -18.46
N GLN A 13 5.66 -3.78 -17.16
CA GLN A 13 6.60 -4.78 -16.68
C GLN A 13 5.93 -6.14 -16.51
N ARG A 14 6.68 -7.10 -15.97
CA ARG A 14 6.15 -8.44 -15.74
C ARG A 14 5.64 -8.59 -14.32
N ARG A 15 5.25 -7.48 -13.70
CA ARG A 15 4.74 -7.48 -12.34
C ARG A 15 3.64 -6.44 -12.16
N ILE A 16 3.09 -6.37 -10.96
CA ILE A 16 2.02 -5.43 -10.66
C ILE A 16 2.56 -4.24 -9.87
N ARG A 17 3.68 -4.44 -9.18
CA ARG A 17 4.28 -3.38 -8.39
C ARG A 17 4.80 -2.25 -9.29
N ARG A 18 4.78 -1.04 -8.77
CA ARG A 18 5.24 0.13 -9.53
C ARG A 18 6.42 0.81 -8.81
N PRO A 19 7.18 1.60 -9.58
CA PRO A 19 8.35 2.32 -9.05
C PRO A 19 7.94 3.45 -8.10
N PHE A 20 7.64 3.09 -6.86
CA PHE A 20 7.24 4.08 -5.86
C PHE A 20 8.45 4.56 -5.06
N SER A 21 8.45 5.85 -4.71
CA SER A 21 9.54 6.44 -3.95
C SER A 21 9.10 6.76 -2.52
N VAL A 22 10.03 7.28 -1.73
CA VAL A 22 9.75 7.63 -0.35
C VAL A 22 8.52 8.54 -0.25
N ALA A 23 8.41 9.47 -1.19
CA ALA A 23 7.29 10.41 -1.22
C ALA A 23 5.99 9.69 -1.57
N GLU A 24 6.04 8.86 -2.61
CA GLU A 24 4.86 8.12 -3.05
C GLU A 24 4.35 7.19 -1.93
N VAL A 25 5.24 6.35 -1.43
CA VAL A 25 4.88 5.42 -0.36
C VAL A 25 4.36 6.16 0.86
N GLU A 26 4.92 7.35 1.11
CA GLU A 26 4.51 8.16 2.25
C GLU A 26 3.04 8.53 2.15
N ALA A 27 2.64 9.08 1.01
CA ALA A 27 1.26 9.48 0.79
C ALA A 27 0.34 8.27 0.79
N LEU A 28 0.86 7.13 0.37
CA LEU A 28 0.08 5.90 0.33
C LEU A 28 -0.28 5.42 1.73
N VAL A 29 0.73 5.25 2.57
CA VAL A 29 0.53 4.80 3.94
C VAL A 29 -0.16 5.88 4.77
N GLU A 30 0.30 7.12 4.62
CA GLU A 30 -0.27 8.24 5.35
C GLU A 30 -1.80 8.28 5.20
N ALA A 31 -2.26 8.15 3.96
CA ALA A 31 -3.69 8.17 3.68
C ALA A 31 -4.37 6.92 4.23
N VAL A 32 -3.67 5.80 4.19
CA VAL A 32 -4.21 4.54 4.69
C VAL A 32 -4.33 4.55 6.21
N GLU A 33 -3.47 5.35 6.85
CA GLU A 33 -3.47 5.46 8.31
C GLU A 33 -4.66 6.28 8.80
N HIS A 34 -5.00 7.31 8.03
CA HIS A 34 -6.13 8.18 8.38
C HIS A 34 -7.44 7.60 7.86
N LEU A 35 -7.45 7.20 6.59
CA LEU A 35 -8.64 6.63 5.97
C LEU A 35 -8.81 5.17 6.36
N GLY A 36 -7.70 4.53 6.71
CA GLY A 36 -7.74 3.13 7.09
C GLY A 36 -7.65 2.19 5.90
N THR A 37 -7.86 0.91 6.14
CA THR A 37 -7.80 -0.09 5.09
C THR A 37 -9.20 -0.45 4.58
N GLY A 38 -10.09 0.53 4.60
CA GLY A 38 -11.45 0.30 4.14
C GLY A 38 -11.95 1.41 3.24
N ARG A 39 -11.08 2.36 2.94
CA ARG A 39 -11.44 3.48 2.07
C ARG A 39 -10.37 3.72 1.02
N TRP A 40 -10.44 2.99 -0.08
CA TRP A 40 -9.48 3.12 -1.17
C TRP A 40 -9.65 4.46 -1.89
N ARG A 41 -10.88 4.75 -2.29
CA ARG A 41 -11.18 5.99 -2.99
C ARG A 41 -10.67 7.20 -2.19
N ASP A 42 -10.97 7.23 -0.90
CA ASP A 42 -10.54 8.31 -0.04
C ASP A 42 -9.02 8.41 0.00
N VAL A 43 -8.36 7.26 0.02
CA VAL A 43 -6.90 7.21 0.06
C VAL A 43 -6.30 7.91 -1.15
N LYS A 44 -6.99 7.82 -2.28
CA LYS A 44 -6.53 8.45 -3.51
C LYS A 44 -6.61 9.96 -3.42
N MET A 45 -7.73 10.47 -2.91
CA MET A 45 -7.93 11.90 -2.77
C MET A 45 -7.07 12.46 -1.63
N ARG A 46 -6.85 11.63 -0.61
CA ARG A 46 -6.04 12.04 0.54
C ARG A 46 -4.55 11.99 0.20
N ALA A 47 -4.15 10.95 -0.52
CA ALA A 47 -2.75 10.79 -0.90
C ALA A 47 -2.41 11.66 -2.11
N PHE A 48 -2.94 11.29 -3.28
CA PHE A 48 -2.70 12.03 -4.50
C PHE A 48 -3.44 13.36 -4.49
N ASP A 49 -2.69 14.46 -4.67
CA ASP A 49 -3.28 15.79 -4.68
C ASP A 49 -4.04 16.03 -5.98
N ASN A 50 -3.53 15.48 -7.07
CA ASN A 50 -4.17 15.64 -8.38
C ASN A 50 -4.16 14.33 -9.15
N ALA A 51 -4.87 13.34 -8.65
CA ALA A 51 -4.94 12.04 -9.30
C ALA A 51 -5.72 12.12 -10.61
N ASP A 52 -6.55 13.15 -10.73
CA ASP A 52 -7.34 13.34 -11.94
C ASP A 52 -8.34 12.19 -12.12
N HIS A 53 -8.55 11.43 -11.06
CA HIS A 53 -9.48 10.30 -11.10
C HIS A 53 -9.51 9.57 -9.75
N ARG A 54 -10.46 8.65 -9.61
CA ARG A 54 -10.59 7.89 -8.38
C ARG A 54 -10.21 6.43 -8.59
N THR A 55 -9.01 6.07 -8.16
CA THR A 55 -8.52 4.70 -8.31
C THR A 55 -8.61 3.95 -6.99
N TYR A 56 -8.43 2.63 -7.06
CA TYR A 56 -8.50 1.79 -5.87
C TYR A 56 -7.43 0.70 -5.92
N VAL A 57 -7.24 0.11 -7.10
CA VAL A 57 -6.26 -0.94 -7.29
C VAL A 57 -4.84 -0.39 -7.21
N ASP A 58 -4.66 0.84 -7.68
CA ASP A 58 -3.35 1.49 -7.66
C ASP A 58 -2.84 1.64 -6.24
N LEU A 59 -3.67 2.21 -5.37
CA LEU A 59 -3.29 2.41 -3.97
C LEU A 59 -3.35 1.09 -3.20
N LYS A 60 -4.19 0.18 -3.65
CA LYS A 60 -4.34 -1.12 -3.01
C LYS A 60 -3.09 -1.98 -3.24
N ASP A 61 -2.51 -1.85 -4.42
CA ASP A 61 -1.31 -2.62 -4.77
C ASP A 61 -0.10 -2.11 -4.00
N LYS A 62 0.08 -0.79 -3.98
CA LYS A 62 1.19 -0.17 -3.28
C LYS A 62 1.08 -0.39 -1.77
N TRP A 63 -0.16 -0.49 -1.29
CA TRP A 63 -0.40 -0.70 0.14
C TRP A 63 -0.01 -2.11 0.54
N LYS A 64 -0.59 -3.11 -0.14
CA LYS A 64 -0.31 -4.50 0.15
C LYS A 64 1.19 -4.75 0.21
N THR A 65 1.91 -4.29 -0.81
CA THR A 65 3.36 -4.46 -0.88
C THR A 65 4.05 -3.71 0.25
N LEU A 66 3.46 -2.61 0.68
CA LEU A 66 4.03 -1.82 1.77
C LEU A 66 4.08 -2.61 3.06
N VAL A 67 2.95 -3.16 3.46
CA VAL A 67 2.85 -3.95 4.68
C VAL A 67 3.86 -5.10 4.66
N HIS A 68 3.81 -5.90 3.61
CA HIS A 68 4.71 -7.04 3.47
C HIS A 68 6.17 -6.59 3.64
N THR A 69 6.48 -5.40 3.15
CA THR A 69 7.82 -4.86 3.25
C THR A 69 8.21 -4.56 4.70
N ALA A 70 7.20 -4.23 5.50
CA ALA A 70 7.43 -3.92 6.91
C ALA A 70 8.18 -5.05 7.60
N SER A 71 7.71 -6.28 7.41
CA SER A 71 8.34 -7.45 8.02
C SER A 71 7.45 -8.68 7.87
N ILE A 72 7.29 -9.14 6.63
CA ILE A 72 6.47 -10.31 6.35
C ILE A 72 7.26 -11.36 5.57
N ALA A 73 7.43 -11.12 4.28
CA ALA A 73 8.17 -12.05 3.43
C ALA A 73 9.57 -11.51 3.11
N PRO A 74 10.59 -12.37 3.25
CA PRO A 74 11.97 -12.01 2.98
C PRO A 74 12.24 -11.78 1.50
N GLN A 75 11.46 -12.43 0.65
CA GLN A 75 11.61 -12.31 -0.79
C GLN A 75 10.99 -11.00 -1.29
N GLN A 76 10.22 -10.35 -0.42
CA GLN A 76 9.58 -9.09 -0.77
C GLN A 76 10.56 -7.93 -0.66
N ARG A 77 11.72 -8.19 -0.07
CA ARG A 77 12.74 -7.16 0.10
C ARG A 77 13.61 -7.05 -1.16
N ARG A 78 13.51 -5.91 -1.83
CA ARG A 78 14.29 -5.67 -3.04
C ARG A 78 15.68 -5.16 -2.71
N GLY A 79 15.77 -3.89 -2.33
CA GLY A 79 17.05 -3.31 -1.98
C GLY A 79 16.92 -1.86 -1.52
N GLU A 80 16.06 -1.10 -2.19
CA GLU A 80 15.86 0.30 -1.83
C GLU A 80 15.58 0.45 -0.34
N PRO A 81 16.19 1.46 0.28
CA PRO A 81 16.02 1.73 1.71
C PRO A 81 14.63 2.26 2.04
N VAL A 82 13.93 1.55 2.91
CA VAL A 82 12.59 1.94 3.32
C VAL A 82 12.57 2.46 4.75
N PRO A 83 11.90 3.60 4.95
CA PRO A 83 11.79 4.23 6.27
C PRO A 83 10.91 3.44 7.22
N GLN A 84 11.43 3.16 8.41
CA GLN A 84 10.69 2.39 9.42
C GLN A 84 9.43 3.15 9.85
N ASP A 85 9.41 4.46 9.60
CA ASP A 85 8.28 5.28 9.96
C ASP A 85 7.02 4.85 9.21
N LEU A 86 7.18 4.61 7.91
CA LEU A 86 6.06 4.18 7.07
C LEU A 86 5.71 2.73 7.33
N LEU A 87 6.72 1.88 7.41
CA LEU A 87 6.52 0.45 7.66
C LEU A 87 5.85 0.23 9.01
N ASP A 88 6.25 1.03 10.00
CA ASP A 88 5.71 0.91 11.34
C ASP A 88 4.28 1.46 11.40
N ARG A 89 4.00 2.45 10.55
CA ARG A 89 2.68 3.06 10.51
C ARG A 89 1.68 2.13 9.84
N VAL A 90 2.05 1.59 8.68
CA VAL A 90 1.18 0.69 7.94
C VAL A 90 0.88 -0.57 8.75
N LEU A 91 1.85 -0.99 9.56
CA LEU A 91 1.69 -2.18 10.38
C LEU A 91 0.71 -1.92 11.52
N ALA A 92 0.80 -0.73 12.11
CA ALA A 92 -0.09 -0.36 13.21
C ALA A 92 -1.52 -0.19 12.73
N ALA A 93 -1.69 0.44 11.58
CA ALA A 93 -3.01 0.66 11.01
C ALA A 93 -3.61 -0.64 10.48
N HIS A 94 -2.82 -1.37 9.69
CA HIS A 94 -3.28 -2.63 9.12
C HIS A 94 -3.74 -3.58 10.21
N ALA A 95 -2.94 -3.68 11.28
CA ALA A 95 -3.28 -4.55 12.40
C ALA A 95 -4.45 -4.01 13.20
N TYR A 96 -4.41 -2.72 13.51
CA TYR A 96 -5.47 -2.08 14.27
C TYR A 96 -6.82 -2.26 13.58
N TRP A 97 -6.86 -1.97 12.29
CA TRP A 97 -8.09 -2.10 11.51
C TRP A 97 -8.46 -3.56 11.32
N SER A 98 -7.44 -4.41 11.16
CA SER A 98 -7.66 -5.83 10.96
C SER A 98 -8.52 -6.41 12.08
N GLN A 99 -8.32 -5.92 13.29
CA GLN A 99 -9.07 -6.38 14.45
C GLN A 99 -10.57 -6.21 14.23
N GLN A 100 -10.92 -5.27 13.36
CA GLN A 100 -12.33 -5.00 13.05
C GLN A 100 -12.59 -5.09 11.55
N GLN A 101 -11.96 -6.07 10.91
CA GLN A 101 -12.12 -6.28 9.47
C GLN A 101 -12.06 -7.75 9.11
N GLY A 102 -12.58 -8.10 7.93
CA GLY A 102 -12.58 -9.48 7.50
C GLY A 102 -11.52 -9.75 6.45
N LYS A 103 -11.51 -10.97 5.92
CA LYS A 103 -10.54 -11.35 4.91
C LYS A 103 -9.11 -11.04 5.36
N GLN A 104 -8.63 -11.81 6.32
CA GLN A 104 -7.28 -11.61 6.85
C GLN A 104 -6.49 -12.91 6.85
N HIS A 105 -5.18 -12.81 7.04
CA HIS A 105 -4.32 -14.00 7.08
C HIS A 105 -3.83 -14.28 8.49
N VAL A 106 -2.95 -13.43 8.99
CA VAL A 106 -2.40 -13.58 10.33
C VAL A 106 -3.41 -13.13 11.39
N GLU A 107 -3.33 -13.74 12.56
CA GLU A 107 -4.24 -13.40 13.66
C GLU A 107 -3.86 -12.06 14.28
N PRO A 108 -4.81 -11.45 15.00
CA PRO A 108 -4.60 -10.15 15.66
C PRO A 108 -3.63 -10.25 16.84
N LEU A 109 -3.62 -11.40 17.49
CA LEU A 109 -2.74 -11.62 18.63
C LEU A 109 -3.06 -10.65 19.77
N LYS A 110 -4.25 -10.06 19.71
CA LYS A 110 -4.69 -9.12 20.74
C LYS A 110 -6.21 -9.17 20.91
N ILE A 111 -6.67 -8.80 22.11
CA ILE A 111 -8.10 -8.81 22.40
C ILE A 111 -8.85 -7.85 21.49
N LEU A 112 -10.07 -8.21 21.13
CA LEU A 112 -10.90 -7.37 20.27
C LEU A 112 -12.14 -6.88 21.01
N ASP A 113 -12.89 -5.99 20.38
CA ASP A 113 -14.09 -5.44 20.97
C ASP A 113 -14.83 -4.54 19.99
N ALA A 114 -16.16 -4.61 20.00
CA ALA A 114 -16.98 -3.81 19.10
C ALA A 114 -18.46 -4.06 19.33
N LYS A 115 -19.26 -3.01 19.26
CA LYS A 115 -20.71 -3.12 19.45
C LYS A 115 -21.39 -1.79 19.17
N ALA A 116 -22.23 -1.77 18.14
CA ALA A 116 -22.96 -0.57 17.77
C ALA A 116 -24.41 -0.88 17.45
N GLN A 117 -25.33 -0.20 18.15
CA GLN A 117 -26.76 -0.42 17.94
C GLN A 117 -27.58 0.57 18.76
N LYS A 118 -28.76 0.91 18.24
CA LYS A 118 -29.64 1.86 18.93
C LYS A 118 -30.96 1.18 19.29
N VAL A 119 -31.42 1.43 20.52
CA VAL A 119 -32.67 0.86 21.00
C VAL A 119 -33.43 1.84 21.87
N GLY A 120 -34.73 2.00 21.59
CA GLY A 120 -35.54 2.92 22.37
C GLY A 120 -36.82 2.27 22.87
N ALA A 121 -37.13 2.50 24.14
CA ALA A 121 -38.33 1.94 24.74
C ALA A 121 -39.22 3.03 25.34
N PRO A 1 51.09 -13.26 -25.52
CA PRO A 1 49.86 -12.56 -25.91
C PRO A 1 48.63 -13.46 -25.80
N VAL A 2 47.47 -12.84 -25.57
CA VAL A 2 46.23 -13.58 -25.44
C VAL A 2 45.30 -13.30 -26.62
N ASN A 3 45.45 -12.11 -27.21
CA ASN A 3 44.62 -11.72 -28.35
C ASN A 3 43.17 -12.15 -28.15
N GLN A 4 42.69 -11.99 -26.92
CA GLN A 4 41.32 -12.36 -26.60
C GLN A 4 40.39 -11.15 -26.67
N LYS A 5 39.47 -11.17 -27.64
CA LYS A 5 38.53 -10.07 -27.81
C LYS A 5 37.14 -10.46 -27.31
N SER A 6 36.75 -9.89 -26.17
CA SER A 6 35.45 -10.17 -25.59
C SER A 6 34.45 -9.07 -25.92
N LYS A 7 33.41 -9.43 -26.66
CA LYS A 7 32.37 -8.48 -27.04
C LYS A 7 30.99 -8.97 -26.63
N ARG A 8 30.63 -8.69 -25.38
CA ARG A 8 29.33 -9.10 -24.85
C ARG A 8 28.74 -8.01 -23.96
N SER A 9 27.58 -8.31 -23.37
CA SER A 9 26.91 -7.36 -22.50
C SER A 9 27.39 -7.50 -21.06
N GLU A 10 27.57 -6.38 -20.38
CA GLU A 10 28.03 -6.38 -19.00
C GLU A 10 27.05 -5.64 -18.10
N LEU A 11 25.76 -5.91 -18.30
CA LEU A 11 24.72 -5.28 -17.50
C LEU A 11 23.94 -6.31 -16.69
N SER A 12 23.71 -6.01 -15.42
CA SER A 12 22.98 -6.92 -14.54
C SER A 12 21.48 -6.82 -14.78
N GLN A 13 20.74 -7.85 -14.37
CA GLN A 13 19.30 -7.87 -14.53
C GLN A 13 18.64 -6.77 -13.72
N ARG A 14 18.16 -5.73 -14.40
CA ARG A 14 17.51 -4.61 -13.74
C ARG A 14 16.19 -4.26 -14.43
N ARG A 15 15.45 -3.33 -13.84
CA ARG A 15 14.17 -2.91 -14.41
C ARG A 15 14.19 -1.42 -14.72
N ILE A 16 13.23 -0.98 -15.52
CA ILE A 16 13.13 0.43 -15.90
C ILE A 16 12.17 1.18 -14.98
N ARG A 17 10.95 0.70 -14.88
CA ARG A 17 9.93 1.32 -14.04
C ARG A 17 10.26 1.11 -12.56
N ARG A 18 10.67 2.18 -11.89
CA ARG A 18 11.02 2.12 -10.48
C ARG A 18 9.79 2.36 -9.61
N PRO A 19 9.87 1.94 -8.34
CA PRO A 19 8.78 2.10 -7.38
C PRO A 19 8.56 3.54 -6.98
N PHE A 20 7.72 3.76 -5.97
CA PHE A 20 7.43 5.11 -5.49
C PHE A 20 8.44 5.54 -4.44
N SER A 21 8.78 6.82 -4.45
CA SER A 21 9.75 7.36 -3.50
C SER A 21 9.13 7.49 -2.11
N VAL A 22 9.98 7.59 -1.09
CA VAL A 22 9.52 7.71 0.29
C VAL A 22 8.54 8.87 0.44
N ALA A 23 8.76 9.92 -0.34
CA ALA A 23 7.90 11.10 -0.29
C ALA A 23 6.48 10.75 -0.75
N GLU A 24 6.39 10.02 -1.87
CA GLU A 24 5.10 9.63 -2.42
C GLU A 24 4.44 8.58 -1.54
N VAL A 25 5.20 7.55 -1.18
CA VAL A 25 4.69 6.47 -0.35
C VAL A 25 4.09 7.02 0.95
N GLU A 26 4.69 8.08 1.47
CA GLU A 26 4.21 8.70 2.70
C GLU A 26 2.71 9.03 2.61
N ALA A 27 2.32 9.67 1.51
CA ALA A 27 0.94 10.03 1.30
C ALA A 27 0.03 8.80 1.31
N LEU A 28 0.48 7.74 0.64
CA LEU A 28 -0.29 6.50 0.59
C LEU A 28 -0.61 5.99 1.98
N VAL A 29 0.40 5.97 2.85
CA VAL A 29 0.23 5.50 4.22
C VAL A 29 -0.59 6.50 5.04
N GLU A 30 -0.12 7.74 5.08
CA GLU A 30 -0.79 8.79 5.83
C GLU A 30 -2.26 8.89 5.43
N ALA A 31 -2.55 8.55 4.17
CA ALA A 31 -3.91 8.60 3.65
C ALA A 31 -4.73 7.41 4.16
N VAL A 32 -4.16 6.22 4.03
CA VAL A 32 -4.83 5.00 4.47
C VAL A 32 -4.82 4.89 5.99
N GLU A 33 -3.88 5.57 6.63
CA GLU A 33 -3.77 5.55 8.07
C GLU A 33 -4.90 6.35 8.72
N HIS A 34 -5.20 7.51 8.16
CA HIS A 34 -6.26 8.36 8.68
C HIS A 34 -7.62 7.90 8.17
N LEU A 35 -7.69 7.61 6.88
CA LEU A 35 -8.95 7.16 6.27
C LEU A 35 -9.19 5.68 6.55
N GLY A 36 -8.13 4.98 6.94
CA GLY A 36 -8.24 3.56 7.23
C GLY A 36 -8.12 2.69 6.00
N THR A 37 -8.23 1.38 6.18
CA THR A 37 -8.11 0.44 5.07
C THR A 37 -9.49 0.12 4.49
N GLY A 38 -10.42 1.05 4.61
CA GLY A 38 -11.75 0.85 4.09
C GLY A 38 -12.20 1.97 3.16
N ARG A 39 -11.36 3.00 3.04
CA ARG A 39 -11.67 4.14 2.18
C ARG A 39 -10.57 4.35 1.16
N TRP A 40 -10.58 3.56 0.10
CA TRP A 40 -9.58 3.67 -0.96
C TRP A 40 -9.77 4.96 -1.75
N ARG A 41 -11.01 5.28 -2.07
CA ARG A 41 -11.32 6.49 -2.83
C ARG A 41 -10.69 7.72 -2.17
N ASP A 42 -10.90 7.86 -0.87
CA ASP A 42 -10.35 8.98 -0.12
C ASP A 42 -8.82 8.91 -0.07
N VAL A 43 -8.30 7.69 -0.07
CA VAL A 43 -6.85 7.50 -0.03
C VAL A 43 -6.18 8.01 -1.30
N LYS A 44 -6.87 7.85 -2.42
CA LYS A 44 -6.35 8.31 -3.71
C LYS A 44 -6.30 9.83 -3.78
N MET A 45 -7.40 10.47 -3.36
CA MET A 45 -7.48 11.92 -3.37
C MET A 45 -6.62 12.53 -2.27
N ARG A 46 -6.47 11.80 -1.16
CA ARG A 46 -5.67 12.26 -0.04
C ARG A 46 -4.19 12.09 -0.33
N ALA A 47 -3.83 10.96 -0.94
CA ALA A 47 -2.45 10.67 -1.27
C ALA A 47 -2.02 11.40 -2.55
N PHE A 48 -2.61 11.00 -3.67
CA PHE A 48 -2.30 11.61 -4.96
C PHE A 48 -2.85 13.02 -5.04
N ASP A 49 -1.98 13.98 -5.33
CA ASP A 49 -2.39 15.37 -5.44
C ASP A 49 -3.20 15.61 -6.71
N ASN A 50 -2.85 14.88 -7.77
CA ASN A 50 -3.55 15.00 -9.04
C ASN A 50 -4.05 13.64 -9.53
N ALA A 51 -5.13 13.17 -8.92
CA ALA A 51 -5.71 11.87 -9.28
C ALA A 51 -7.02 12.07 -10.05
N ASP A 52 -6.92 12.28 -11.35
CA ASP A 52 -8.09 12.47 -12.19
C ASP A 52 -9.11 11.35 -11.98
N HIS A 53 -8.65 10.12 -12.15
CA HIS A 53 -9.52 8.95 -11.98
C HIS A 53 -9.34 8.34 -10.59
N ARG A 54 -10.45 8.18 -9.87
CA ARG A 54 -10.41 7.60 -8.54
C ARG A 54 -10.12 6.11 -8.59
N THR A 55 -8.87 5.74 -8.27
CA THR A 55 -8.46 4.34 -8.29
C THR A 55 -8.42 3.77 -6.88
N TYR A 56 -8.49 2.45 -6.78
CA TYR A 56 -8.46 1.77 -5.49
C TYR A 56 -7.42 0.66 -5.48
N VAL A 57 -7.30 -0.04 -6.61
CA VAL A 57 -6.33 -1.13 -6.73
C VAL A 57 -4.91 -0.60 -6.73
N ASP A 58 -4.73 0.59 -7.29
CA ASP A 58 -3.40 1.20 -7.36
C ASP A 58 -2.87 1.49 -5.96
N LEU A 59 -3.68 2.16 -5.14
CA LEU A 59 -3.29 2.50 -3.79
C LEU A 59 -3.29 1.26 -2.89
N LYS A 60 -4.27 0.38 -3.11
CA LYS A 60 -4.39 -0.84 -2.32
C LYS A 60 -3.22 -1.78 -2.61
N ASP A 61 -2.74 -1.76 -3.84
CA ASP A 61 -1.62 -2.61 -4.24
C ASP A 61 -0.33 -2.16 -3.55
N LYS A 62 -0.04 -0.86 -3.62
CA LYS A 62 1.16 -0.31 -3.00
C LYS A 62 1.20 -0.64 -1.51
N TRP A 63 0.06 -0.48 -0.84
CA TRP A 63 -0.03 -0.75 0.58
C TRP A 63 0.22 -2.24 0.87
N LYS A 64 -0.41 -3.09 0.08
CA LYS A 64 -0.26 -4.54 0.25
C LYS A 64 1.22 -4.92 0.35
N THR A 65 2.01 -4.46 -0.62
CA THR A 65 3.44 -4.75 -0.64
C THR A 65 4.17 -3.99 0.45
N LEU A 66 3.62 -2.84 0.84
CA LEU A 66 4.23 -2.02 1.87
C LEU A 66 4.26 -2.74 3.21
N VAL A 67 3.09 -3.20 3.67
CA VAL A 67 2.99 -3.92 4.92
C VAL A 67 3.84 -5.19 4.90
N HIS A 68 3.76 -5.93 3.81
CA HIS A 68 4.51 -7.17 3.65
C HIS A 68 6.02 -6.90 3.74
N THR A 69 6.42 -5.68 3.38
CA THR A 69 7.82 -5.30 3.43
C THR A 69 8.27 -5.00 4.85
N ALA A 70 7.34 -4.53 5.68
CA ALA A 70 7.64 -4.21 7.06
C ALA A 70 8.31 -5.39 7.77
N SER A 71 7.71 -6.57 7.62
CA SER A 71 8.25 -7.78 8.25
C SER A 71 7.29 -8.95 8.06
N ILE A 72 7.15 -9.40 6.82
CA ILE A 72 6.27 -10.52 6.51
C ILE A 72 6.98 -11.55 5.64
N ALA A 73 7.18 -11.22 4.38
CA ALA A 73 7.86 -12.13 3.45
C ALA A 73 9.29 -11.69 3.20
N PRO A 74 10.22 -12.66 3.14
CA PRO A 74 11.64 -12.39 2.90
C PRO A 74 11.91 -11.93 1.49
N GLN A 75 11.21 -12.51 0.53
CA GLN A 75 11.38 -12.14 -0.88
C GLN A 75 10.75 -10.79 -1.17
N GLN A 76 9.94 -10.31 -0.23
CA GLN A 76 9.28 -9.03 -0.39
C GLN A 76 10.22 -7.87 -0.04
N ARG A 77 11.16 -8.15 0.85
CA ARG A 77 12.13 -7.13 1.27
C ARG A 77 13.30 -7.06 0.30
N ARG A 78 13.42 -5.94 -0.41
CA ARG A 78 14.50 -5.76 -1.36
C ARG A 78 14.39 -4.39 -2.04
N GLY A 79 15.19 -4.18 -3.09
CA GLY A 79 15.17 -2.92 -3.80
C GLY A 79 15.66 -1.77 -2.96
N GLU A 80 15.28 -0.55 -3.34
CA GLU A 80 15.70 0.64 -2.62
C GLU A 80 15.39 0.51 -1.14
N PRO A 81 16.17 1.21 -0.29
CA PRO A 81 15.98 1.19 1.15
C PRO A 81 14.71 1.89 1.60
N VAL A 82 13.85 1.16 2.30
CA VAL A 82 12.59 1.71 2.78
C VAL A 82 12.71 2.21 4.22
N PRO A 83 12.10 3.36 4.51
CA PRO A 83 12.13 3.96 5.84
C PRO A 83 11.32 3.16 6.85
N GLN A 84 11.94 2.85 7.99
CA GLN A 84 11.27 2.09 9.04
C GLN A 84 10.07 2.85 9.58
N ASP A 85 10.05 4.16 9.33
CA ASP A 85 8.94 5.00 9.80
C ASP A 85 7.64 4.62 9.10
N LEU A 86 7.71 4.38 7.80
CA LEU A 86 6.54 4.00 7.02
C LEU A 86 6.12 2.57 7.32
N LEU A 87 7.08 1.65 7.27
CA LEU A 87 6.83 0.24 7.54
C LEU A 87 6.13 0.06 8.88
N ASP A 88 6.59 0.81 9.88
CA ASP A 88 6.01 0.73 11.22
C ASP A 88 4.56 1.21 11.21
N ARG A 89 4.32 2.37 10.62
CA ARG A 89 2.98 2.92 10.54
C ARG A 89 2.05 2.02 9.74
N VAL A 90 2.58 1.45 8.66
CA VAL A 90 1.80 0.54 7.82
C VAL A 90 1.28 -0.64 8.61
N LEU A 91 2.18 -1.32 9.32
CA LEU A 91 1.80 -2.47 10.12
C LEU A 91 0.81 -2.09 11.20
N ALA A 92 0.81 -0.82 11.60
CA ALA A 92 -0.10 -0.33 12.62
C ALA A 92 -1.54 -0.40 12.14
N ALA A 93 -1.79 0.16 10.97
CA ALA A 93 -3.14 0.16 10.40
C ALA A 93 -3.54 -1.23 9.92
N HIS A 94 -2.62 -1.89 9.23
CA HIS A 94 -2.87 -3.24 8.72
C HIS A 94 -3.33 -4.17 9.84
N ALA A 95 -2.65 -4.09 10.98
CA ALA A 95 -2.98 -4.94 12.13
C ALA A 95 -4.21 -4.39 12.86
N TYR A 96 -4.21 -3.09 13.11
CA TYR A 96 -5.32 -2.45 13.81
C TYR A 96 -6.64 -2.75 13.11
N TRP A 97 -6.69 -2.54 11.80
CA TRP A 97 -7.90 -2.79 11.02
C TRP A 97 -8.16 -4.29 10.90
N SER A 98 -7.08 -5.07 10.85
CA SER A 98 -7.20 -6.52 10.72
C SER A 98 -8.05 -7.09 11.85
N GLN A 99 -7.94 -6.50 13.03
CA GLN A 99 -8.68 -6.95 14.20
C GLN A 99 -10.18 -6.92 13.92
N GLN A 100 -10.60 -6.05 13.00
CA GLN A 100 -12.00 -5.92 12.64
C GLN A 100 -12.35 -6.83 11.46
N GLN A 101 -11.68 -6.61 10.34
CA GLN A 101 -11.92 -7.40 9.14
C GLN A 101 -11.31 -8.78 9.28
N GLY A 102 -11.40 -9.58 8.21
CA GLY A 102 -10.85 -10.92 8.24
C GLY A 102 -9.34 -10.93 8.44
N LYS A 103 -8.73 -12.08 8.19
CA LYS A 103 -7.29 -12.22 8.36
C LYS A 103 -6.74 -13.33 7.45
N GLN A 104 -5.44 -13.54 7.50
CA GLN A 104 -4.80 -14.58 6.70
C GLN A 104 -3.53 -15.10 7.38
N HIS A 105 -2.88 -16.05 6.74
CA HIS A 105 -1.66 -16.64 7.29
C HIS A 105 -0.64 -15.55 7.64
N VAL A 106 -0.47 -15.32 8.94
CA VAL A 106 0.47 -14.31 9.41
C VAL A 106 0.61 -14.36 10.93
N GLU A 107 1.82 -14.10 11.41
CA GLU A 107 2.09 -14.11 12.84
C GLU A 107 1.65 -12.81 13.50
N PRO A 108 1.46 -12.85 14.83
CA PRO A 108 1.03 -11.68 15.61
C PRO A 108 2.10 -10.61 15.69
N LEU A 109 1.76 -9.47 16.26
CA LEU A 109 2.68 -8.36 16.41
C LEU A 109 2.08 -7.22 17.23
N LYS A 110 2.94 -6.40 17.81
CA LYS A 110 2.48 -5.28 18.62
C LYS A 110 2.28 -4.04 17.75
N ILE A 111 1.21 -3.30 18.02
CA ILE A 111 0.90 -2.09 17.27
C ILE A 111 1.28 -0.84 18.05
N LEU A 112 1.75 0.18 17.34
CA LEU A 112 2.14 1.43 17.97
C LEU A 112 1.30 2.60 17.47
N ASP A 113 1.04 3.56 18.34
CA ASP A 113 0.26 4.73 17.98
C ASP A 113 0.58 5.91 18.88
N ALA A 114 0.24 7.11 18.43
CA ALA A 114 0.50 8.33 19.19
C ALA A 114 -0.62 9.35 19.00
N LYS A 115 -0.62 10.39 19.83
CA LYS A 115 -1.63 11.43 19.75
C LYS A 115 -1.00 12.81 19.91
N ALA A 116 -1.02 13.60 18.85
CA ALA A 116 -0.46 14.94 18.87
C ALA A 116 -1.45 15.95 19.45
N GLN A 117 -0.93 16.97 20.11
CA GLN A 117 -1.77 18.00 20.71
C GLN A 117 -1.63 19.32 19.97
N LYS A 118 -2.34 20.33 20.43
CA LYS A 118 -2.30 21.66 19.80
C LYS A 118 -2.95 22.71 20.69
N VAL A 119 -2.37 23.89 20.74
CA VAL A 119 -2.89 24.98 21.54
C VAL A 119 -3.69 25.97 20.69
N GLY A 120 -4.72 26.56 21.30
CA GLY A 120 -5.55 27.52 20.59
C GLY A 120 -5.34 28.94 21.07
N ALA A 121 -5.78 29.22 22.29
CA ALA A 121 -5.65 30.55 22.86
C ALA A 121 -4.20 31.03 22.80
N PRO A 1 -10.92 -36.27 12.09
CA PRO A 1 -10.73 -35.38 10.95
C PRO A 1 -9.95 -34.13 11.31
N VAL A 2 -9.12 -33.66 10.38
CA VAL A 2 -8.32 -32.46 10.61
C VAL A 2 -8.01 -31.74 9.29
N ASN A 3 -8.57 -30.54 9.15
CA ASN A 3 -8.36 -29.75 7.95
C ASN A 3 -7.92 -28.33 8.30
N GLN A 4 -6.63 -28.18 8.58
CA GLN A 4 -6.08 -26.86 8.93
C GLN A 4 -6.36 -25.84 7.83
N LYS A 5 -7.01 -24.75 8.20
CA LYS A 5 -7.35 -23.70 7.26
C LYS A 5 -6.16 -22.77 7.04
N SER A 6 -5.45 -22.98 5.93
CA SER A 6 -4.28 -22.16 5.60
C SER A 6 -4.46 -21.47 4.25
N LYS A 7 -4.43 -20.15 4.26
CA LYS A 7 -4.58 -19.37 3.05
C LYS A 7 -3.32 -19.43 2.19
N ARG A 8 -3.43 -18.97 0.95
CA ARG A 8 -2.29 -18.97 0.04
C ARG A 8 -2.15 -17.62 -0.65
N SER A 9 -1.12 -17.48 -1.49
CA SER A 9 -0.87 -16.25 -2.21
C SER A 9 -1.29 -16.37 -3.67
N GLU A 10 -1.94 -15.33 -4.18
CA GLU A 10 -2.40 -15.33 -5.56
C GLU A 10 -1.38 -14.62 -6.47
N LEU A 11 -1.16 -15.20 -7.64
CA LEU A 11 -0.21 -14.64 -8.60
C LEU A 11 -0.91 -13.67 -9.55
N SER A 12 -0.42 -12.43 -9.59
CA SER A 12 -1.00 -11.41 -10.47
C SER A 12 -0.35 -11.45 -11.85
N GLN A 13 -0.78 -10.53 -12.72
CA GLN A 13 -0.25 -10.46 -14.07
C GLN A 13 0.52 -9.16 -14.29
N ARG A 14 0.00 -8.08 -13.71
CA ARG A 14 0.63 -6.77 -13.85
C ARG A 14 1.76 -6.61 -12.84
N ARG A 15 2.83 -5.93 -13.26
CA ARG A 15 3.98 -5.72 -12.39
C ARG A 15 4.71 -4.43 -12.78
N ILE A 16 3.97 -3.32 -12.84
CA ILE A 16 4.54 -2.04 -13.19
C ILE A 16 4.03 -0.94 -12.26
N ARG A 17 4.94 -0.05 -11.85
CA ARG A 17 4.59 1.04 -10.97
C ARG A 17 5.40 2.29 -11.29
N ARG A 18 5.23 3.34 -10.49
CA ARG A 18 5.94 4.59 -10.69
C ARG A 18 7.06 4.76 -9.68
N PRO A 19 8.08 5.55 -10.04
CA PRO A 19 9.23 5.81 -9.16
C PRO A 19 8.85 6.67 -7.95
N PHE A 20 8.34 6.02 -6.91
CA PHE A 20 7.94 6.73 -5.70
C PHE A 20 9.08 6.74 -4.68
N SER A 21 9.23 7.86 -4.00
CA SER A 21 10.29 8.01 -3.00
C SER A 21 9.71 8.04 -1.60
N VAL A 22 10.58 8.19 -0.60
CA VAL A 22 10.16 8.23 0.79
C VAL A 22 9.05 9.25 1.00
N ALA A 23 9.16 10.38 0.30
CA ALA A 23 8.16 11.43 0.41
C ALA A 23 6.83 11.01 -0.21
N GLU A 24 6.90 10.37 -1.38
CA GLU A 24 5.70 9.91 -2.07
C GLU A 24 5.00 8.81 -1.26
N VAL A 25 5.74 7.76 -0.95
CA VAL A 25 5.20 6.64 -0.18
C VAL A 25 4.57 7.12 1.12
N GLU A 26 5.16 8.16 1.71
CA GLU A 26 4.67 8.71 2.96
C GLU A 26 3.20 9.12 2.84
N ALA A 27 2.84 9.68 1.68
CA ALA A 27 1.48 10.12 1.43
C ALA A 27 0.54 8.92 1.33
N LEU A 28 1.04 7.82 0.79
CA LEU A 28 0.23 6.61 0.64
C LEU A 28 -0.08 5.99 2.00
N VAL A 29 0.97 5.72 2.78
CA VAL A 29 0.80 5.13 4.10
C VAL A 29 0.01 6.06 5.02
N GLU A 30 0.40 7.33 5.05
CA GLU A 30 -0.27 8.31 5.89
C GLU A 30 -1.74 8.42 5.54
N ALA A 31 -2.06 8.16 4.27
CA ALA A 31 -3.44 8.23 3.79
C ALA A 31 -4.24 7.03 4.28
N VAL A 32 -3.63 5.85 4.19
CA VAL A 32 -4.30 4.62 4.63
C VAL A 32 -4.31 4.51 6.15
N GLU A 33 -3.33 5.15 6.78
CA GLU A 33 -3.24 5.13 8.24
C GLU A 33 -4.33 5.97 8.88
N HIS A 34 -4.58 7.14 8.30
CA HIS A 34 -5.61 8.04 8.81
C HIS A 34 -6.99 7.66 8.27
N LEU A 35 -7.06 7.43 6.96
CA LEU A 35 -8.32 7.06 6.32
C LEU A 35 -8.63 5.58 6.54
N GLY A 36 -7.62 4.82 6.96
CA GLY A 36 -7.80 3.40 7.20
C GLY A 36 -7.80 2.59 5.92
N THR A 37 -7.65 1.27 6.06
CA THR A 37 -7.62 0.39 4.90
C THR A 37 -9.02 0.24 4.29
N GLY A 38 -10.01 0.81 4.96
CA GLY A 38 -11.38 0.73 4.46
C GLY A 38 -11.80 1.99 3.73
N ARG A 39 -10.82 2.78 3.30
CA ARG A 39 -11.09 4.02 2.59
C ARG A 39 -10.12 4.21 1.43
N TRP A 40 -10.20 3.30 0.45
CA TRP A 40 -9.33 3.36 -0.71
C TRP A 40 -9.52 4.67 -1.47
N ARG A 41 -10.78 5.01 -1.76
CA ARG A 41 -11.08 6.24 -2.48
C ARG A 41 -10.46 7.44 -1.79
N ASP A 42 -10.62 7.52 -0.48
CA ASP A 42 -10.07 8.62 0.31
C ASP A 42 -8.55 8.64 0.23
N VAL A 43 -7.95 7.45 0.16
CA VAL A 43 -6.50 7.33 0.08
C VAL A 43 -5.97 7.91 -1.23
N LYS A 44 -6.78 7.82 -2.28
CA LYS A 44 -6.38 8.33 -3.58
C LYS A 44 -6.34 9.86 -3.57
N MET A 45 -7.40 10.48 -3.06
CA MET A 45 -7.47 11.93 -2.99
C MET A 45 -6.56 12.46 -1.90
N ARG A 46 -6.38 11.68 -0.84
CA ARG A 46 -5.53 12.08 0.27
C ARG A 46 -4.05 12.04 -0.12
N ALA A 47 -3.68 11.01 -0.87
CA ALA A 47 -2.30 10.85 -1.32
C ALA A 47 -2.09 11.49 -2.68
N PHE A 48 -2.68 10.89 -3.71
CA PHE A 48 -2.56 11.40 -5.07
C PHE A 48 -3.35 12.69 -5.24
N ASP A 49 -2.67 13.73 -5.70
CA ASP A 49 -3.31 15.03 -5.92
C ASP A 49 -4.25 14.98 -7.11
N ASN A 50 -3.88 14.20 -8.12
CA ASN A 50 -4.69 14.06 -9.33
C ASN A 50 -5.41 12.72 -9.35
N ALA A 51 -6.47 12.61 -8.56
CA ALA A 51 -7.26 11.38 -8.50
C ALA A 51 -8.74 11.66 -8.74
N ASP A 52 -9.19 11.42 -9.96
CA ASP A 52 -10.59 11.63 -10.32
C ASP A 52 -11.18 10.40 -10.99
N HIS A 53 -10.68 10.09 -12.18
CA HIS A 53 -11.16 8.94 -12.94
C HIS A 53 -10.09 7.85 -13.00
N ARG A 54 -9.25 7.80 -11.98
CA ARG A 54 -8.18 6.81 -11.92
C ARG A 54 -8.59 5.61 -11.07
N THR A 55 -7.96 4.46 -11.32
CA THR A 55 -8.26 3.24 -10.57
C THR A 55 -7.68 3.30 -9.16
N TYR A 56 -8.23 2.51 -8.26
CA TYR A 56 -7.77 2.47 -6.87
C TYR A 56 -6.70 1.40 -6.69
N VAL A 57 -6.63 0.46 -7.64
CA VAL A 57 -5.66 -0.62 -7.58
C VAL A 57 -4.25 -0.08 -7.38
N ASP A 58 -3.99 1.10 -7.93
CA ASP A 58 -2.68 1.73 -7.81
C ASP A 58 -2.32 1.94 -6.35
N LEU A 59 -3.23 2.54 -5.59
CA LEU A 59 -2.99 2.79 -4.17
C LEU A 59 -3.13 1.52 -3.35
N LYS A 60 -3.95 0.60 -3.85
CA LYS A 60 -4.16 -0.67 -3.16
C LYS A 60 -2.92 -1.56 -3.26
N ASP A 61 -2.24 -1.49 -4.39
CA ASP A 61 -1.03 -2.28 -4.62
C ASP A 61 0.13 -1.76 -3.77
N LYS A 62 0.34 -0.45 -3.81
CA LYS A 62 1.41 0.18 -3.04
C LYS A 62 1.29 -0.16 -1.57
N TRP A 63 0.08 -0.09 -1.04
CA TRP A 63 -0.17 -0.39 0.36
C TRP A 63 0.05 -1.87 0.65
N LYS A 64 -0.51 -2.72 -0.20
CA LYS A 64 -0.38 -4.17 -0.03
C LYS A 64 1.09 -4.57 -0.01
N THR A 65 1.83 -4.19 -1.04
CA THR A 65 3.25 -4.51 -1.14
C THR A 65 4.03 -3.92 0.03
N LEU A 66 3.55 -2.78 0.53
CA LEU A 66 4.20 -2.10 1.63
C LEU A 66 4.13 -2.94 2.91
N VAL A 67 2.94 -3.45 3.20
CA VAL A 67 2.74 -4.28 4.39
C VAL A 67 3.64 -5.51 4.36
N HIS A 68 3.56 -6.27 3.28
CA HIS A 68 4.37 -7.48 3.13
C HIS A 68 5.85 -7.16 3.34
N THR A 69 6.25 -5.97 2.93
CA THR A 69 7.64 -5.55 3.07
C THR A 69 7.94 -5.08 4.49
N ALA A 70 6.92 -4.58 5.17
CA ALA A 70 7.06 -4.10 6.55
C ALA A 70 7.71 -5.16 7.42
N SER A 71 7.19 -6.38 7.35
CA SER A 71 7.71 -7.48 8.15
C SER A 71 6.84 -8.72 8.01
N ILE A 72 6.82 -9.30 6.80
CA ILE A 72 6.02 -10.49 6.54
C ILE A 72 6.83 -11.52 5.75
N ALA A 73 7.02 -11.25 4.46
CA ALA A 73 7.77 -12.15 3.60
C ALA A 73 9.17 -11.62 3.33
N PRO A 74 10.14 -12.53 3.24
CA PRO A 74 11.55 -12.18 3.00
C PRO A 74 11.77 -11.66 1.58
N GLN A 75 11.24 -12.38 0.59
CA GLN A 75 11.39 -12.00 -0.80
C GLN A 75 10.53 -10.77 -1.11
N GLN A 76 9.61 -10.45 -0.21
CA GLN A 76 8.72 -9.32 -0.40
C GLN A 76 9.42 -8.02 -0.01
N ARG A 77 10.67 -8.13 0.41
CA ARG A 77 11.45 -6.95 0.81
C ARG A 77 11.92 -6.17 -0.41
N ARG A 78 11.40 -4.95 -0.56
CA ARG A 78 11.76 -4.10 -1.68
C ARG A 78 13.28 -3.96 -1.80
N GLY A 79 13.80 -4.14 -3.01
CA GLY A 79 15.23 -4.04 -3.22
C GLY A 79 15.77 -2.68 -2.84
N GLU A 80 14.89 -1.68 -2.77
CA GLU A 80 15.29 -0.33 -2.42
C GLU A 80 15.14 -0.09 -0.92
N PRO A 81 15.84 0.93 -0.41
CA PRO A 81 15.80 1.30 1.01
C PRO A 81 14.46 1.88 1.43
N VAL A 82 13.83 1.26 2.41
CA VAL A 82 12.53 1.72 2.90
C VAL A 82 12.64 2.23 4.34
N PRO A 83 11.95 3.34 4.64
CA PRO A 83 11.95 3.94 5.98
C PRO A 83 11.20 3.08 7.00
N GLN A 84 11.86 2.81 8.11
CA GLN A 84 11.25 2.00 9.17
C GLN A 84 10.07 2.72 9.80
N ASP A 85 10.00 4.03 9.59
CA ASP A 85 8.90 4.83 10.14
C ASP A 85 7.59 4.50 9.45
N LEU A 86 7.64 4.30 8.14
CA LEU A 86 6.46 3.97 7.37
C LEU A 86 6.01 2.53 7.63
N LEU A 87 6.93 1.60 7.45
CA LEU A 87 6.63 0.19 7.66
C LEU A 87 6.04 -0.04 9.05
N ASP A 88 6.47 0.78 10.01
CA ASP A 88 5.97 0.67 11.38
C ASP A 88 4.52 1.12 11.47
N ARG A 89 4.22 2.25 10.86
CA ARG A 89 2.87 2.80 10.88
C ARG A 89 1.91 1.88 10.11
N VAL A 90 2.38 1.36 8.98
CA VAL A 90 1.57 0.48 8.15
C VAL A 90 1.10 -0.74 8.94
N LEU A 91 2.03 -1.38 9.65
CA LEU A 91 1.71 -2.55 10.45
C LEU A 91 0.80 -2.19 11.61
N ALA A 92 0.89 -0.95 12.08
CA ALA A 92 0.06 -0.48 13.18
C ALA A 92 -1.40 -0.39 12.76
N ALA A 93 -1.66 0.23 11.62
CA ALA A 93 -3.01 0.38 11.11
C ALA A 93 -3.55 -0.94 10.57
N HIS A 94 -2.72 -1.65 9.81
CA HIS A 94 -3.11 -2.93 9.24
C HIS A 94 -3.62 -3.88 10.33
N ALA A 95 -2.87 -3.97 11.42
CA ALA A 95 -3.25 -4.84 12.52
C ALA A 95 -4.47 -4.30 13.26
N TYR A 96 -4.46 -2.99 13.53
CA TYR A 96 -5.56 -2.35 14.23
C TYR A 96 -6.88 -2.59 13.50
N TRP A 97 -6.88 -2.34 12.21
CA TRP A 97 -8.09 -2.53 11.40
C TRP A 97 -8.40 -4.01 11.23
N SER A 98 -7.36 -4.83 11.10
CA SER A 98 -7.52 -6.26 10.94
C SER A 98 -8.34 -6.85 12.08
N GLN A 99 -8.19 -6.27 13.27
CA GLN A 99 -8.91 -6.73 14.44
C GLN A 99 -10.42 -6.67 14.22
N GLN A 100 -10.84 -5.82 13.30
CA GLN A 100 -12.26 -5.67 12.99
C GLN A 100 -13.04 -5.23 14.22
N GLN A 101 -12.65 -4.11 14.79
CA GLN A 101 -13.32 -3.58 15.98
C GLN A 101 -14.78 -3.26 15.69
N GLY A 102 -15.45 -2.65 16.66
CA GLY A 102 -16.85 -2.31 16.48
C GLY A 102 -17.09 -1.44 15.25
N LYS A 103 -17.55 -2.07 14.18
CA LYS A 103 -17.82 -1.36 12.94
C LYS A 103 -18.47 -2.28 11.92
N GLN A 104 -18.62 -1.79 10.69
CA GLN A 104 -19.23 -2.57 9.62
C GLN A 104 -18.16 -3.23 8.75
N HIS A 105 -18.59 -3.91 7.69
CA HIS A 105 -17.67 -4.57 6.77
C HIS A 105 -18.19 -4.51 5.35
N VAL A 106 -17.46 -5.15 4.43
CA VAL A 106 -17.85 -5.15 3.02
C VAL A 106 -17.44 -6.46 2.35
N GLU A 107 -18.17 -6.85 1.31
CA GLU A 107 -17.88 -8.07 0.57
C GLU A 107 -17.39 -7.76 -0.83
N PRO A 108 -16.66 -8.72 -1.43
CA PRO A 108 -16.12 -8.57 -2.78
C PRO A 108 -17.20 -8.61 -3.85
N LEU A 109 -16.79 -8.67 -5.11
CA LEU A 109 -17.74 -8.71 -6.22
C LEU A 109 -17.09 -9.34 -7.45
N LYS A 110 -17.91 -9.62 -8.46
CA LYS A 110 -17.42 -10.23 -9.69
C LYS A 110 -17.86 -9.42 -10.91
N ILE A 111 -17.11 -9.53 -11.99
CA ILE A 111 -17.42 -8.81 -13.22
C ILE A 111 -17.51 -9.76 -14.41
N LEU A 112 -18.33 -9.39 -15.39
CA LEU A 112 -18.50 -10.21 -16.58
C LEU A 112 -17.60 -9.72 -17.72
N ASP A 113 -17.38 -10.58 -18.70
CA ASP A 113 -16.54 -10.25 -19.84
C ASP A 113 -17.12 -10.81 -21.14
N ALA A 114 -16.43 -10.57 -22.25
CA ALA A 114 -16.87 -11.05 -23.54
C ALA A 114 -15.69 -11.47 -24.41
N LYS A 115 -15.97 -11.94 -25.61
CA LYS A 115 -14.93 -12.37 -26.54
C LYS A 115 -15.51 -12.60 -27.94
N ALA A 116 -14.67 -12.41 -28.95
CA ALA A 116 -15.10 -12.60 -30.34
C ALA A 116 -14.01 -13.28 -31.16
N GLN A 117 -14.31 -13.54 -32.43
CA GLN A 117 -13.35 -14.19 -33.32
C GLN A 117 -13.06 -13.33 -34.54
N LYS A 118 -11.98 -13.63 -35.23
CA LYS A 118 -11.59 -12.88 -36.42
C LYS A 118 -12.69 -12.94 -37.47
N VAL A 119 -13.42 -14.05 -37.50
CA VAL A 119 -14.52 -14.22 -38.46
C VAL A 119 -14.15 -13.62 -39.82
N GLY A 120 -12.92 -13.87 -40.26
CA GLY A 120 -12.48 -13.34 -41.54
C GLY A 120 -12.50 -14.39 -42.63
N ALA A 121 -11.74 -14.14 -43.69
CA ALA A 121 -11.67 -15.08 -44.82
C ALA A 121 -13.05 -15.34 -45.39
N PRO A 1 32.16 12.98 -47.76
CA PRO A 1 32.07 13.10 -46.31
C PRO A 1 31.20 14.27 -45.86
N VAL A 2 29.98 13.96 -45.46
CA VAL A 2 29.04 14.98 -45.01
C VAL A 2 28.15 14.46 -43.87
N ASN A 3 28.36 15.00 -42.68
CA ASN A 3 27.59 14.59 -41.51
C ASN A 3 27.26 15.79 -40.63
N GLN A 4 26.00 15.86 -40.19
CA GLN A 4 25.56 16.96 -39.35
C GLN A 4 24.54 16.48 -38.32
N LYS A 5 24.46 17.18 -37.20
CA LYS A 5 23.53 16.83 -36.14
C LYS A 5 23.33 17.99 -35.17
N SER A 6 22.07 18.36 -34.94
CA SER A 6 21.75 19.46 -34.04
C SER A 6 20.74 19.02 -32.98
N LYS A 7 21.18 18.99 -31.73
CA LYS A 7 20.33 18.59 -30.63
C LYS A 7 20.97 18.94 -29.28
N ARG A 8 20.34 18.50 -28.20
CA ARG A 8 20.85 18.77 -26.86
C ARG A 8 20.75 17.51 -25.99
N SER A 9 21.83 16.74 -25.95
CA SER A 9 21.88 15.52 -25.16
C SER A 9 22.56 15.76 -23.82
N GLU A 10 21.79 15.65 -22.74
CA GLU A 10 22.33 15.85 -21.40
C GLU A 10 21.29 15.52 -20.34
N LEU A 11 21.54 14.46 -19.57
CA LEU A 11 20.63 14.04 -18.52
C LEU A 11 21.33 13.10 -17.54
N SER A 12 20.88 13.13 -16.29
CA SER A 12 21.45 12.28 -15.25
C SER A 12 20.46 12.04 -14.12
N GLN A 13 20.32 10.78 -13.73
CA GLN A 13 19.39 10.42 -12.65
C GLN A 13 19.84 9.13 -11.96
N ARG A 14 19.81 9.14 -10.64
CA ARG A 14 20.22 7.98 -9.85
C ARG A 14 19.34 6.77 -10.17
N ARG A 15 19.87 5.58 -9.90
CA ARG A 15 19.13 4.35 -10.16
C ARG A 15 17.77 4.36 -9.49
N ILE A 16 16.73 4.05 -10.24
CA ILE A 16 15.37 4.02 -9.71
C ILE A 16 14.89 2.60 -9.47
N ARG A 17 14.42 2.32 -8.26
CA ARG A 17 13.93 1.00 -7.92
C ARG A 17 12.44 0.87 -8.18
N ARG A 18 11.65 1.73 -7.54
CA ARG A 18 10.20 1.72 -7.71
C ARG A 18 9.72 3.05 -8.29
N PRO A 19 8.52 3.03 -8.87
CA PRO A 19 7.91 4.22 -9.47
C PRO A 19 7.50 5.26 -8.44
N PHE A 20 7.14 4.78 -7.25
CA PHE A 20 6.73 5.67 -6.16
C PHE A 20 7.91 6.03 -5.27
N SER A 21 8.07 7.32 -4.99
CA SER A 21 9.15 7.79 -4.15
C SER A 21 8.77 7.76 -2.68
N VAL A 22 9.78 7.72 -1.80
CA VAL A 22 9.54 7.68 -0.38
C VAL A 22 8.59 8.80 0.06
N ALA A 23 8.74 9.97 -0.55
CA ALA A 23 7.90 11.11 -0.23
C ALA A 23 6.48 10.92 -0.78
N GLU A 24 6.38 10.23 -1.91
CA GLU A 24 5.09 9.97 -2.53
C GLU A 24 4.32 8.89 -1.77
N VAL A 25 4.95 7.72 -1.64
CA VAL A 25 4.33 6.60 -0.94
C VAL A 25 3.88 7.02 0.46
N GLU A 26 4.63 7.92 1.08
CA GLU A 26 4.31 8.39 2.42
C GLU A 26 2.84 8.81 2.52
N ALA A 27 2.30 9.29 1.40
CA ALA A 27 0.91 9.72 1.36
C ALA A 27 -0.04 8.52 1.33
N LEU A 28 0.33 7.50 0.58
CA LEU A 28 -0.49 6.30 0.46
C LEU A 28 -0.80 5.73 1.84
N VAL A 29 0.23 5.47 2.63
CA VAL A 29 0.06 4.93 3.97
C VAL A 29 -0.60 5.94 4.89
N GLU A 30 -0.16 7.18 4.82
CA GLU A 30 -0.72 8.25 5.64
C GLU A 30 -2.23 8.32 5.48
N ALA A 31 -2.70 8.30 4.24
CA ALA A 31 -4.13 8.35 3.95
C ALA A 31 -4.84 7.10 4.45
N VAL A 32 -4.17 5.97 4.36
CA VAL A 32 -4.73 4.69 4.81
C VAL A 32 -4.74 4.60 6.33
N GLU A 33 -3.85 5.34 6.97
CA GLU A 33 -3.76 5.35 8.42
C GLU A 33 -4.94 6.10 9.04
N HIS A 34 -5.30 7.23 8.43
CA HIS A 34 -6.40 8.04 8.91
C HIS A 34 -7.73 7.56 8.33
N LEU A 35 -7.74 7.32 7.03
CA LEU A 35 -8.94 6.85 6.35
C LEU A 35 -9.16 5.36 6.59
N GLY A 36 -8.07 4.64 6.88
CA GLY A 36 -8.17 3.22 7.13
C GLY A 36 -8.14 2.41 5.85
N THR A 37 -8.33 1.10 5.98
CA THR A 37 -8.32 0.22 4.82
C THR A 37 -9.74 -0.01 4.29
N GLY A 38 -10.60 0.99 4.49
CA GLY A 38 -11.97 0.89 4.02
C GLY A 38 -12.36 2.02 3.10
N ARG A 39 -11.50 3.03 3.01
CA ARG A 39 -11.76 4.19 2.17
C ARG A 39 -10.65 4.37 1.14
N TRP A 40 -10.70 3.57 0.07
CA TRP A 40 -9.70 3.64 -0.99
C TRP A 40 -9.81 4.95 -1.75
N ARG A 41 -11.03 5.28 -2.18
CA ARG A 41 -11.27 6.51 -2.93
C ARG A 41 -10.72 7.72 -2.17
N ASP A 42 -11.00 7.76 -0.87
CA ASP A 42 -10.53 8.87 -0.04
C ASP A 42 -9.02 8.90 0.04
N VAL A 43 -8.40 7.71 0.03
CA VAL A 43 -6.96 7.60 0.10
C VAL A 43 -6.30 8.22 -1.13
N LYS A 44 -6.97 8.11 -2.27
CA LYS A 44 -6.45 8.67 -3.52
C LYS A 44 -6.47 10.19 -3.50
N MET A 45 -7.61 10.76 -3.11
CA MET A 45 -7.75 12.21 -3.04
C MET A 45 -6.95 12.77 -1.87
N ARG A 46 -6.82 11.98 -0.81
CA ARG A 46 -6.08 12.41 0.37
C ARG A 46 -4.57 12.33 0.12
N ALA A 47 -4.15 11.26 -0.55
CA ALA A 47 -2.73 11.06 -0.84
C ALA A 47 -2.33 11.85 -2.09
N PHE A 48 -2.86 11.45 -3.24
CA PHE A 48 -2.54 12.12 -4.50
C PHE A 48 -3.18 13.50 -4.55
N ASP A 49 -2.35 14.52 -4.78
CA ASP A 49 -2.82 15.89 -4.87
C ASP A 49 -3.62 16.12 -6.14
N ASN A 50 -3.21 15.45 -7.22
CA ASN A 50 -3.87 15.57 -8.51
C ASN A 50 -4.27 14.21 -9.06
N ALA A 51 -5.31 13.62 -8.46
CA ALA A 51 -5.80 12.31 -8.89
C ALA A 51 -6.94 12.46 -9.89
N ASP A 52 -6.59 12.66 -11.16
CA ASP A 52 -7.60 12.81 -12.20
C ASP A 52 -8.61 11.65 -12.17
N HIS A 53 -8.17 10.48 -12.62
CA HIS A 53 -9.03 9.30 -12.64
C HIS A 53 -9.11 8.68 -11.26
N ARG A 54 -10.34 8.47 -10.78
CA ARG A 54 -10.56 7.88 -9.47
C ARG A 54 -10.21 6.38 -9.48
N THR A 55 -9.05 6.05 -8.92
CA THR A 55 -8.60 4.67 -8.88
C THR A 55 -8.83 4.07 -7.49
N TYR A 56 -8.53 2.78 -7.35
CA TYR A 56 -8.71 2.09 -6.08
C TYR A 56 -7.72 0.93 -5.95
N VAL A 57 -7.54 0.19 -7.05
CA VAL A 57 -6.63 -0.95 -7.06
C VAL A 57 -5.19 -0.49 -7.02
N ASP A 58 -4.91 0.65 -7.65
CA ASP A 58 -3.56 1.20 -7.70
C ASP A 58 -3.08 1.57 -6.30
N LEU A 59 -3.90 2.34 -5.58
CA LEU A 59 -3.56 2.77 -4.23
C LEU A 59 -3.63 1.60 -3.25
N LYS A 60 -4.65 0.76 -3.41
CA LYS A 60 -4.83 -0.39 -2.55
C LYS A 60 -3.63 -1.33 -2.64
N ASP A 61 -3.29 -1.75 -3.86
CA ASP A 61 -2.17 -2.64 -4.08
C ASP A 61 -0.89 -2.07 -3.46
N LYS A 62 -0.69 -0.76 -3.62
CA LYS A 62 0.48 -0.10 -3.08
C LYS A 62 0.61 -0.35 -1.58
N TRP A 63 -0.52 -0.30 -0.88
CA TRP A 63 -0.53 -0.53 0.56
C TRP A 63 -0.17 -1.97 0.89
N LYS A 64 -0.78 -2.90 0.17
CA LYS A 64 -0.53 -4.33 0.40
C LYS A 64 0.97 -4.62 0.36
N THR A 65 1.62 -4.22 -0.74
CA THR A 65 3.05 -4.44 -0.89
C THR A 65 3.85 -3.70 0.17
N LEU A 66 3.29 -2.59 0.64
CA LEU A 66 3.95 -1.79 1.67
C LEU A 66 4.06 -2.55 2.98
N VAL A 67 2.93 -3.09 3.44
CA VAL A 67 2.90 -3.86 4.68
C VAL A 67 3.81 -5.07 4.60
N HIS A 68 3.61 -5.89 3.57
CA HIS A 68 4.41 -7.09 3.37
C HIS A 68 5.89 -6.76 3.37
N THR A 69 6.22 -5.53 2.97
CA THR A 69 7.60 -5.08 2.91
C THR A 69 8.14 -4.77 4.31
N ALA A 70 7.25 -4.34 5.19
CA ALA A 70 7.63 -4.01 6.56
C ALA A 70 8.36 -5.18 7.22
N SER A 71 7.78 -6.37 7.12
CA SER A 71 8.37 -7.56 7.71
C SER A 71 7.37 -8.71 7.71
N ILE A 72 7.06 -9.22 6.52
CA ILE A 72 6.12 -10.33 6.38
C ILE A 72 6.79 -11.54 5.75
N ALA A 73 7.04 -11.46 4.45
CA ALA A 73 7.67 -12.55 3.72
C ALA A 73 9.14 -12.22 3.42
N PRO A 74 9.95 -13.27 3.24
CA PRO A 74 11.38 -13.13 2.93
C PRO A 74 11.63 -12.57 1.55
N GLN A 75 10.72 -12.86 0.62
CA GLN A 75 10.85 -12.39 -0.75
C GLN A 75 10.65 -10.87 -0.82
N GLN A 76 10.13 -10.29 0.26
CA GLN A 76 9.90 -8.86 0.32
C GLN A 76 11.19 -8.11 0.64
N ARG A 77 12.02 -8.71 1.49
CA ARG A 77 13.28 -8.10 1.88
C ARG A 77 14.38 -8.40 0.86
N ARG A 78 14.85 -7.36 0.18
CA ARG A 78 15.89 -7.51 -0.82
C ARG A 78 17.14 -6.73 -0.43
N GLY A 79 16.95 -5.51 0.05
CA GLY A 79 18.07 -4.68 0.45
C GLY A 79 17.87 -3.22 0.09
N GLU A 80 16.97 -2.97 -0.86
CA GLU A 80 16.69 -1.61 -1.30
C GLU A 80 16.36 -0.71 -0.11
N PRO A 81 16.65 0.59 -0.26
CA PRO A 81 16.40 1.58 0.79
C PRO A 81 14.91 1.83 1.00
N VAL A 82 14.44 1.60 2.22
CA VAL A 82 13.03 1.79 2.55
C VAL A 82 12.88 2.55 3.87
N PRO A 83 11.89 3.46 3.93
CA PRO A 83 11.62 4.26 5.12
C PRO A 83 11.05 3.43 6.25
N GLN A 84 11.67 3.52 7.43
CA GLN A 84 11.21 2.78 8.60
C GLN A 84 9.92 3.37 9.16
N ASP A 85 9.70 4.65 8.87
CA ASP A 85 8.50 5.34 9.34
C ASP A 85 7.25 4.83 8.62
N LEU A 86 7.41 4.51 7.34
CA LEU A 86 6.30 4.01 6.53
C LEU A 86 5.99 2.56 6.88
N LEU A 87 7.02 1.74 6.95
CA LEU A 87 6.85 0.32 7.28
C LEU A 87 6.24 0.15 8.67
N ASP A 88 6.61 1.05 9.58
CA ASP A 88 6.09 1.00 10.95
C ASP A 88 4.64 1.48 11.00
N ARG A 89 4.36 2.57 10.29
CA ARG A 89 3.02 3.13 10.26
C ARG A 89 2.05 2.19 9.55
N VAL A 90 2.44 1.72 8.36
CA VAL A 90 1.61 0.82 7.58
C VAL A 90 1.26 -0.43 8.38
N LEU A 91 2.19 -0.87 9.22
CA LEU A 91 1.99 -2.06 10.04
C LEU A 91 0.99 -1.77 11.16
N ALA A 92 1.00 -0.54 11.65
CA ALA A 92 0.09 -0.14 12.73
C ALA A 92 -1.36 -0.23 12.29
N ALA A 93 -1.66 0.38 11.14
CA ALA A 93 -3.03 0.36 10.61
C ALA A 93 -3.42 -1.04 10.16
N HIS A 94 -2.56 -1.66 9.35
CA HIS A 94 -2.81 -3.00 8.84
C HIS A 94 -3.07 -3.98 9.99
N ALA A 95 -2.39 -3.76 11.11
CA ALA A 95 -2.55 -4.61 12.28
C ALA A 95 -3.83 -4.28 13.03
N TYR A 96 -4.07 -2.99 13.26
CA TYR A 96 -5.25 -2.54 13.97
C TYR A 96 -6.52 -2.96 13.23
N TRP A 97 -6.55 -2.70 11.94
CA TRP A 97 -7.70 -3.05 11.11
C TRP A 97 -7.85 -4.56 10.99
N SER A 98 -6.72 -5.26 10.96
CA SER A 98 -6.73 -6.72 10.85
C SER A 98 -7.45 -7.35 12.03
N GLN A 99 -7.30 -6.75 13.21
CA GLN A 99 -7.94 -7.25 14.41
C GLN A 99 -9.45 -7.35 14.23
N GLN A 100 -9.98 -6.55 13.31
CA GLN A 100 -11.41 -6.54 13.04
C GLN A 100 -11.89 -7.92 12.59
N GLN A 101 -11.00 -8.66 11.93
CA GLN A 101 -11.34 -9.99 11.44
C GLN A 101 -12.49 -9.94 10.45
N GLY A 102 -12.29 -9.22 9.35
CA GLY A 102 -13.33 -9.10 8.34
C GLY A 102 -12.79 -9.25 6.93
N LYS A 103 -12.52 -10.49 6.53
CA LYS A 103 -12.00 -10.77 5.20
C LYS A 103 -12.96 -11.66 4.42
N GLN A 104 -13.43 -12.72 5.05
CA GLN A 104 -14.35 -13.64 4.41
C GLN A 104 -13.73 -14.26 3.16
N HIS A 105 -12.58 -14.89 3.33
CA HIS A 105 -11.88 -15.52 2.21
C HIS A 105 -11.52 -16.96 2.54
N VAL A 106 -12.43 -17.89 2.22
CA VAL A 106 -12.20 -19.30 2.47
C VAL A 106 -12.71 -20.16 1.32
N GLU A 107 -12.03 -21.27 1.08
CA GLU A 107 -12.42 -22.18 0.01
C GLU A 107 -12.37 -23.64 0.47
N PRO A 108 -13.07 -24.52 -0.26
CA PRO A 108 -13.12 -25.94 0.06
C PRO A 108 -11.79 -26.64 -0.18
N LEU A 109 -11.77 -27.96 0.03
CA LEU A 109 -10.56 -28.75 -0.16
C LEU A 109 -10.86 -30.23 -0.05
N LYS A 110 -10.45 -31.00 -1.07
CA LYS A 110 -10.66 -32.44 -1.07
C LYS A 110 -9.79 -33.11 -2.11
N ILE A 111 -9.90 -34.44 -2.21
CA ILE A 111 -9.11 -35.20 -3.17
C ILE A 111 -9.91 -36.37 -3.73
N LEU A 112 -9.60 -36.75 -4.96
CA LEU A 112 -10.30 -37.86 -5.61
C LEU A 112 -9.35 -39.03 -5.84
N ASP A 113 -9.91 -40.17 -6.26
CA ASP A 113 -9.12 -41.37 -6.51
C ASP A 113 -9.98 -42.46 -7.15
N ALA A 114 -9.46 -43.07 -8.21
CA ALA A 114 -10.17 -44.13 -8.92
C ALA A 114 -9.32 -45.39 -9.00
N LYS A 115 -9.99 -46.53 -9.21
CA LYS A 115 -9.29 -47.81 -9.31
C LYS A 115 -10.28 -48.92 -9.66
N ALA A 116 -9.89 -49.76 -10.61
CA ALA A 116 -10.74 -50.87 -11.04
C ALA A 116 -9.94 -51.91 -11.82
N GLN A 117 -10.52 -53.08 -12.03
CA GLN A 117 -9.86 -54.15 -12.75
C GLN A 117 -10.86 -54.94 -13.59
N LYS A 118 -10.36 -55.93 -14.32
CA LYS A 118 -11.20 -56.77 -15.17
C LYS A 118 -11.04 -58.24 -14.81
N VAL A 119 -9.82 -58.73 -14.86
CA VAL A 119 -9.52 -60.12 -14.54
C VAL A 119 -10.14 -60.51 -13.20
N GLY A 120 -10.20 -61.82 -12.95
CA GLY A 120 -10.77 -62.31 -11.70
C GLY A 120 -11.38 -63.68 -11.83
N ALA A 121 -10.70 -64.57 -12.57
CA ALA A 121 -11.20 -65.92 -12.77
C ALA A 121 -10.89 -66.80 -11.57
N PRO A 1 11.53 -40.33 13.67
CA PRO A 1 10.67 -39.19 14.02
C PRO A 1 10.76 -38.82 15.48
N VAL A 2 11.30 -39.72 16.29
CA VAL A 2 11.45 -39.50 17.72
C VAL A 2 12.29 -38.25 17.99
N ASN A 3 13.14 -37.91 17.04
CA ASN A 3 14.01 -36.74 17.17
C ASN A 3 13.29 -35.47 16.71
N GLN A 4 14.02 -34.37 16.69
CA GLN A 4 13.45 -33.09 16.27
C GLN A 4 14.25 -32.48 15.13
N LYS A 5 15.43 -31.95 15.45
CA LYS A 5 16.30 -31.34 14.45
C LYS A 5 15.56 -30.24 13.70
N SER A 6 14.99 -29.30 14.44
CA SER A 6 14.25 -28.20 13.85
C SER A 6 15.21 -27.08 13.41
N LYS A 7 15.02 -26.58 12.21
CA LYS A 7 15.85 -25.52 11.66
C LYS A 7 15.05 -24.59 10.76
N ARG A 8 15.72 -23.58 10.20
CA ARG A 8 15.07 -22.63 9.33
C ARG A 8 15.91 -22.38 8.07
N SER A 9 15.67 -23.17 7.03
CA SER A 9 16.41 -23.04 5.78
C SER A 9 15.47 -22.66 4.64
N GLU A 10 15.98 -21.84 3.72
CA GLU A 10 15.18 -21.39 2.58
C GLU A 10 16.03 -20.55 1.62
N LEU A 11 15.58 -20.44 0.38
CA LEU A 11 16.28 -19.66 -0.62
C LEU A 11 15.33 -19.21 -1.74
N SER A 12 15.80 -18.28 -2.56
CA SER A 12 15.00 -17.76 -3.66
C SER A 12 15.82 -16.81 -4.53
N GLN A 13 15.14 -16.17 -5.49
CA GLN A 13 15.81 -15.24 -6.39
C GLN A 13 15.65 -13.80 -5.90
N ARG A 14 16.13 -12.86 -6.70
CA ARG A 14 16.04 -11.44 -6.35
C ARG A 14 15.61 -10.61 -7.56
N ARG A 15 14.47 -9.93 -7.43
CA ARG A 15 13.96 -9.10 -8.52
C ARG A 15 12.69 -8.38 -8.09
N ILE A 16 12.71 -7.05 -8.16
CA ILE A 16 11.55 -6.24 -7.78
C ILE A 16 11.80 -4.77 -8.08
N ARG A 17 10.74 -4.07 -8.49
CA ARG A 17 10.84 -2.64 -8.80
C ARG A 17 9.87 -1.84 -7.94
N ARG A 18 10.14 -0.55 -7.81
CA ARG A 18 9.30 0.35 -7.02
C ARG A 18 8.74 1.46 -7.88
N PRO A 19 7.43 1.41 -8.17
CA PRO A 19 6.75 2.42 -8.97
C PRO A 19 6.63 3.76 -8.27
N PHE A 20 6.17 3.72 -7.02
CA PHE A 20 6.00 4.93 -6.22
C PHE A 20 7.26 5.21 -5.40
N SER A 21 7.57 6.48 -5.22
CA SER A 21 8.73 6.89 -4.45
C SER A 21 8.41 7.00 -2.97
N VAL A 22 9.44 7.17 -2.14
CA VAL A 22 9.25 7.29 -0.70
C VAL A 22 8.31 8.44 -0.36
N ALA A 23 8.36 9.50 -1.17
CA ALA A 23 7.51 10.66 -0.96
C ALA A 23 6.04 10.33 -1.25
N GLU A 24 5.81 9.62 -2.34
CA GLU A 24 4.46 9.23 -2.73
C GLU A 24 3.90 8.18 -1.78
N VAL A 25 4.69 7.16 -1.49
CA VAL A 25 4.28 6.09 -0.60
C VAL A 25 3.82 6.64 0.74
N GLU A 26 4.46 7.71 1.19
CA GLU A 26 4.12 8.34 2.46
C GLU A 26 2.62 8.63 2.53
N ALA A 27 2.11 9.31 1.50
CA ALA A 27 0.70 9.66 1.44
C ALA A 27 -0.18 8.41 1.51
N LEU A 28 0.24 7.35 0.82
CA LEU A 28 -0.51 6.10 0.80
C LEU A 28 -0.73 5.58 2.22
N VAL A 29 0.33 5.57 3.02
CA VAL A 29 0.25 5.10 4.40
C VAL A 29 -0.53 6.09 5.27
N GLU A 30 -0.10 7.35 5.25
CA GLU A 30 -0.76 8.38 6.04
C GLU A 30 -2.27 8.39 5.79
N ALA A 31 -2.65 8.35 4.51
CA ALA A 31 -4.06 8.34 4.13
C ALA A 31 -4.77 7.12 4.69
N VAL A 32 -4.09 5.98 4.66
CA VAL A 32 -4.66 4.73 5.16
C VAL A 32 -4.69 4.72 6.69
N GLU A 33 -3.79 5.48 7.30
CA GLU A 33 -3.72 5.56 8.75
C GLU A 33 -4.87 6.38 9.31
N HIS A 34 -5.21 7.46 8.62
CA HIS A 34 -6.29 8.33 9.04
C HIS A 34 -7.64 7.84 8.52
N LEU A 35 -7.68 7.51 7.23
CA LEU A 35 -8.90 7.01 6.61
C LEU A 35 -9.12 5.53 6.93
N GLY A 36 -8.04 4.84 7.26
CA GLY A 36 -8.13 3.43 7.59
C GLY A 36 -8.07 2.54 6.36
N THR A 37 -8.23 1.24 6.56
CA THR A 37 -8.20 0.28 5.46
C THR A 37 -9.61 -0.02 4.95
N GLY A 38 -10.52 0.93 5.14
CA GLY A 38 -11.89 0.75 4.69
C GLY A 38 -12.35 1.87 3.79
N ARG A 39 -11.44 2.77 3.44
CA ARG A 39 -11.78 3.91 2.59
C ARG A 39 -10.74 4.07 1.48
N TRP A 40 -10.90 3.32 0.41
CA TRP A 40 -9.97 3.38 -0.72
C TRP A 40 -10.10 4.70 -1.46
N ARG A 41 -11.34 5.06 -1.81
CA ARG A 41 -11.60 6.31 -2.52
C ARG A 41 -10.99 7.49 -1.78
N ASP A 42 -11.22 7.56 -0.47
CA ASP A 42 -10.70 8.65 0.36
C ASP A 42 -9.18 8.66 0.31
N VAL A 43 -8.57 7.48 0.33
CA VAL A 43 -7.11 7.36 0.30
C VAL A 43 -6.55 7.96 -0.99
N LYS A 44 -7.32 7.87 -2.07
CA LYS A 44 -6.89 8.40 -3.36
C LYS A 44 -6.84 9.93 -3.32
N MET A 45 -7.90 10.55 -2.84
CA MET A 45 -7.97 12.01 -2.75
C MET A 45 -7.08 12.52 -1.63
N ARG A 46 -6.93 11.72 -0.58
CA ARG A 46 -6.11 12.09 0.57
C ARG A 46 -4.62 11.97 0.23
N ALA A 47 -4.27 10.90 -0.48
CA ALA A 47 -2.88 10.66 -0.87
C ALA A 47 -2.52 11.45 -2.12
N PHE A 48 -3.22 11.19 -3.21
CA PHE A 48 -2.98 11.88 -4.47
C PHE A 48 -3.63 13.26 -4.48
N ASP A 49 -2.83 14.29 -4.75
CA ASP A 49 -3.34 15.66 -4.78
C ASP A 49 -4.21 15.88 -6.01
N ASN A 50 -3.86 15.22 -7.11
CA ASN A 50 -4.62 15.35 -8.35
C ASN A 50 -5.57 14.17 -8.54
N ALA A 51 -5.11 12.99 -8.14
CA ALA A 51 -5.92 11.78 -8.25
C ALA A 51 -6.48 11.64 -9.66
N ASP A 52 -5.62 11.86 -10.66
CA ASP A 52 -6.04 11.74 -12.05
C ASP A 52 -4.97 11.04 -12.88
N HIS A 53 -4.40 9.97 -12.32
CA HIS A 53 -3.37 9.21 -13.01
C HIS A 53 -3.51 7.72 -12.72
N ARG A 54 -3.80 7.39 -11.46
CA ARG A 54 -3.95 5.99 -11.06
C ARG A 54 -5.39 5.72 -10.58
N THR A 55 -5.81 4.47 -10.66
CA THR A 55 -7.14 4.08 -10.24
C THR A 55 -7.22 3.92 -8.72
N TYR A 56 -8.44 3.86 -8.20
CA TYR A 56 -8.65 3.71 -6.76
C TYR A 56 -8.08 2.39 -6.27
N VAL A 57 -8.14 1.36 -7.12
CA VAL A 57 -7.63 0.04 -6.78
C VAL A 57 -6.11 0.03 -6.72
N ASP A 58 -5.49 0.83 -7.58
CA ASP A 58 -4.04 0.92 -7.63
C ASP A 58 -3.46 1.19 -6.24
N LEU A 59 -3.99 2.20 -5.57
CA LEU A 59 -3.52 2.56 -4.23
C LEU A 59 -3.57 1.36 -3.30
N LYS A 60 -4.56 0.48 -3.52
CA LYS A 60 -4.71 -0.72 -2.70
C LYS A 60 -3.49 -1.63 -2.84
N ASP A 61 -3.17 -1.99 -4.08
CA ASP A 61 -2.04 -2.86 -4.34
C ASP A 61 -0.77 -2.30 -3.73
N LYS A 62 -0.69 -0.97 -3.65
CA LYS A 62 0.48 -0.31 -3.09
C LYS A 62 0.60 -0.59 -1.60
N TRP A 63 -0.53 -0.56 -0.90
CA TRP A 63 -0.56 -0.82 0.53
C TRP A 63 -0.18 -2.27 0.83
N LYS A 64 -0.84 -3.21 0.14
CA LYS A 64 -0.57 -4.63 0.34
C LYS A 64 0.93 -4.91 0.31
N THR A 65 1.58 -4.51 -0.78
CA THR A 65 3.01 -4.71 -0.93
C THR A 65 3.79 -3.98 0.15
N LEU A 66 3.23 -2.87 0.64
CA LEU A 66 3.87 -2.08 1.67
C LEU A 66 3.98 -2.87 2.97
N VAL A 67 2.87 -3.49 3.38
CA VAL A 67 2.84 -4.28 4.61
C VAL A 67 3.88 -5.39 4.57
N HIS A 68 3.81 -6.22 3.52
CA HIS A 68 4.75 -7.33 3.37
C HIS A 68 6.19 -6.84 3.46
N THR A 69 6.42 -5.61 3.03
CA THR A 69 7.75 -5.02 3.06
C THR A 69 8.17 -4.68 4.49
N ALA A 70 7.19 -4.35 5.32
CA ALA A 70 7.45 -4.01 6.71
C ALA A 70 8.27 -5.09 7.41
N SER A 71 7.81 -6.33 7.28
CA SER A 71 8.49 -7.47 7.89
C SER A 71 7.67 -8.74 7.76
N ILE A 72 7.55 -9.22 6.52
CA ILE A 72 6.79 -10.44 6.25
C ILE A 72 7.62 -11.44 5.46
N ALA A 73 7.79 -11.18 4.17
CA ALA A 73 8.56 -12.06 3.29
C ALA A 73 9.94 -11.47 3.01
N PRO A 74 10.95 -12.34 2.91
CA PRO A 74 12.33 -11.92 2.63
C PRO A 74 12.51 -11.41 1.21
N GLN A 75 12.00 -12.17 0.25
CA GLN A 75 12.10 -11.79 -1.16
C GLN A 75 11.15 -10.64 -1.48
N GLN A 76 10.22 -10.38 -0.58
CA GLN A 76 9.25 -9.31 -0.77
C GLN A 76 9.85 -7.95 -0.40
N ARG A 77 11.11 -7.96 0.03
CA ARG A 77 11.81 -6.74 0.40
C ARG A 77 12.33 -6.02 -0.83
N ARG A 78 11.78 -4.84 -1.09
CA ARG A 78 12.19 -4.04 -2.24
C ARG A 78 13.69 -3.75 -2.19
N GLY A 79 14.32 -3.68 -3.36
CA GLY A 79 15.74 -3.41 -3.43
C GLY A 79 16.14 -2.18 -2.65
N GLU A 80 15.62 -1.02 -3.06
CA GLU A 80 15.92 0.24 -2.38
C GLU A 80 15.58 0.14 -0.89
N PRO A 81 16.27 0.97 -0.08
CA PRO A 81 16.06 1.00 1.36
C PRO A 81 14.71 1.60 1.74
N VAL A 82 13.90 0.82 2.46
CA VAL A 82 12.58 1.28 2.88
C VAL A 82 12.64 1.92 4.27
N PRO A 83 12.01 3.09 4.40
CA PRO A 83 11.98 3.83 5.67
C PRO A 83 11.10 3.14 6.72
N GLN A 84 11.67 2.93 7.90
CA GLN A 84 10.95 2.28 8.99
C GLN A 84 9.75 3.13 9.44
N ASP A 85 9.81 4.41 9.11
CA ASP A 85 8.74 5.33 9.49
C ASP A 85 7.41 4.91 8.86
N LEU A 86 7.46 4.56 7.58
CA LEU A 86 6.25 4.12 6.86
C LEU A 86 5.87 2.70 7.26
N LEU A 87 6.83 1.79 7.15
CA LEU A 87 6.59 0.39 7.49
C LEU A 87 5.99 0.26 8.89
N ASP A 88 6.42 1.15 9.78
CA ASP A 88 5.93 1.15 11.15
C ASP A 88 4.48 1.62 11.22
N ARG A 89 4.18 2.71 10.52
CA ARG A 89 2.84 3.27 10.50
C ARG A 89 1.87 2.31 9.82
N VAL A 90 2.35 1.62 8.79
CA VAL A 90 1.51 0.67 8.05
C VAL A 90 1.09 -0.49 8.94
N LEU A 91 2.07 -1.09 9.61
CA LEU A 91 1.80 -2.22 10.50
C LEU A 91 0.89 -1.81 11.65
N ALA A 92 0.96 -0.54 12.03
CA ALA A 92 0.14 -0.02 13.12
C ALA A 92 -1.34 -0.06 12.75
N ALA A 93 -1.66 0.48 11.57
CA ALA A 93 -3.04 0.50 11.10
C ALA A 93 -3.48 -0.88 10.61
N HIS A 94 -2.59 -1.55 9.89
CA HIS A 94 -2.89 -2.88 9.36
C HIS A 94 -3.33 -3.82 10.48
N ALA A 95 -2.57 -3.82 11.58
CA ALA A 95 -2.87 -4.67 12.71
C ALA A 95 -4.09 -4.16 13.48
N TYR A 96 -4.11 -2.86 13.74
CA TYR A 96 -5.22 -2.25 14.46
C TYR A 96 -6.55 -2.56 13.79
N TRP A 97 -6.61 -2.34 12.49
CA TRP A 97 -7.82 -2.59 11.72
C TRP A 97 -8.08 -4.09 11.57
N SER A 98 -6.99 -4.85 11.43
CA SER A 98 -7.10 -6.30 11.28
C SER A 98 -7.89 -6.91 12.43
N GLN A 99 -7.79 -6.29 13.60
CA GLN A 99 -8.50 -6.77 14.79
C GLN A 99 -10.00 -6.85 14.54
N GLN A 100 -10.46 -6.06 13.57
CA GLN A 100 -11.88 -6.04 13.23
C GLN A 100 -12.16 -6.85 11.97
N GLN A 101 -11.26 -6.74 10.99
CA GLN A 101 -11.40 -7.45 9.74
C GLN A 101 -10.17 -7.26 8.85
N GLY A 102 -9.94 -8.21 7.95
CA GLY A 102 -8.79 -8.12 7.06
C GLY A 102 -8.46 -9.45 6.41
N LYS A 103 -7.88 -9.39 5.22
CA LYS A 103 -7.52 -10.60 4.49
C LYS A 103 -6.73 -10.26 3.22
N GLN A 104 -5.87 -11.18 2.80
CA GLN A 104 -5.06 -10.97 1.60
C GLN A 104 -4.28 -12.23 1.25
N HIS A 105 -3.88 -12.33 -0.01
CA HIS A 105 -3.11 -13.49 -0.47
C HIS A 105 -2.28 -13.13 -1.71
N VAL A 106 -1.36 -14.02 -2.07
CA VAL A 106 -0.50 -13.80 -3.24
C VAL A 106 0.38 -15.01 -3.50
N GLU A 107 0.74 -15.20 -4.77
CA GLU A 107 1.59 -16.32 -5.15
C GLU A 107 2.89 -15.84 -5.78
N PRO A 108 3.92 -16.70 -5.75
CA PRO A 108 5.25 -16.37 -6.31
C PRO A 108 5.22 -16.30 -7.83
N LEU A 109 6.38 -16.06 -8.42
CA LEU A 109 6.50 -15.97 -9.88
C LEU A 109 7.96 -15.86 -10.30
N LYS A 110 8.31 -16.51 -11.40
CA LYS A 110 9.67 -16.48 -11.92
C LYS A 110 9.74 -17.13 -13.29
N ILE A 111 10.95 -17.19 -13.85
CA ILE A 111 11.16 -17.79 -15.16
C ILE A 111 12.56 -18.38 -15.27
N LEU A 112 12.88 -18.91 -16.46
CA LEU A 112 14.20 -19.49 -16.70
C LEU A 112 14.62 -19.32 -18.15
N ASP A 113 15.85 -19.70 -18.46
CA ASP A 113 16.37 -19.58 -19.82
C ASP A 113 17.73 -20.25 -19.93
N ALA A 114 18.30 -20.23 -21.13
CA ALA A 114 19.61 -20.83 -21.38
C ALA A 114 20.07 -20.57 -22.81
N LYS A 115 21.34 -20.87 -23.08
CA LYS A 115 21.90 -20.68 -24.41
C LYS A 115 23.34 -21.18 -24.47
N ALA A 116 23.72 -21.74 -25.61
CA ALA A 116 25.07 -22.26 -25.80
C ALA A 116 25.39 -22.43 -27.28
N GLN A 117 26.60 -22.91 -27.56
CA GLN A 117 27.03 -23.11 -28.94
C GLN A 117 28.29 -23.98 -28.99
N LYS A 118 28.51 -24.63 -30.13
CA LYS A 118 29.68 -25.48 -30.31
C LYS A 118 30.74 -24.79 -31.15
N VAL A 119 30.38 -24.40 -32.37
CA VAL A 119 31.29 -23.73 -33.27
C VAL A 119 32.69 -24.33 -33.18
N GLY A 120 32.76 -25.65 -33.05
CA GLY A 120 34.04 -26.32 -32.95
C GLY A 120 34.53 -26.81 -34.30
N ALA A 121 35.50 -27.71 -34.28
CA ALA A 121 36.07 -28.27 -35.50
C ALA A 121 35.14 -29.31 -36.11
N PRO A 1 -15.39 20.53 -28.49
CA PRO A 1 -15.80 20.13 -27.15
C PRO A 1 -14.62 19.71 -26.28
N VAL A 2 -13.97 20.69 -25.66
CA VAL A 2 -12.82 20.43 -24.81
C VAL A 2 -13.12 20.79 -23.35
N ASN A 3 -13.93 19.96 -22.70
CA ASN A 3 -14.29 20.19 -21.31
C ASN A 3 -13.58 19.20 -20.39
N GLN A 4 -13.60 17.94 -20.78
CA GLN A 4 -12.95 16.89 -19.98
C GLN A 4 -11.47 16.78 -20.32
N LYS A 5 -10.67 16.44 -19.31
CA LYS A 5 -9.23 16.30 -19.50
C LYS A 5 -8.79 14.85 -19.32
N SER A 6 -7.80 14.43 -20.08
CA SER A 6 -7.29 13.07 -20.00
C SER A 6 -5.79 13.07 -19.72
N LYS A 7 -5.41 12.64 -18.52
CA LYS A 7 -4.02 12.59 -18.11
C LYS A 7 -3.51 11.15 -18.09
N ARG A 8 -2.26 10.96 -17.69
CA ARG A 8 -1.66 9.64 -17.62
C ARG A 8 -2.52 8.70 -16.78
N SER A 9 -2.94 7.59 -17.39
CA SER A 9 -3.78 6.61 -16.71
C SER A 9 -3.00 5.34 -16.41
N GLU A 10 -3.15 4.82 -15.20
CA GLU A 10 -2.45 3.61 -14.79
C GLU A 10 -3.44 2.53 -14.35
N LEU A 11 -3.85 1.69 -15.31
CA LEU A 11 -4.79 0.62 -15.02
C LEU A 11 -4.19 -0.74 -15.33
N SER A 12 -3.51 -1.31 -14.36
CA SER A 12 -2.87 -2.62 -14.53
C SER A 12 -3.00 -3.46 -13.26
N GLN A 13 -2.82 -4.77 -13.41
CA GLN A 13 -2.93 -5.68 -12.29
C GLN A 13 -1.94 -5.31 -11.18
N ARG A 14 -2.19 -5.80 -9.98
CA ARG A 14 -1.32 -5.51 -8.84
C ARG A 14 0.10 -5.99 -9.11
N ARG A 15 0.23 -7.00 -9.95
CA ARG A 15 1.53 -7.57 -10.29
C ARG A 15 2.36 -6.57 -11.09
N ILE A 16 3.66 -6.85 -11.22
CA ILE A 16 4.55 -5.98 -11.97
C ILE A 16 4.24 -4.51 -11.70
N ARG A 17 3.90 -4.20 -10.46
CA ARG A 17 3.57 -2.83 -10.07
C ARG A 17 4.76 -1.90 -10.31
N ARG A 18 4.64 -0.66 -9.85
CA ARG A 18 5.70 0.32 -10.02
C ARG A 18 6.18 0.83 -8.65
N PRO A 19 7.51 0.93 -8.50
CA PRO A 19 8.13 1.40 -7.26
C PRO A 19 7.88 2.89 -7.02
N PHE A 20 7.21 3.21 -5.91
CA PHE A 20 6.92 4.60 -5.57
C PHE A 20 8.01 5.17 -4.68
N SER A 21 8.28 6.47 -4.85
CA SER A 21 9.30 7.14 -4.06
C SER A 21 8.83 7.36 -2.63
N VAL A 22 9.78 7.56 -1.73
CA VAL A 22 9.46 7.79 -0.32
C VAL A 22 8.46 8.93 -0.16
N ALA A 23 8.51 9.89 -1.06
CA ALA A 23 7.61 11.03 -1.02
C ALA A 23 6.18 10.61 -1.30
N GLU A 24 5.99 9.81 -2.35
CA GLU A 24 4.67 9.34 -2.73
C GLU A 24 4.17 8.29 -1.75
N VAL A 25 5.06 7.39 -1.34
CA VAL A 25 4.69 6.34 -0.39
C VAL A 25 4.21 6.93 0.93
N GLU A 26 4.81 8.05 1.34
CA GLU A 26 4.43 8.71 2.58
C GLU A 26 2.96 9.13 2.54
N ALA A 27 2.57 9.79 1.46
CA ALA A 27 1.18 10.24 1.31
C ALA A 27 0.21 9.06 1.34
N LEU A 28 0.65 7.92 0.83
CA LEU A 28 -0.18 6.72 0.82
C LEU A 28 -0.38 6.17 2.22
N VAL A 29 0.71 6.03 2.96
CA VAL A 29 0.65 5.52 4.33
C VAL A 29 -0.19 6.42 5.22
N GLU A 30 0.20 7.69 5.29
CA GLU A 30 -0.52 8.67 6.11
C GLU A 30 -1.99 8.72 5.72
N ALA A 31 -2.27 8.46 4.44
CA ALA A 31 -3.63 8.49 3.94
C ALA A 31 -4.43 7.28 4.43
N VAL A 32 -3.80 6.10 4.35
CA VAL A 32 -4.46 4.87 4.79
C VAL A 32 -4.49 4.78 6.31
N GLU A 33 -3.55 5.45 6.96
CA GLU A 33 -3.47 5.44 8.42
C GLU A 33 -4.57 6.31 9.02
N HIS A 34 -4.81 7.47 8.41
CA HIS A 34 -5.84 8.38 8.89
C HIS A 34 -7.21 8.01 8.32
N LEU A 35 -7.26 7.76 7.02
CA LEU A 35 -8.50 7.39 6.36
C LEU A 35 -8.81 5.91 6.57
N GLY A 36 -7.82 5.16 7.02
CA GLY A 36 -8.01 3.74 7.27
C GLY A 36 -7.91 2.92 5.99
N THR A 37 -7.86 1.59 6.15
CA THR A 37 -7.76 0.69 5.01
C THR A 37 -9.12 0.48 4.35
N GLY A 38 -10.14 1.14 4.90
CA GLY A 38 -11.48 1.01 4.35
C GLY A 38 -11.86 2.18 3.46
N ARG A 39 -11.09 3.26 3.54
CA ARG A 39 -11.35 4.45 2.74
C ARG A 39 -10.37 4.55 1.57
N TRP A 40 -10.53 3.66 0.60
CA TRP A 40 -9.66 3.65 -0.57
C TRP A 40 -9.80 4.94 -1.36
N ARG A 41 -11.03 5.31 -1.67
CA ARG A 41 -11.29 6.53 -2.42
C ARG A 41 -10.62 7.74 -1.77
N ASP A 42 -10.80 7.86 -0.46
CA ASP A 42 -10.20 8.97 0.29
C ASP A 42 -8.68 8.91 0.23
N VAL A 43 -8.14 7.70 0.23
CA VAL A 43 -6.70 7.51 0.18
C VAL A 43 -6.13 7.99 -1.15
N LYS A 44 -6.92 7.86 -2.21
CA LYS A 44 -6.50 8.28 -3.54
C LYS A 44 -6.37 9.80 -3.62
N MET A 45 -7.40 10.50 -3.16
CA MET A 45 -7.39 11.96 -3.17
C MET A 45 -6.46 12.52 -2.10
N ARG A 46 -6.34 11.77 -1.00
CA ARG A 46 -5.47 12.19 0.10
C ARG A 46 -4.00 12.01 -0.26
N ALA A 47 -3.69 10.89 -0.92
CA ALA A 47 -2.32 10.61 -1.32
C ALA A 47 -2.03 11.15 -2.72
N PHE A 48 -2.64 10.52 -3.72
CA PHE A 48 -2.45 10.93 -5.10
C PHE A 48 -3.12 12.27 -5.37
N ASP A 49 -2.35 13.24 -5.86
CA ASP A 49 -2.87 14.57 -6.15
C ASP A 49 -3.77 14.53 -7.39
N ASN A 50 -3.41 13.68 -8.35
CA ASN A 50 -4.17 13.56 -9.58
C ASN A 50 -5.27 12.50 -9.44
N ALA A 51 -6.01 12.58 -8.34
CA ALA A 51 -7.10 11.63 -8.09
C ALA A 51 -8.40 12.11 -8.73
N ASP A 52 -8.34 12.36 -10.03
CA ASP A 52 -9.53 12.82 -10.76
C ASP A 52 -10.16 11.67 -11.53
N HIS A 53 -11.06 10.94 -10.87
CA HIS A 53 -11.74 9.82 -11.50
C HIS A 53 -10.75 8.70 -11.84
N ARG A 54 -10.06 8.21 -10.82
CA ARG A 54 -9.08 7.15 -11.01
C ARG A 54 -9.38 5.96 -10.09
N THR A 55 -8.89 4.79 -10.48
CA THR A 55 -9.10 3.58 -9.69
C THR A 55 -8.25 3.59 -8.43
N TYR A 56 -8.66 2.81 -7.43
CA TYR A 56 -7.94 2.72 -6.17
C TYR A 56 -7.04 1.49 -6.14
N VAL A 57 -6.71 0.97 -7.32
CA VAL A 57 -5.87 -0.20 -7.43
C VAL A 57 -4.42 0.13 -7.08
N ASP A 58 -4.00 1.34 -7.41
CA ASP A 58 -2.63 1.79 -7.14
C ASP A 58 -2.42 1.97 -5.64
N LEU A 59 -3.33 2.71 -5.01
CA LEU A 59 -3.24 2.97 -3.58
C LEU A 59 -3.44 1.70 -2.77
N LYS A 60 -4.37 0.85 -3.24
CA LYS A 60 -4.67 -0.41 -2.57
C LYS A 60 -3.48 -1.36 -2.65
N ASP A 61 -2.87 -1.44 -3.83
CA ASP A 61 -1.72 -2.31 -4.03
C ASP A 61 -0.48 -1.75 -3.33
N LYS A 62 -0.37 -0.43 -3.31
CA LYS A 62 0.76 0.23 -2.66
C LYS A 62 0.84 -0.15 -1.19
N TRP A 63 -0.31 -0.17 -0.52
CA TRP A 63 -0.37 -0.51 0.90
C TRP A 63 -0.07 -1.99 1.11
N LYS A 64 -0.71 -2.84 0.32
CA LYS A 64 -0.52 -4.29 0.43
C LYS A 64 0.96 -4.64 0.37
N THR A 65 1.67 -4.04 -0.60
CA THR A 65 3.10 -4.30 -0.75
C THR A 65 3.90 -3.63 0.35
N LEU A 66 3.37 -2.53 0.88
CA LEU A 66 4.04 -1.79 1.95
C LEU A 66 4.13 -2.64 3.22
N VAL A 67 2.97 -3.11 3.68
CA VAL A 67 2.91 -3.93 4.89
C VAL A 67 3.78 -5.18 4.74
N HIS A 68 3.66 -5.84 3.59
CA HIS A 68 4.43 -7.05 3.33
C HIS A 68 5.93 -6.77 3.34
N THR A 69 6.28 -5.52 3.03
CA THR A 69 7.68 -5.10 3.00
C THR A 69 8.22 -4.88 4.41
N ALA A 70 7.33 -4.49 5.31
CA ALA A 70 7.73 -4.25 6.70
C ALA A 70 8.44 -5.45 7.29
N SER A 71 7.84 -6.63 7.11
CA SER A 71 8.41 -7.87 7.64
C SER A 71 7.43 -9.03 7.50
N ILE A 72 7.17 -9.44 6.27
CA ILE A 72 6.24 -10.53 6.00
C ILE A 72 6.92 -11.64 5.21
N ALA A 73 7.15 -11.39 3.92
CA ALA A 73 7.79 -12.36 3.04
C ALA A 73 9.24 -11.98 2.78
N PRO A 74 10.09 -13.00 2.59
CA PRO A 74 11.52 -12.80 2.31
C PRO A 74 11.77 -12.19 0.93
N GLN A 75 10.87 -12.49 0.00
CA GLN A 75 11.00 -11.97 -1.36
C GLN A 75 10.74 -10.47 -1.40
N GLN A 76 10.17 -9.95 -0.32
CA GLN A 76 9.87 -8.52 -0.23
C GLN A 76 11.12 -7.73 0.14
N ARG A 77 11.97 -8.32 0.96
CA ARG A 77 13.20 -7.65 1.39
C ARG A 77 14.32 -7.87 0.38
N ARG A 78 14.74 -6.79 -0.26
CA ARG A 78 15.80 -6.85 -1.26
C ARG A 78 17.04 -6.11 -0.78
N GLY A 79 16.88 -4.82 -0.46
CA GLY A 79 18.00 -4.02 -0.01
C GLY A 79 17.78 -2.54 -0.24
N GLU A 80 16.89 -2.21 -1.18
CA GLU A 80 16.60 -0.83 -1.50
C GLU A 80 16.28 -0.03 -0.25
N PRO A 81 16.39 1.31 -0.34
CA PRO A 81 16.11 2.21 0.78
C PRO A 81 14.64 2.26 1.13
N VAL A 82 14.30 1.89 2.37
CA VAL A 82 12.92 1.90 2.82
C VAL A 82 12.80 2.53 4.20
N PRO A 83 11.86 3.46 4.35
CA PRO A 83 11.61 4.16 5.62
C PRO A 83 11.01 3.24 6.67
N GLN A 84 11.63 3.22 7.85
CA GLN A 84 11.15 2.39 8.95
C GLN A 84 9.91 3.00 9.60
N ASP A 85 9.74 4.30 9.43
CA ASP A 85 8.60 5.01 10.00
C ASP A 85 7.32 4.63 9.27
N LEU A 86 7.42 4.42 7.96
CA LEU A 86 6.27 4.05 7.15
C LEU A 86 5.89 2.59 7.37
N LEU A 87 6.87 1.71 7.27
CA LEU A 87 6.64 0.28 7.45
C LEU A 87 6.00 0.01 8.81
N ASP A 88 6.49 0.68 9.84
CA ASP A 88 5.95 0.52 11.19
C ASP A 88 4.51 1.00 11.27
N ARG A 89 4.25 2.18 10.72
CA ARG A 89 2.91 2.75 10.72
C ARG A 89 1.95 1.89 9.89
N VAL A 90 2.45 1.36 8.79
CA VAL A 90 1.64 0.51 7.91
C VAL A 90 1.06 -0.67 8.67
N LEU A 91 1.92 -1.38 9.40
CA LEU A 91 1.48 -2.54 10.17
C LEU A 91 0.47 -2.14 11.24
N ALA A 92 0.67 -0.96 11.83
CA ALA A 92 -0.23 -0.46 12.85
C ALA A 92 -1.67 -0.43 12.36
N ALA A 93 -1.88 0.17 11.19
CA ALA A 93 -3.21 0.26 10.61
C ALA A 93 -3.64 -1.08 10.01
N HIS A 94 -2.73 -1.70 9.27
CA HIS A 94 -3.01 -2.98 8.64
C HIS A 94 -3.51 -4.00 9.66
N ALA A 95 -2.85 -4.04 10.82
CA ALA A 95 -3.24 -4.97 11.87
C ALA A 95 -4.46 -4.47 12.63
N TYR A 96 -4.45 -3.19 12.99
CA TYR A 96 -5.56 -2.59 13.72
C TYR A 96 -6.88 -2.81 12.97
N TRP A 97 -6.89 -2.49 11.69
CA TRP A 97 -8.08 -2.66 10.86
C TRP A 97 -8.37 -4.13 10.60
N SER A 98 -7.30 -4.92 10.49
CA SER A 98 -7.44 -6.35 10.24
C SER A 98 -8.29 -7.02 11.32
N GLN A 99 -8.23 -6.47 12.53
CA GLN A 99 -8.99 -7.01 13.65
C GLN A 99 -10.49 -6.99 13.35
N GLN A 100 -10.88 -6.15 12.39
CA GLN A 100 -12.27 -6.02 12.01
C GLN A 100 -13.11 -5.47 13.16
N GLN A 101 -12.79 -4.26 13.59
CA GLN A 101 -13.51 -3.61 14.69
C GLN A 101 -14.82 -3.00 14.19
N GLY A 102 -14.87 -2.68 12.91
CA GLY A 102 -16.07 -2.08 12.34
C GLY A 102 -16.54 -2.81 11.09
N LYS A 103 -17.01 -2.05 10.11
CA LYS A 103 -17.49 -2.63 8.86
C LYS A 103 -17.38 -1.62 7.72
N GLN A 104 -16.99 -2.11 6.54
CA GLN A 104 -16.84 -1.26 5.37
C GLN A 104 -16.46 -2.07 4.14
N HIS A 105 -16.84 -1.59 2.97
CA HIS A 105 -16.54 -2.27 1.72
C HIS A 105 -16.94 -1.42 0.53
N VAL A 106 -16.21 -1.57 -0.58
CA VAL A 106 -16.48 -0.81 -1.80
C VAL A 106 -16.20 -1.65 -3.04
N GLU A 107 -16.93 -1.37 -4.12
CA GLU A 107 -16.75 -2.09 -5.37
C GLU A 107 -16.19 -1.18 -6.45
N PRO A 108 -15.57 -1.78 -7.47
CA PRO A 108 -14.98 -1.03 -8.59
C PRO A 108 -16.04 -0.42 -9.49
N LEU A 109 -15.60 0.12 -10.63
CA LEU A 109 -16.51 0.74 -11.58
C LEU A 109 -16.34 0.16 -12.97
N LYS A 110 -17.30 0.42 -13.85
CA LYS A 110 -17.25 -0.08 -15.22
C LYS A 110 -17.18 1.08 -16.22
N ILE A 111 -16.83 0.75 -17.47
CA ILE A 111 -16.73 1.76 -18.51
C ILE A 111 -17.35 1.26 -19.81
N LEU A 112 -17.95 2.17 -20.56
CA LEU A 112 -18.58 1.83 -21.84
C LEU A 112 -17.65 2.12 -23.00
N ASP A 113 -17.84 1.43 -24.11
CA ASP A 113 -17.03 1.62 -25.30
C ASP A 113 -17.49 0.71 -26.43
N ALA A 114 -17.35 1.19 -27.67
CA ALA A 114 -17.75 0.41 -28.84
C ALA A 114 -17.38 1.13 -30.12
N LYS A 115 -17.47 0.42 -31.24
CA LYS A 115 -17.14 1.01 -32.55
C LYS A 115 -17.42 0.01 -33.67
N ALA A 116 -17.83 0.52 -34.82
CA ALA A 116 -18.12 -0.32 -35.97
C ALA A 116 -17.91 0.43 -37.28
N GLN A 117 -18.11 -0.26 -38.39
CA GLN A 117 -17.94 0.35 -39.71
C GLN A 117 -18.41 -0.59 -40.81
N LYS A 118 -18.85 -0.01 -41.92
CA LYS A 118 -19.34 -0.80 -43.06
C LYS A 118 -18.21 -1.07 -44.05
N VAL A 119 -17.65 0.00 -44.61
CA VAL A 119 -16.57 -0.12 -45.57
C VAL A 119 -17.02 -0.86 -46.83
N GLY A 120 -17.79 -0.17 -47.67
CA GLY A 120 -18.28 -0.79 -48.88
C GLY A 120 -18.10 0.10 -50.10
N ALA A 121 -18.67 -0.31 -51.23
CA ALA A 121 -18.55 0.46 -52.46
C ALA A 121 -19.93 0.71 -53.08
N PRO A 1 11.93 36.78 -17.42
CA PRO A 1 11.24 35.51 -17.18
C PRO A 1 10.17 35.23 -18.23
N VAL A 2 10.28 34.07 -18.87
CA VAL A 2 9.31 33.68 -19.90
C VAL A 2 9.09 32.18 -19.89
N ASN A 3 7.89 31.77 -19.47
CA ASN A 3 7.54 30.35 -19.41
C ASN A 3 6.03 30.16 -19.29
N GLN A 4 5.58 28.94 -19.54
CA GLN A 4 4.15 28.63 -19.45
C GLN A 4 3.94 27.12 -19.27
N LYS A 5 2.80 26.77 -18.69
CA LYS A 5 2.47 25.36 -18.45
C LYS A 5 1.17 24.99 -19.16
N SER A 6 0.96 23.69 -19.35
CA SER A 6 -0.24 23.20 -20.02
C SER A 6 -1.01 22.24 -19.12
N LYS A 7 -2.33 22.33 -19.16
CA LYS A 7 -3.18 21.46 -18.35
C LYS A 7 -4.34 20.91 -19.17
N ARG A 8 -4.33 19.60 -19.39
CA ARG A 8 -5.38 18.95 -20.17
C ARG A 8 -5.79 17.62 -19.53
N SER A 9 -7.09 17.35 -19.51
CA SER A 9 -7.61 16.13 -18.92
C SER A 9 -8.06 15.15 -20.01
N GLU A 10 -7.52 13.94 -19.96
CA GLU A 10 -7.87 12.91 -20.94
C GLU A 10 -8.65 11.77 -20.28
N LEU A 11 -9.71 11.33 -20.95
CA LEU A 11 -10.53 10.24 -20.44
C LEU A 11 -9.93 8.88 -20.79
N SER A 12 -8.86 8.51 -20.11
CA SER A 12 -8.18 7.24 -20.36
C SER A 12 -7.88 6.53 -19.04
N GLN A 13 -7.28 5.35 -19.15
CA GLN A 13 -6.94 4.56 -17.98
C GLN A 13 -5.51 4.02 -18.08
N ARG A 14 -4.59 4.64 -17.35
CA ARG A 14 -3.20 4.23 -17.37
C ARG A 14 -2.76 3.74 -15.98
N ARG A 15 -1.65 3.01 -15.95
CA ARG A 15 -1.13 2.48 -14.70
C ARG A 15 0.39 2.33 -14.76
N ILE A 16 1.10 3.19 -14.04
CA ILE A 16 2.55 3.14 -14.01
C ILE A 16 3.06 1.75 -13.67
N ARG A 17 4.36 1.55 -13.80
CA ARG A 17 4.97 0.26 -13.52
C ARG A 17 6.29 0.44 -12.76
N ARG A 18 6.43 1.57 -12.07
CA ARG A 18 7.63 1.86 -11.31
C ARG A 18 7.31 2.05 -9.83
N PRO A 19 8.34 1.90 -8.98
CA PRO A 19 8.19 2.06 -7.53
C PRO A 19 7.92 3.50 -7.13
N PHE A 20 7.25 3.68 -5.99
CA PHE A 20 6.93 5.01 -5.50
C PHE A 20 8.02 5.52 -4.54
N SER A 21 8.30 6.81 -4.62
CA SER A 21 9.31 7.41 -3.76
C SER A 21 8.83 7.52 -2.32
N VAL A 22 9.77 7.63 -1.39
CA VAL A 22 9.45 7.73 0.02
C VAL A 22 8.44 8.85 0.27
N ALA A 23 8.59 9.95 -0.45
CA ALA A 23 7.68 11.09 -0.30
C ALA A 23 6.30 10.75 -0.86
N GLU A 24 6.26 9.95 -1.92
CA GLU A 24 5.00 9.57 -2.53
C GLU A 24 4.29 8.51 -1.69
N VAL A 25 5.05 7.59 -1.12
CA VAL A 25 4.49 6.54 -0.29
C VAL A 25 4.01 7.09 1.05
N GLU A 26 4.72 8.09 1.56
CA GLU A 26 4.36 8.71 2.84
C GLU A 26 2.89 9.11 2.85
N ALA A 27 2.37 9.46 1.68
CA ALA A 27 0.97 9.86 1.56
C ALA A 27 0.05 8.65 1.62
N LEU A 28 0.49 7.54 1.06
CA LEU A 28 -0.30 6.31 1.05
C LEU A 28 -0.55 5.81 2.47
N VAL A 29 0.51 5.76 3.27
CA VAL A 29 0.40 5.31 4.65
C VAL A 29 -0.37 6.31 5.50
N GLU A 30 0.08 7.55 5.51
CA GLU A 30 -0.57 8.61 6.28
C GLU A 30 -2.06 8.65 5.98
N ALA A 31 -2.41 8.55 4.70
CA ALA A 31 -3.80 8.57 4.28
C ALA A 31 -4.55 7.34 4.77
N VAL A 32 -3.91 6.19 4.69
CA VAL A 32 -4.50 4.93 5.12
C VAL A 32 -4.65 4.89 6.64
N GLU A 33 -3.80 5.65 7.33
CA GLU A 33 -3.83 5.71 8.79
C GLU A 33 -5.04 6.50 9.27
N HIS A 34 -5.37 7.57 8.56
CA HIS A 34 -6.50 8.41 8.92
C HIS A 34 -7.80 7.88 8.30
N LEU A 35 -7.74 7.57 7.01
CA LEU A 35 -8.90 7.05 6.30
C LEU A 35 -9.10 5.56 6.59
N GLY A 36 -8.02 4.89 6.96
CA GLY A 36 -8.10 3.48 7.27
C GLY A 36 -7.90 2.61 6.04
N THR A 37 -8.20 1.33 6.17
CA THR A 37 -8.06 0.39 5.06
C THR A 37 -9.41 0.08 4.42
N GLY A 38 -10.29 1.08 4.40
CA GLY A 38 -11.60 0.89 3.81
C GLY A 38 -12.09 2.12 3.09
N ARG A 39 -11.20 3.09 2.88
CA ARG A 39 -11.55 4.32 2.20
C ARG A 39 -10.53 4.66 1.12
N TRP A 40 -10.62 3.98 -0.01
CA TRP A 40 -9.70 4.20 -1.12
C TRP A 40 -9.96 5.56 -1.76
N ARG A 41 -11.21 5.84 -2.08
CA ARG A 41 -11.58 7.11 -2.70
C ARG A 41 -11.05 8.29 -1.89
N ASP A 42 -11.07 8.14 -0.56
CA ASP A 42 -10.59 9.19 0.32
C ASP A 42 -9.06 9.23 0.35
N VAL A 43 -8.46 8.06 0.54
CA VAL A 43 -7.00 7.96 0.58
C VAL A 43 -6.37 8.48 -0.69
N LYS A 44 -7.04 8.23 -1.82
CA LYS A 44 -6.55 8.67 -3.12
C LYS A 44 -6.68 10.18 -3.26
N MET A 45 -7.80 10.72 -2.80
CA MET A 45 -8.05 12.16 -2.88
C MET A 45 -7.16 12.92 -1.90
N ARG A 46 -6.87 12.29 -0.76
CA ARG A 46 -6.03 12.91 0.25
C ARG A 46 -4.55 12.76 -0.09
N ALA A 47 -4.19 11.58 -0.60
CA ALA A 47 -2.80 11.31 -0.98
C ALA A 47 -2.51 11.84 -2.38
N PHE A 48 -3.07 11.18 -3.39
CA PHE A 48 -2.86 11.57 -4.77
C PHE A 48 -3.59 12.88 -5.07
N ASP A 49 -2.84 13.85 -5.58
CA ASP A 49 -3.42 15.16 -5.92
C ASP A 49 -4.31 15.05 -7.15
N ASN A 50 -3.94 14.17 -8.07
CA ASN A 50 -4.71 13.97 -9.30
C ASN A 50 -5.62 12.74 -9.18
N ALA A 51 -6.43 12.72 -8.13
CA ALA A 51 -7.35 11.61 -7.90
C ALA A 51 -8.66 11.82 -8.66
N ASP A 52 -8.56 12.08 -9.95
CA ASP A 52 -9.74 12.30 -10.78
C ASP A 52 -10.12 11.04 -11.54
N HIS A 53 -9.25 10.59 -12.43
CA HIS A 53 -9.48 9.40 -13.22
C HIS A 53 -8.57 8.26 -12.78
N ARG A 54 -8.13 8.31 -11.52
CA ARG A 54 -7.25 7.28 -10.98
C ARG A 54 -8.06 6.13 -10.40
N THR A 55 -7.43 4.95 -10.32
CA THR A 55 -8.09 3.76 -9.79
C THR A 55 -7.91 3.67 -8.28
N TYR A 56 -8.77 2.88 -7.64
CA TYR A 56 -8.70 2.71 -6.18
C TYR A 56 -7.76 1.56 -5.82
N VAL A 57 -7.57 0.64 -6.76
CA VAL A 57 -6.69 -0.50 -6.54
C VAL A 57 -5.24 -0.05 -6.37
N ASP A 58 -4.87 1.02 -7.06
CA ASP A 58 -3.52 1.56 -6.99
C ASP A 58 -3.09 1.76 -5.54
N LEU A 59 -4.06 2.04 -4.68
CA LEU A 59 -3.78 2.26 -3.26
C LEU A 59 -3.55 0.94 -2.54
N LYS A 60 -4.49 0.02 -2.69
CA LYS A 60 -4.38 -1.29 -2.05
C LYS A 60 -3.15 -2.04 -2.55
N ASP A 61 -2.81 -1.82 -3.82
CA ASP A 61 -1.64 -2.48 -4.41
C ASP A 61 -0.35 -1.94 -3.81
N LYS A 62 -0.22 -0.63 -3.77
CA LYS A 62 0.97 0.01 -3.21
C LYS A 62 1.05 -0.20 -1.70
N TRP A 63 -0.11 -0.23 -1.06
CA TRP A 63 -0.17 -0.44 0.39
C TRP A 63 0.12 -1.88 0.75
N LYS A 64 -0.62 -2.81 0.15
CA LYS A 64 -0.43 -4.23 0.41
C LYS A 64 1.03 -4.63 0.24
N THR A 65 1.64 -4.16 -0.85
CA THR A 65 3.03 -4.47 -1.13
C THR A 65 3.96 -3.74 -0.18
N LEU A 66 3.52 -2.58 0.31
CA LEU A 66 4.32 -1.79 1.23
C LEU A 66 4.38 -2.46 2.60
N VAL A 67 3.22 -2.74 3.17
CA VAL A 67 3.14 -3.39 4.48
C VAL A 67 3.88 -4.72 4.48
N HIS A 68 3.68 -5.50 3.42
CA HIS A 68 4.33 -6.80 3.30
C HIS A 68 5.85 -6.66 3.36
N THR A 69 6.37 -5.61 2.73
CA THR A 69 7.80 -5.36 2.70
C THR A 69 8.32 -5.03 4.10
N ALA A 70 7.46 -4.43 4.92
CA ALA A 70 7.83 -4.07 6.29
C ALA A 70 8.38 -5.27 7.05
N SER A 71 7.66 -6.38 6.99
CA SER A 71 8.07 -7.60 7.68
C SER A 71 6.98 -8.67 7.59
N ILE A 72 6.78 -9.19 6.38
CA ILE A 72 5.77 -10.22 6.16
C ILE A 72 6.37 -11.42 5.42
N ALA A 73 6.64 -11.23 4.13
CA ALA A 73 7.22 -12.30 3.32
C ALA A 73 8.72 -12.06 3.09
N PRO A 74 9.48 -13.16 2.98
CA PRO A 74 10.92 -13.10 2.75
C PRO A 74 11.27 -12.60 1.36
N GLN A 75 10.48 -13.01 0.37
CA GLN A 75 10.71 -12.61 -1.01
C GLN A 75 10.51 -11.10 -1.18
N GLN A 76 9.88 -10.48 -0.18
CA GLN A 76 9.63 -9.04 -0.22
C GLN A 76 10.88 -8.26 0.21
N ARG A 77 11.64 -8.84 1.13
CA ARG A 77 12.85 -8.19 1.63
C ARG A 77 14.03 -8.48 0.71
N ARG A 78 14.55 -7.44 0.06
CA ARG A 78 15.67 -7.58 -0.85
C ARG A 78 16.91 -6.87 -0.29
N GLY A 79 16.76 -5.58 0.00
CA GLY A 79 17.87 -4.81 0.54
C GLY A 79 17.75 -3.33 0.23
N GLU A 80 16.91 -3.00 -0.76
CA GLU A 80 16.71 -1.62 -1.15
C GLU A 80 16.39 -0.75 0.06
N PRO A 81 16.69 0.55 -0.05
CA PRO A 81 16.45 1.52 1.03
C PRO A 81 14.96 1.78 1.24
N VAL A 82 14.49 1.51 2.47
CA VAL A 82 13.09 1.71 2.80
C VAL A 82 12.95 2.44 4.14
N PRO A 83 12.06 3.45 4.17
CA PRO A 83 11.81 4.25 5.37
C PRO A 83 11.09 3.45 6.45
N GLN A 84 11.64 3.47 7.67
CA GLN A 84 11.05 2.75 8.78
C GLN A 84 9.73 3.40 9.22
N ASP A 85 9.62 4.70 8.96
CA ASP A 85 8.42 5.45 9.33
C ASP A 85 7.20 4.94 8.56
N LEU A 86 7.40 4.61 7.30
CA LEU A 86 6.33 4.11 6.45
C LEU A 86 5.99 2.65 6.80
N LEU A 87 7.03 1.85 7.01
CA LEU A 87 6.85 0.45 7.34
C LEU A 87 6.24 0.29 8.73
N ASP A 88 6.61 1.19 9.63
CA ASP A 88 6.08 1.15 11.00
C ASP A 88 4.63 1.61 11.03
N ARG A 89 4.31 2.64 10.25
CA ARG A 89 2.96 3.16 10.19
C ARG A 89 2.04 2.23 9.41
N VAL A 90 2.49 1.81 8.24
CA VAL A 90 1.71 0.91 7.39
C VAL A 90 1.33 -0.36 8.14
N LEU A 91 2.24 -0.83 8.99
CA LEU A 91 2.00 -2.04 9.77
C LEU A 91 1.00 -1.78 10.88
N ALA A 92 1.06 -0.60 11.48
CA ALA A 92 0.15 -0.23 12.55
C ALA A 92 -1.31 -0.31 12.09
N ALA A 93 -1.60 0.34 10.98
CA ALA A 93 -2.95 0.33 10.42
C ALA A 93 -3.31 -1.04 9.86
N HIS A 94 -2.37 -1.63 9.12
CA HIS A 94 -2.59 -2.94 8.52
C HIS A 94 -2.96 -3.97 9.58
N ALA A 95 -2.24 -3.94 10.70
CA ALA A 95 -2.50 -4.87 11.80
C ALA A 95 -3.72 -4.46 12.60
N TYR A 96 -3.80 -3.17 12.94
CA TYR A 96 -4.92 -2.65 13.71
C TYR A 96 -6.25 -2.95 13.02
N TRP A 97 -6.32 -2.63 11.73
CA TRP A 97 -7.53 -2.87 10.95
C TRP A 97 -7.73 -4.36 10.71
N SER A 98 -6.63 -5.10 10.62
CA SER A 98 -6.69 -6.54 10.39
C SER A 98 -7.49 -7.23 11.50
N GLN A 99 -7.37 -6.72 12.72
CA GLN A 99 -8.07 -7.29 13.86
C GLN A 99 -9.58 -7.33 13.61
N GLN A 100 -10.05 -6.44 12.73
CA GLN A 100 -11.47 -6.38 12.41
C GLN A 100 -11.69 -6.50 10.89
N GLN A 101 -10.75 -7.17 10.22
CA GLN A 101 -10.85 -7.35 8.78
C GLN A 101 -10.03 -8.56 8.33
N GLY A 102 -10.09 -8.86 7.04
CA GLY A 102 -9.35 -9.99 6.51
C GLY A 102 -8.07 -9.57 5.81
N LYS A 103 -7.60 -10.40 4.89
CA LYS A 103 -6.38 -10.11 4.15
C LYS A 103 -6.17 -11.12 3.03
N GLN A 104 -5.04 -11.01 2.33
CA GLN A 104 -4.71 -11.92 1.24
C GLN A 104 -3.31 -12.48 1.40
N HIS A 105 -2.88 -13.28 0.42
CA HIS A 105 -1.55 -13.89 0.46
C HIS A 105 -1.13 -14.32 -0.94
N VAL A 106 0.01 -13.79 -1.40
CA VAL A 106 0.53 -14.14 -2.72
C VAL A 106 1.86 -13.45 -2.97
N GLU A 107 2.80 -14.19 -3.55
CA GLU A 107 4.12 -13.66 -3.85
C GLU A 107 4.40 -13.70 -5.35
N PRO A 108 5.37 -12.88 -5.79
CA PRO A 108 5.76 -12.81 -7.21
C PRO A 108 6.46 -14.07 -7.68
N LEU A 109 7.45 -14.51 -6.91
CA LEU A 109 8.20 -15.71 -7.26
C LEU A 109 9.14 -16.11 -6.13
N LYS A 110 10.01 -17.08 -6.39
CA LYS A 110 10.97 -17.55 -5.39
C LYS A 110 12.40 -17.26 -5.84
N ILE A 111 13.29 -17.10 -4.87
CA ILE A 111 14.69 -16.82 -5.16
C ILE A 111 15.53 -16.80 -3.88
N LEU A 112 16.78 -17.22 -4.00
CA LEU A 112 17.68 -17.23 -2.85
C LEU A 112 18.85 -16.27 -3.05
N ASP A 113 19.06 -15.38 -2.08
CA ASP A 113 20.14 -14.40 -2.16
C ASP A 113 20.21 -13.59 -0.87
N ALA A 114 21.41 -13.52 -0.30
CA ALA A 114 21.62 -12.77 0.94
C ALA A 114 23.09 -12.78 1.34
N LYS A 115 23.57 -11.64 1.82
CA LYS A 115 24.96 -11.51 2.24
C LYS A 115 25.22 -10.14 2.86
N ALA A 116 26.35 -10.02 3.55
CA ALA A 116 26.72 -8.76 4.19
C ALA A 116 25.67 -8.33 5.21
N GLN A 117 25.07 -9.31 5.89
CA GLN A 117 24.05 -9.04 6.89
C GLN A 117 24.65 -9.02 8.29
N LYS A 118 25.34 -7.92 8.62
CA LYS A 118 25.96 -7.77 9.92
C LYS A 118 25.18 -6.79 10.78
N VAL A 119 24.16 -7.29 11.47
CA VAL A 119 23.34 -6.46 12.33
C VAL A 119 23.36 -6.97 13.77
N GLY A 120 24.29 -6.45 14.56
CA GLY A 120 24.40 -6.87 15.95
C GLY A 120 24.83 -8.31 16.09
N ALA A 121 24.39 -8.96 17.16
CA ALA A 121 24.73 -10.36 17.40
C ALA A 121 23.74 -11.30 16.73
N PRO A 1 -2.41 -4.42 35.78
CA PRO A 1 -2.14 -5.41 34.73
C PRO A 1 -1.41 -4.79 33.54
N VAL A 2 -0.81 -5.65 32.71
CA VAL A 2 -0.09 -5.19 31.53
C VAL A 2 0.40 -6.36 30.70
N ASN A 3 0.04 -6.37 29.42
CA ASN A 3 0.44 -7.44 28.51
C ASN A 3 0.04 -7.11 27.07
N GLN A 4 0.77 -7.70 26.12
CA GLN A 4 0.49 -7.47 24.71
C GLN A 4 0.71 -8.74 23.90
N LYS A 5 0.05 -8.82 22.75
CA LYS A 5 0.18 -9.99 21.88
C LYS A 5 -0.61 -9.78 20.59
N SER A 6 0.10 -9.72 19.47
CA SER A 6 -0.52 -9.53 18.17
C SER A 6 -0.08 -10.60 17.18
N LYS A 7 -1.04 -11.22 16.51
CA LYS A 7 -0.74 -12.28 15.54
C LYS A 7 -1.80 -12.30 14.44
N ARG A 8 -1.35 -12.52 13.20
CA ARG A 8 -2.25 -12.58 12.06
C ARG A 8 -1.49 -12.96 10.79
N SER A 9 -2.21 -13.60 9.86
CA SER A 9 -1.60 -14.04 8.61
C SER A 9 -2.25 -13.33 7.43
N GLU A 10 -1.49 -13.16 6.35
CA GLU A 10 -2.00 -12.50 5.14
C GLU A 10 -1.51 -13.21 3.90
N LEU A 11 -1.94 -12.71 2.74
CA LEU A 11 -1.54 -13.30 1.46
C LEU A 11 -0.09 -12.96 1.12
N SER A 12 0.31 -13.27 -0.11
CA SER A 12 1.67 -12.99 -0.55
C SER A 12 1.74 -12.90 -2.08
N GLN A 13 2.42 -11.88 -2.57
CA GLN A 13 2.56 -11.68 -4.00
C GLN A 13 3.74 -10.76 -4.32
N ARG A 14 4.22 -10.82 -5.56
CA ARG A 14 5.34 -10.00 -5.97
C ARG A 14 5.04 -9.30 -7.30
N ARG A 15 4.99 -7.97 -7.26
CA ARG A 15 4.71 -7.19 -8.45
C ARG A 15 4.79 -5.69 -8.15
N ILE A 16 5.28 -4.92 -9.12
CA ILE A 16 5.42 -3.48 -8.95
C ILE A 16 4.53 -2.73 -9.95
N ARG A 17 3.98 -1.60 -9.50
CA ARG A 17 3.11 -0.80 -10.36
C ARG A 17 3.88 0.40 -10.93
N ARG A 18 4.07 1.42 -10.10
CA ARG A 18 4.78 2.62 -10.54
C ARG A 18 6.00 2.88 -9.65
N PRO A 19 6.99 3.60 -10.20
CA PRO A 19 8.22 3.92 -9.48
C PRO A 19 7.99 4.92 -8.36
N PHE A 20 7.54 4.42 -7.21
CA PHE A 20 7.27 5.27 -6.06
C PHE A 20 8.48 5.34 -5.14
N SER A 21 8.74 6.52 -4.59
CA SER A 21 9.87 6.72 -3.69
C SER A 21 9.40 6.91 -2.25
N VAL A 22 10.36 7.13 -1.35
CA VAL A 22 10.05 7.32 0.06
C VAL A 22 8.98 8.39 0.24
N ALA A 23 9.05 9.44 -0.58
CA ALA A 23 8.09 10.52 -0.50
C ALA A 23 6.71 10.08 -0.99
N GLU A 24 6.69 9.20 -1.98
CA GLU A 24 5.44 8.69 -2.53
C GLU A 24 4.79 7.68 -1.58
N VAL A 25 5.56 6.68 -1.18
CA VAL A 25 5.08 5.65 -0.26
C VAL A 25 4.49 6.27 1.00
N GLU A 26 5.08 7.38 1.43
CA GLU A 26 4.62 8.07 2.63
C GLU A 26 3.16 8.52 2.47
N ALA A 27 2.78 8.84 1.23
CA ALA A 27 1.42 9.27 0.94
C ALA A 27 0.42 8.13 1.08
N LEU A 28 0.75 6.99 0.47
CA LEU A 28 -0.11 5.82 0.53
C LEU A 28 -0.44 5.44 1.97
N VAL A 29 0.60 5.26 2.77
CA VAL A 29 0.43 4.90 4.18
C VAL A 29 -0.31 6.00 4.94
N GLU A 30 0.12 7.25 4.73
CA GLU A 30 -0.50 8.38 5.39
C GLU A 30 -2.00 8.37 5.20
N ALA A 31 -2.44 8.16 3.96
CA ALA A 31 -3.87 8.13 3.65
C ALA A 31 -4.52 6.88 4.22
N VAL A 32 -3.79 5.77 4.23
CA VAL A 32 -4.29 4.51 4.76
C VAL A 32 -4.44 4.57 6.27
N GLU A 33 -3.61 5.38 6.91
CA GLU A 33 -3.65 5.53 8.36
C GLU A 33 -4.85 6.37 8.80
N HIS A 34 -5.20 7.36 7.98
CA HIS A 34 -6.33 8.24 8.28
C HIS A 34 -7.63 7.63 7.78
N LEU A 35 -7.63 7.17 6.53
CA LEU A 35 -8.81 6.57 5.93
C LEU A 35 -8.94 5.11 6.35
N GLY A 36 -7.82 4.49 6.70
CA GLY A 36 -7.83 3.10 7.11
C GLY A 36 -7.64 2.15 5.93
N THR A 37 -8.30 1.00 6.00
CA THR A 37 -8.19 0.00 4.94
C THR A 37 -9.56 -0.34 4.36
N GLY A 38 -10.47 0.62 4.42
CA GLY A 38 -11.81 0.41 3.90
C GLY A 38 -12.27 1.55 3.02
N ARG A 39 -11.40 2.54 2.81
CA ARG A 39 -11.73 3.68 1.98
C ARG A 39 -10.65 3.91 0.92
N TRP A 40 -10.75 3.19 -0.18
CA TRP A 40 -9.79 3.31 -1.27
C TRP A 40 -9.93 4.65 -1.97
N ARG A 41 -11.16 4.98 -2.36
CA ARG A 41 -11.43 6.24 -3.05
C ARG A 41 -10.90 7.42 -2.25
N ASP A 42 -11.19 7.44 -0.96
CA ASP A 42 -10.73 8.52 -0.08
C ASP A 42 -9.20 8.57 -0.03
N VAL A 43 -8.58 7.39 -0.06
CA VAL A 43 -7.13 7.31 -0.02
C VAL A 43 -6.50 7.98 -1.24
N LYS A 44 -7.21 7.92 -2.37
CA LYS A 44 -6.72 8.52 -3.61
C LYS A 44 -6.74 10.04 -3.51
N MET A 45 -7.85 10.59 -3.03
CA MET A 45 -8.00 12.03 -2.89
C MET A 45 -7.09 12.56 -1.78
N ARG A 46 -6.86 11.74 -0.76
CA ARG A 46 -6.02 12.13 0.36
C ARG A 46 -4.55 12.00 0.00
N ALA A 47 -4.20 10.94 -0.71
CA ALA A 47 -2.82 10.71 -1.13
C ALA A 47 -2.46 11.55 -2.35
N PHE A 48 -3.11 11.28 -3.47
CA PHE A 48 -2.84 12.01 -4.70
C PHE A 48 -3.40 13.43 -4.61
N ASP A 49 -2.54 14.41 -4.84
CA ASP A 49 -2.94 15.81 -4.78
C ASP A 49 -3.81 16.18 -5.98
N ASN A 50 -3.51 15.57 -7.13
CA ASN A 50 -4.26 15.84 -8.35
C ASN A 50 -4.63 14.54 -9.05
N ALA A 51 -5.51 13.76 -8.43
CA ALA A 51 -5.96 12.50 -9.00
C ALA A 51 -7.12 12.71 -9.97
N ASP A 52 -6.79 13.02 -11.21
CA ASP A 52 -7.80 13.25 -12.24
C ASP A 52 -8.78 12.07 -12.29
N HIS A 53 -8.25 10.88 -12.55
CA HIS A 53 -9.08 9.68 -12.63
C HIS A 53 -9.14 8.98 -11.29
N ARG A 54 -10.35 8.53 -10.92
CA ARG A 54 -10.55 7.84 -9.66
C ARG A 54 -9.98 6.42 -9.71
N THR A 55 -8.81 6.23 -9.10
CA THR A 55 -8.17 4.92 -9.08
C THR A 55 -8.38 4.22 -7.75
N TYR A 56 -8.22 2.90 -7.74
CA TYR A 56 -8.40 2.11 -6.53
C TYR A 56 -7.36 0.99 -6.46
N VAL A 57 -7.10 0.37 -7.60
CA VAL A 57 -6.12 -0.72 -7.66
C VAL A 57 -4.71 -0.20 -7.44
N ASP A 58 -4.45 1.02 -7.92
CA ASP A 58 -3.13 1.63 -7.77
C ASP A 58 -2.71 1.66 -6.30
N LEU A 59 -3.58 2.19 -5.45
CA LEU A 59 -3.30 2.28 -4.03
C LEU A 59 -3.44 0.93 -3.35
N LYS A 60 -4.19 0.03 -3.99
CA LYS A 60 -4.40 -1.31 -3.44
C LYS A 60 -3.15 -2.17 -3.62
N ASP A 61 -2.49 -2.03 -4.76
CA ASP A 61 -1.28 -2.79 -5.05
C ASP A 61 -0.12 -2.29 -4.19
N LYS A 62 0.04 -0.97 -4.14
CA LYS A 62 1.12 -0.38 -3.36
C LYS A 62 0.96 -0.69 -1.87
N TRP A 63 -0.28 -0.77 -1.42
CA TRP A 63 -0.58 -1.07 -0.02
C TRP A 63 -0.14 -2.49 0.34
N LYS A 64 -0.46 -3.44 -0.53
CA LYS A 64 -0.11 -4.83 -0.31
C LYS A 64 1.39 -4.98 -0.11
N THR A 65 2.17 -4.48 -1.07
CA THR A 65 3.62 -4.56 -0.99
C THR A 65 4.16 -3.80 0.22
N LEU A 66 3.49 -2.71 0.57
CA LEU A 66 3.89 -1.90 1.70
C LEU A 66 3.96 -2.74 2.98
N VAL A 67 2.87 -3.43 3.29
CA VAL A 67 2.80 -4.28 4.47
C VAL A 67 3.87 -5.37 4.42
N HIS A 68 3.86 -6.15 3.35
CA HIS A 68 4.83 -7.23 3.19
C HIS A 68 6.26 -6.71 3.34
N THR A 69 6.45 -5.43 3.04
CA THR A 69 7.77 -4.81 3.15
C THR A 69 8.12 -4.52 4.61
N ALA A 70 7.11 -4.25 5.42
CA ALA A 70 7.31 -3.96 6.83
C ALA A 70 8.13 -5.06 7.50
N SER A 71 7.69 -6.31 7.31
CA SER A 71 8.37 -7.45 7.91
C SER A 71 7.54 -8.72 7.75
N ILE A 72 7.38 -9.16 6.51
CA ILE A 72 6.61 -10.37 6.22
C ILE A 72 7.46 -11.42 5.52
N ALA A 73 7.70 -11.21 4.23
CA ALA A 73 8.50 -12.13 3.44
C ALA A 73 9.90 -11.56 3.18
N PRO A 74 10.91 -12.44 3.25
CA PRO A 74 12.31 -12.03 3.03
C PRO A 74 12.59 -11.69 1.57
N GLN A 75 12.07 -12.51 0.66
CA GLN A 75 12.26 -12.29 -0.77
C GLN A 75 11.35 -11.17 -1.27
N GLN A 76 10.38 -10.79 -0.44
CA GLN A 76 9.45 -9.73 -0.81
C GLN A 76 10.07 -8.36 -0.61
N ARG A 77 11.30 -8.34 -0.09
CA ARG A 77 12.01 -7.09 0.16
C ARG A 77 12.29 -6.35 -1.15
N ARG A 78 11.68 -5.19 -1.32
CA ARG A 78 11.86 -4.39 -2.53
C ARG A 78 13.34 -4.19 -2.83
N GLY A 79 14.17 -4.18 -1.78
CA GLY A 79 15.59 -4.01 -1.94
C GLY A 79 16.06 -2.62 -1.53
N GLU A 80 15.43 -1.60 -2.10
CA GLU A 80 15.78 -0.22 -1.79
C GLU A 80 15.57 0.08 -0.31
N PRO A 81 16.21 1.14 0.18
CA PRO A 81 16.12 1.56 1.58
C PRO A 81 14.74 2.12 1.92
N VAL A 82 14.07 1.51 2.90
CA VAL A 82 12.75 1.94 3.32
C VAL A 82 12.78 2.49 4.75
N PRO A 83 12.04 3.59 4.98
CA PRO A 83 11.97 4.23 6.29
C PRO A 83 11.20 3.39 7.30
N GLN A 84 11.81 3.15 8.46
CA GLN A 84 11.18 2.36 9.51
C GLN A 84 9.94 3.07 10.05
N ASP A 85 9.86 4.38 9.82
CA ASP A 85 8.73 5.16 10.29
C ASP A 85 7.46 4.80 9.51
N LEU A 86 7.61 4.55 8.23
CA LEU A 86 6.48 4.20 7.38
C LEU A 86 6.05 2.76 7.63
N LEU A 87 6.99 1.83 7.52
CA LEU A 87 6.70 0.42 7.74
C LEU A 87 6.00 0.20 9.09
N ASP A 88 6.49 0.88 10.12
CA ASP A 88 5.92 0.77 11.45
C ASP A 88 4.47 1.24 11.46
N ARG A 89 4.23 2.41 10.88
CA ARG A 89 2.90 2.99 10.82
C ARG A 89 1.95 2.07 10.04
N VAL A 90 2.42 1.56 8.91
CA VAL A 90 1.62 0.67 8.08
C VAL A 90 1.11 -0.51 8.88
N LEU A 91 2.00 -1.16 9.62
CA LEU A 91 1.63 -2.31 10.44
C LEU A 91 0.80 -1.89 11.64
N ALA A 92 0.97 -0.63 12.05
CA ALA A 92 0.23 -0.10 13.19
C ALA A 92 -1.26 0.00 12.88
N ALA A 93 -1.57 0.60 11.73
CA ALA A 93 -2.97 0.76 11.31
C ALA A 93 -3.57 -0.58 10.91
N HIS A 94 -2.86 -1.33 10.06
CA HIS A 94 -3.34 -2.62 9.60
C HIS A 94 -3.58 -3.56 10.79
N ALA A 95 -2.79 -3.39 11.84
CA ALA A 95 -2.92 -4.23 13.03
C ALA A 95 -4.20 -3.89 13.80
N TYR A 96 -4.45 -2.60 13.99
CA TYR A 96 -5.64 -2.15 14.71
C TYR A 96 -6.90 -2.45 13.91
N TRP A 97 -6.86 -2.14 12.62
CA TRP A 97 -8.00 -2.37 11.73
C TRP A 97 -8.31 -3.86 11.63
N SER A 98 -7.27 -4.67 11.47
CA SER A 98 -7.44 -6.11 11.35
C SER A 98 -8.05 -6.70 12.62
N GLN A 99 -7.73 -6.08 13.76
CA GLN A 99 -8.24 -6.54 15.04
C GLN A 99 -9.77 -6.56 15.05
N GLN A 100 -10.37 -5.74 14.18
CA GLN A 100 -11.82 -5.67 14.08
C GLN A 100 -12.27 -5.65 12.62
N GLN A 101 -11.82 -6.65 11.86
CA GLN A 101 -12.18 -6.74 10.44
C GLN A 101 -13.13 -7.91 10.21
N GLY A 102 -12.59 -9.12 10.24
CA GLY A 102 -13.41 -10.31 10.01
C GLY A 102 -12.59 -11.48 9.51
N LYS A 103 -11.63 -11.21 8.63
CA LYS A 103 -10.78 -12.25 8.07
C LYS A 103 -11.60 -13.23 7.24
N GLN A 104 -11.53 -13.08 5.92
CA GLN A 104 -12.26 -13.97 5.02
C GLN A 104 -11.99 -15.43 5.34
N HIS A 105 -10.72 -15.75 5.53
CA HIS A 105 -10.32 -17.12 5.85
C HIS A 105 -10.37 -17.38 7.35
N VAL A 106 -11.58 -17.34 7.91
CA VAL A 106 -11.76 -17.56 9.34
C VAL A 106 -11.15 -18.88 9.78
N GLU A 107 -10.64 -18.93 11.01
CA GLU A 107 -10.02 -20.13 11.54
C GLU A 107 -10.90 -20.77 12.61
N PRO A 108 -10.66 -22.06 12.90
CA PRO A 108 -11.42 -22.80 13.90
C PRO A 108 -11.11 -22.34 15.32
N LEU A 109 -11.71 -21.21 15.71
CA LEU A 109 -11.50 -20.66 17.04
C LEU A 109 -12.42 -19.46 17.30
N LYS A 110 -12.24 -18.81 18.44
CA LYS A 110 -13.05 -17.66 18.79
C LYS A 110 -12.74 -16.48 17.88
N ILE A 111 -13.79 -15.85 17.34
CA ILE A 111 -13.63 -14.71 16.46
C ILE A 111 -14.78 -13.73 16.61
N LEU A 112 -14.75 -12.66 15.82
CA LEU A 112 -15.80 -11.65 15.87
C LEU A 112 -15.82 -10.83 14.57
N ASP A 113 -17.02 -10.57 14.07
CA ASP A 113 -17.18 -9.80 12.85
C ASP A 113 -17.83 -8.45 13.13
N ALA A 114 -17.66 -7.50 12.21
CA ALA A 114 -18.24 -6.18 12.37
C ALA A 114 -17.96 -5.31 11.14
N LYS A 115 -18.47 -4.09 11.17
CA LYS A 115 -18.29 -3.16 10.05
C LYS A 115 -18.77 -1.76 10.42
N ALA A 116 -18.73 -0.85 9.45
CA ALA A 116 -19.17 0.52 9.68
C ALA A 116 -20.24 0.92 8.67
N GLN A 117 -21.29 1.57 9.15
CA GLN A 117 -22.38 2.01 8.29
C GLN A 117 -22.41 3.53 8.18
N LYS A 118 -23.26 4.03 7.28
CA LYS A 118 -23.38 5.47 7.07
C LYS A 118 -24.67 6.01 7.68
N VAL A 119 -24.53 6.86 8.69
CA VAL A 119 -25.69 7.44 9.36
C VAL A 119 -25.36 8.80 9.94
N GLY A 120 -26.28 9.76 9.80
CA GLY A 120 -26.06 11.10 10.31
C GLY A 120 -27.27 11.64 11.02
N ALA A 121 -28.25 12.11 10.25
CA ALA A 121 -29.47 12.67 10.82
C ALA A 121 -30.41 11.56 11.30
N PRO A 1 -17.34 29.06 -14.22
CA PRO A 1 -17.10 28.11 -13.13
C PRO A 1 -15.92 27.19 -13.41
N VAL A 2 -14.71 27.71 -13.21
CA VAL A 2 -13.50 26.92 -13.43
C VAL A 2 -13.41 25.77 -12.45
N ASN A 3 -14.05 25.92 -11.30
CA ASN A 3 -14.03 24.88 -10.27
C ASN A 3 -15.35 24.11 -10.26
N GLN A 4 -15.55 23.28 -11.28
CA GLN A 4 -16.77 22.49 -11.39
C GLN A 4 -16.50 21.04 -10.98
N LYS A 5 -17.53 20.19 -11.13
CA LYS A 5 -17.41 18.78 -10.78
C LYS A 5 -17.80 17.89 -11.95
N SER A 6 -16.83 17.59 -12.81
CA SER A 6 -17.08 16.75 -13.97
C SER A 6 -16.30 15.43 -13.87
N LYS A 7 -17.00 14.35 -13.59
CA LYS A 7 -16.38 13.04 -13.47
C LYS A 7 -17.22 11.98 -14.15
N ARG A 8 -16.58 10.87 -14.53
CA ARG A 8 -17.28 9.77 -15.19
C ARG A 8 -16.55 8.45 -14.95
N SER A 9 -17.32 7.36 -14.92
CA SER A 9 -16.75 6.04 -14.69
C SER A 9 -16.38 5.38 -16.02
N GLU A 10 -15.10 5.05 -16.16
CA GLU A 10 -14.61 4.41 -17.38
C GLU A 10 -14.00 3.05 -17.06
N LEU A 11 -14.21 2.09 -17.96
CA LEU A 11 -13.68 0.74 -17.79
C LEU A 11 -12.62 0.43 -18.84
N SER A 12 -11.46 1.07 -18.73
CA SER A 12 -10.38 0.86 -19.68
C SER A 12 -9.19 0.19 -19.01
N GLN A 13 -8.30 -0.37 -19.81
CA GLN A 13 -7.11 -1.05 -19.29
C GLN A 13 -5.84 -0.32 -19.69
N ARG A 14 -5.23 0.38 -18.74
CA ARG A 14 -4.01 1.13 -19.00
C ARG A 14 -2.92 0.76 -18.00
N ARG A 15 -1.80 0.27 -18.51
CA ARG A 15 -0.68 -0.12 -17.66
C ARG A 15 0.45 0.91 -17.74
N ILE A 16 0.11 2.16 -17.49
CA ILE A 16 1.10 3.25 -17.53
C ILE A 16 1.11 4.02 -16.22
N ARG A 17 2.23 3.97 -15.52
CA ARG A 17 2.38 4.67 -14.25
C ARG A 17 3.84 5.07 -14.02
N ARG A 18 4.07 5.84 -12.95
CA ARG A 18 5.42 6.30 -12.62
C ARG A 18 5.88 5.69 -11.31
N PRO A 19 7.21 5.68 -11.09
CA PRO A 19 7.81 5.13 -9.87
C PRO A 19 7.51 5.99 -8.64
N PHE A 20 7.13 5.33 -7.55
CA PHE A 20 6.82 6.03 -6.31
C PHE A 20 8.05 6.11 -5.41
N SER A 21 8.25 7.29 -4.81
CA SER A 21 9.40 7.50 -3.94
C SER A 21 8.98 7.45 -2.47
N VAL A 22 9.94 7.66 -1.57
CA VAL A 22 9.66 7.63 -0.14
C VAL A 22 8.65 8.72 0.24
N ALA A 23 8.82 9.90 -0.34
CA ALA A 23 7.93 11.02 -0.05
C ALA A 23 6.54 10.78 -0.67
N GLU A 24 6.51 10.07 -1.78
CA GLU A 24 5.26 9.77 -2.47
C GLU A 24 4.48 8.68 -1.73
N VAL A 25 5.14 7.54 -1.53
CA VAL A 25 4.52 6.42 -0.84
C VAL A 25 3.98 6.84 0.53
N GLU A 26 4.68 7.77 1.17
CA GLU A 26 4.28 8.26 2.48
C GLU A 26 2.82 8.69 2.48
N ALA A 27 2.35 9.18 1.33
CA ALA A 27 0.97 9.63 1.18
C ALA A 27 0.00 8.44 1.22
N LEU A 28 0.41 7.33 0.62
CA LEU A 28 -0.41 6.13 0.60
C LEU A 28 -0.71 5.63 2.01
N VAL A 29 0.35 5.41 2.78
CA VAL A 29 0.21 4.93 4.15
C VAL A 29 -0.46 5.98 5.03
N GLU A 30 -0.02 7.23 4.87
CA GLU A 30 -0.58 8.33 5.66
C GLU A 30 -2.10 8.36 5.56
N ALA A 31 -2.61 8.25 4.34
CA ALA A 31 -4.05 8.26 4.11
C ALA A 31 -4.71 7.01 4.68
N VAL A 32 -3.99 5.89 4.63
CA VAL A 32 -4.51 4.63 5.15
C VAL A 32 -4.49 4.62 6.67
N GLU A 33 -3.59 5.39 7.26
CA GLU A 33 -3.47 5.47 8.71
C GLU A 33 -4.63 6.26 9.31
N HIS A 34 -5.00 7.35 8.63
CA HIS A 34 -6.09 8.20 9.10
C HIS A 34 -7.43 7.68 8.61
N LEU A 35 -7.50 7.35 7.32
CA LEU A 35 -8.73 6.84 6.72
C LEU A 35 -8.91 5.36 7.04
N GLY A 36 -7.81 4.69 7.33
CA GLY A 36 -7.86 3.27 7.64
C GLY A 36 -7.79 2.39 6.41
N THR A 37 -8.40 1.21 6.48
CA THR A 37 -8.38 0.28 5.37
C THR A 37 -9.79 0.04 4.83
N GLY A 38 -10.65 1.04 4.96
CA GLY A 38 -12.01 0.91 4.50
C GLY A 38 -12.43 2.06 3.58
N ARG A 39 -11.54 3.03 3.42
CA ARG A 39 -11.81 4.18 2.58
C ARG A 39 -10.73 4.34 1.50
N TRP A 40 -10.85 3.55 0.44
CA TRP A 40 -9.89 3.59 -0.66
C TRP A 40 -9.98 4.91 -1.41
N ARG A 41 -11.21 5.30 -1.76
CA ARG A 41 -11.43 6.54 -2.49
C ARG A 41 -10.79 7.71 -1.77
N ASP A 42 -11.02 7.81 -0.47
CA ASP A 42 -10.45 8.89 0.34
C ASP A 42 -8.93 8.84 0.33
N VAL A 43 -8.39 7.62 0.33
CA VAL A 43 -6.95 7.43 0.33
C VAL A 43 -6.32 8.00 -0.94
N LYS A 44 -7.06 7.95 -2.04
CA LYS A 44 -6.59 8.46 -3.32
C LYS A 44 -6.50 9.99 -3.30
N MET A 45 -7.57 10.62 -2.85
CA MET A 45 -7.61 12.08 -2.77
C MET A 45 -6.71 12.60 -1.65
N ARG A 46 -6.56 11.80 -0.60
CA ARG A 46 -5.73 12.17 0.54
C ARG A 46 -4.25 11.98 0.21
N ALA A 47 -3.94 10.88 -0.48
CA ALA A 47 -2.56 10.58 -0.85
C ALA A 47 -2.20 11.27 -2.16
N PHE A 48 -2.79 10.80 -3.25
CA PHE A 48 -2.52 11.37 -4.57
C PHE A 48 -3.13 12.77 -4.70
N ASP A 49 -2.29 13.74 -5.05
CA ASP A 49 -2.74 15.12 -5.20
C ASP A 49 -3.60 15.28 -6.45
N ASN A 50 -3.26 14.52 -7.49
CA ASN A 50 -3.99 14.57 -8.75
C ASN A 50 -5.00 13.43 -8.83
N ALA A 51 -5.65 13.13 -7.71
CA ALA A 51 -6.65 12.07 -7.67
C ALA A 51 -7.79 12.34 -8.63
N ASP A 52 -8.82 11.50 -8.58
CA ASP A 52 -9.98 11.67 -9.46
C ASP A 52 -9.58 11.49 -10.92
N HIS A 53 -8.48 10.78 -11.15
CA HIS A 53 -7.99 10.54 -12.51
C HIS A 53 -7.63 9.07 -12.70
N ARG A 54 -6.95 8.50 -11.72
CA ARG A 54 -6.54 7.10 -11.79
C ARG A 54 -7.47 6.22 -10.96
N THR A 55 -7.53 4.94 -11.30
CA THR A 55 -8.39 3.98 -10.60
C THR A 55 -7.81 3.64 -9.23
N TYR A 56 -8.66 3.17 -8.33
CA TYR A 56 -8.24 2.79 -7.00
C TYR A 56 -7.21 1.66 -7.04
N VAL A 57 -7.21 0.92 -8.14
CA VAL A 57 -6.26 -0.18 -8.32
C VAL A 57 -4.83 0.27 -8.05
N ASP A 58 -4.54 1.51 -8.38
CA ASP A 58 -3.20 2.07 -8.17
C ASP A 58 -2.85 2.10 -6.69
N LEU A 59 -3.75 2.66 -5.88
CA LEU A 59 -3.53 2.76 -4.44
C LEU A 59 -3.66 1.38 -3.79
N LYS A 60 -4.40 0.49 -4.42
CA LYS A 60 -4.61 -0.85 -3.90
C LYS A 60 -3.32 -1.67 -3.98
N ASP A 61 -2.58 -1.49 -5.08
CA ASP A 61 -1.32 -2.20 -5.27
C ASP A 61 -0.24 -1.67 -4.32
N LYS A 62 -0.15 -0.35 -4.22
CA LYS A 62 0.83 0.29 -3.35
C LYS A 62 0.60 -0.10 -1.89
N TRP A 63 -0.66 -0.34 -1.54
CA TRP A 63 -1.01 -0.73 -0.17
C TRP A 63 -0.55 -2.14 0.13
N LYS A 64 -0.96 -3.09 -0.72
CA LYS A 64 -0.59 -4.49 -0.54
C LYS A 64 0.92 -4.64 -0.51
N THR A 65 1.60 -4.05 -1.49
CA THR A 65 3.05 -4.14 -1.57
C THR A 65 3.72 -3.50 -0.36
N LEU A 66 3.06 -2.49 0.21
CA LEU A 66 3.58 -1.80 1.38
C LEU A 66 3.65 -2.74 2.58
N VAL A 67 2.51 -3.35 2.91
CA VAL A 67 2.44 -4.28 4.03
C VAL A 67 3.43 -5.41 3.88
N HIS A 68 3.34 -6.12 2.75
CA HIS A 68 4.24 -7.24 2.47
C HIS A 68 5.69 -6.82 2.62
N THR A 69 5.97 -5.54 2.34
CA THR A 69 7.32 -5.02 2.44
C THR A 69 7.69 -4.70 3.88
N ALA A 70 6.68 -4.36 4.68
CA ALA A 70 6.91 -4.04 6.09
C ALA A 70 7.64 -5.18 6.80
N SER A 71 7.15 -6.40 6.63
CA SER A 71 7.75 -7.57 7.25
C SER A 71 6.87 -8.79 7.08
N ILE A 72 6.75 -9.26 5.83
CA ILE A 72 5.93 -10.42 5.53
C ILE A 72 6.78 -11.55 4.94
N ALA A 73 7.31 -11.31 3.74
CA ALA A 73 8.15 -12.30 3.08
C ALA A 73 9.63 -11.95 3.21
N PRO A 74 10.50 -12.97 3.10
CA PRO A 74 11.94 -12.80 3.21
C PRO A 74 12.52 -12.05 2.01
N GLN A 75 12.03 -12.37 0.82
CA GLN A 75 12.51 -11.72 -0.40
C GLN A 75 12.16 -10.23 -0.40
N GLN A 76 11.23 -9.85 0.46
CA GLN A 76 10.81 -8.45 0.56
C GLN A 76 11.79 -7.65 1.43
N ARG A 77 12.36 -8.31 2.43
CA ARG A 77 13.31 -7.66 3.32
C ARG A 77 14.71 -7.65 2.72
N ARG A 78 15.49 -6.64 3.08
CA ARG A 78 16.86 -6.51 2.57
C ARG A 78 16.85 -6.31 1.06
N GLY A 79 16.96 -5.05 0.64
CA GLY A 79 16.96 -4.75 -0.78
C GLY A 79 16.84 -3.26 -1.06
N GLU A 80 15.94 -2.91 -1.97
CA GLU A 80 15.73 -1.50 -2.32
C GLU A 80 15.49 -0.65 -1.08
N PRO A 81 15.69 0.66 -1.21
CA PRO A 81 15.50 1.61 -0.10
C PRO A 81 14.04 1.77 0.28
N VAL A 82 13.71 1.45 1.53
CA VAL A 82 12.34 1.57 2.01
C VAL A 82 12.30 2.25 3.38
N PRO A 83 11.41 3.24 3.51
CA PRO A 83 11.25 3.99 4.77
C PRO A 83 10.62 3.15 5.87
N GLN A 84 11.26 3.13 7.03
CA GLN A 84 10.76 2.36 8.16
C GLN A 84 9.57 3.06 8.82
N ASP A 85 9.44 4.35 8.55
CA ASP A 85 8.33 5.13 9.11
C ASP A 85 7.01 4.75 8.47
N LEU A 86 7.03 4.49 7.17
CA LEU A 86 5.84 4.10 6.43
C LEU A 86 5.46 2.65 6.73
N LEU A 87 6.45 1.77 6.69
CA LEU A 87 6.22 0.35 6.95
C LEU A 87 5.66 0.15 8.36
N ASP A 88 6.34 0.71 9.35
CA ASP A 88 5.92 0.59 10.74
C ASP A 88 4.49 1.10 10.91
N ARG A 89 4.22 2.29 10.38
CA ARG A 89 2.89 2.89 10.48
C ARG A 89 1.86 2.06 9.72
N VAL A 90 2.32 1.37 8.68
CA VAL A 90 1.44 0.54 7.86
C VAL A 90 0.98 -0.69 8.63
N LEU A 91 1.92 -1.36 9.28
CA LEU A 91 1.60 -2.55 10.06
C LEU A 91 0.87 -2.19 11.35
N ALA A 92 1.09 -0.97 11.83
CA ALA A 92 0.44 -0.49 13.04
C ALA A 92 -1.06 -0.34 12.85
N ALA A 93 -1.44 0.38 11.80
CA ALA A 93 -2.85 0.60 11.50
C ALA A 93 -3.52 -0.68 11.06
N HIS A 94 -2.95 -1.33 10.04
CA HIS A 94 -3.49 -2.57 9.52
C HIS A 94 -3.67 -3.60 10.63
N ALA A 95 -2.81 -3.52 11.64
CA ALA A 95 -2.88 -4.45 12.76
C ALA A 95 -4.11 -4.19 13.62
N TYR A 96 -4.34 -2.92 13.95
CA TYR A 96 -5.49 -2.53 14.75
C TYR A 96 -6.79 -2.74 13.99
N TRP A 97 -6.84 -2.23 12.77
CA TRP A 97 -8.03 -2.35 11.93
C TRP A 97 -8.39 -3.82 11.72
N SER A 98 -7.38 -4.65 11.49
CA SER A 98 -7.60 -6.08 11.28
C SER A 98 -8.02 -6.77 12.56
N GLN A 99 -7.55 -6.25 13.69
CA GLN A 99 -7.88 -6.82 15.00
C GLN A 99 -9.39 -6.85 15.21
N GLN A 100 -10.09 -5.95 14.54
CA GLN A 100 -11.54 -5.88 14.65
C GLN A 100 -12.21 -6.93 13.76
N GLN A 101 -11.52 -7.33 12.70
CA GLN A 101 -12.05 -8.33 11.78
C GLN A 101 -11.91 -9.73 12.37
N GLY A 102 -12.49 -10.71 11.67
CA GLY A 102 -12.43 -12.09 12.14
C GLY A 102 -11.62 -12.97 11.22
N LYS A 103 -10.33 -12.66 11.09
CA LYS A 103 -9.44 -13.43 10.23
C LYS A 103 -8.09 -13.65 10.90
N GLN A 104 -7.37 -14.67 10.44
CA GLN A 104 -6.06 -14.98 11.01
C GLN A 104 -5.16 -15.64 9.97
N HIS A 105 -3.87 -15.33 10.03
CA HIS A 105 -2.91 -15.89 9.09
C HIS A 105 -1.58 -16.22 9.78
N VAL A 106 -0.92 -17.27 9.32
CA VAL A 106 0.35 -17.68 9.90
C VAL A 106 1.46 -17.68 8.86
N GLU A 107 2.61 -17.13 9.21
CA GLU A 107 3.75 -17.07 8.31
C GLU A 107 5.04 -17.44 9.02
N PRO A 108 6.04 -17.87 8.24
CA PRO A 108 7.35 -18.26 8.79
C PRO A 108 8.14 -17.08 9.32
N LEU A 109 9.18 -17.37 10.10
CA LEU A 109 10.02 -16.32 10.68
C LEU A 109 11.40 -16.87 11.03
N LYS A 110 12.31 -15.96 11.39
CA LYS A 110 13.66 -16.35 11.74
C LYS A 110 14.33 -15.28 12.60
N ILE A 111 15.05 -15.70 13.63
CA ILE A 111 15.73 -14.76 14.52
C ILE A 111 16.64 -13.83 13.73
N LEU A 112 16.47 -12.54 13.94
CA LEU A 112 17.28 -11.54 13.25
C LEU A 112 17.79 -10.48 14.23
N ASP A 113 18.90 -9.83 13.88
CA ASP A 113 19.48 -8.80 14.72
C ASP A 113 18.49 -7.68 14.97
N ALA A 114 18.51 -7.12 16.19
CA ALA A 114 17.61 -6.04 16.54
C ALA A 114 18.39 -4.82 17.02
N LYS A 115 17.86 -3.64 16.75
CA LYS A 115 18.50 -2.39 17.15
C LYS A 115 17.60 -1.19 16.87
N ALA A 116 17.54 -0.27 17.83
CA ALA A 116 16.71 0.93 17.68
C ALA A 116 17.51 2.19 18.00
N GLN A 117 17.02 3.33 17.53
CA GLN A 117 17.68 4.60 17.78
C GLN A 117 16.85 5.48 18.71
N LYS A 118 17.36 5.68 19.92
CA LYS A 118 16.67 6.51 20.91
C LYS A 118 16.95 7.99 20.67
N VAL A 119 16.11 8.63 19.87
CA VAL A 119 16.27 10.04 19.57
C VAL A 119 15.99 10.90 20.80
N GLY A 120 16.74 12.00 20.93
CA GLY A 120 16.56 12.89 22.07
C GLY A 120 15.69 14.08 21.73
N ALA A 121 16.02 15.24 22.30
CA ALA A 121 15.27 16.46 22.06
C ALA A 121 16.11 17.49 21.31
N PRO A 1 -5.13 23.49 -23.78
CA PRO A 1 -6.47 22.92 -23.66
C PRO A 1 -7.56 23.94 -23.93
N VAL A 2 -8.76 23.45 -24.26
CA VAL A 2 -9.89 24.32 -24.56
C VAL A 2 -10.84 24.39 -23.37
N ASN A 3 -11.32 23.24 -22.93
CA ASN A 3 -12.24 23.17 -21.80
C ASN A 3 -11.51 22.88 -20.51
N GLN A 4 -12.23 22.89 -19.39
CA GLN A 4 -11.63 22.63 -18.09
C GLN A 4 -12.38 21.52 -17.36
N LYS A 5 -13.59 21.84 -16.90
CA LYS A 5 -14.41 20.87 -16.19
C LYS A 5 -14.82 19.71 -17.11
N SER A 6 -14.25 18.54 -16.85
CA SER A 6 -14.56 17.35 -17.65
C SER A 6 -15.00 16.19 -16.76
N LYS A 7 -16.04 15.49 -17.21
CA LYS A 7 -16.58 14.36 -16.46
C LYS A 7 -15.48 13.34 -16.16
N ARG A 8 -15.80 12.34 -15.35
CA ARG A 8 -14.85 11.30 -14.99
C ARG A 8 -15.57 10.00 -14.66
N SER A 9 -15.09 8.90 -15.25
CA SER A 9 -15.69 7.59 -15.03
C SER A 9 -14.69 6.64 -14.36
N GLU A 10 -15.21 5.69 -13.59
CA GLU A 10 -14.37 4.72 -12.91
C GLU A 10 -14.18 3.47 -13.74
N LEU A 11 -13.02 2.84 -13.60
CA LEU A 11 -12.72 1.62 -14.35
C LEU A 11 -11.41 1.00 -13.88
N SER A 12 -11.24 -0.29 -14.15
CA SER A 12 -10.03 -1.01 -13.74
C SER A 12 -9.32 -1.58 -14.96
N GLN A 13 -7.98 -1.51 -14.94
CA GLN A 13 -7.17 -2.02 -16.04
C GLN A 13 -5.82 -2.49 -15.54
N ARG A 14 -4.97 -2.94 -16.47
CA ARG A 14 -3.64 -3.43 -16.12
C ARG A 14 -2.57 -2.66 -16.89
N ARG A 15 -1.57 -2.17 -16.17
CA ARG A 15 -0.48 -1.43 -16.80
C ARG A 15 0.60 -1.08 -15.77
N ILE A 16 1.85 -1.19 -16.18
CA ILE A 16 2.97 -0.89 -15.30
C ILE A 16 2.90 0.54 -14.79
N ARG A 17 3.36 0.75 -13.56
CA ARG A 17 3.35 2.07 -12.95
C ARG A 17 4.75 2.50 -12.53
N ARG A 18 4.95 3.80 -12.40
CA ARG A 18 6.24 4.34 -12.01
C ARG A 18 6.53 4.07 -10.53
N PRO A 19 7.81 4.10 -10.16
CA PRO A 19 8.25 3.86 -8.77
C PRO A 19 7.84 4.99 -7.84
N PHE A 20 7.31 4.62 -6.68
CA PHE A 20 6.87 5.61 -5.69
C PHE A 20 8.04 6.03 -4.79
N SER A 21 8.31 7.32 -4.74
CA SER A 21 9.40 7.85 -3.91
C SER A 21 9.01 7.86 -2.44
N VAL A 22 10.01 7.89 -1.57
CA VAL A 22 9.78 7.90 -0.14
C VAL A 22 8.84 9.04 0.25
N ALA A 23 8.99 10.18 -0.42
CA ALA A 23 8.15 11.34 -0.14
C ALA A 23 6.74 11.13 -0.66
N GLU A 24 6.61 10.40 -1.77
CA GLU A 24 5.31 10.13 -2.35
C GLU A 24 4.55 9.08 -1.55
N VAL A 25 5.17 7.92 -1.37
CA VAL A 25 4.57 6.83 -0.62
C VAL A 25 4.13 7.30 0.77
N GLU A 26 4.89 8.24 1.34
CA GLU A 26 4.58 8.76 2.66
C GLU A 26 3.12 9.18 2.75
N ALA A 27 2.55 9.60 1.63
CA ALA A 27 1.15 10.02 1.59
C ALA A 27 0.22 8.81 1.61
N LEU A 28 0.58 7.76 0.87
CA LEU A 28 -0.22 6.55 0.81
C LEU A 28 -0.45 5.98 2.20
N VAL A 29 0.63 5.82 2.96
CA VAL A 29 0.54 5.28 4.31
C VAL A 29 -0.26 6.21 5.22
N GLU A 30 0.17 7.46 5.31
CA GLU A 30 -0.50 8.44 6.15
C GLU A 30 -1.98 8.55 5.78
N ALA A 31 -2.29 8.25 4.52
CA ALA A 31 -3.66 8.31 4.02
C ALA A 31 -4.47 7.13 4.53
N VAL A 32 -3.89 5.94 4.43
CA VAL A 32 -4.56 4.72 4.88
C VAL A 32 -4.58 4.63 6.40
N GLU A 33 -3.60 5.26 7.03
CA GLU A 33 -3.50 5.25 8.49
C GLU A 33 -4.58 6.11 9.12
N HIS A 34 -4.80 7.29 8.53
CA HIS A 34 -5.81 8.22 9.03
C HIS A 34 -7.20 7.86 8.49
N LEU A 35 -7.27 7.60 7.19
CA LEU A 35 -8.53 7.26 6.55
C LEU A 35 -8.88 5.79 6.79
N GLY A 36 -7.88 5.02 7.20
CA GLY A 36 -8.09 3.61 7.46
C GLY A 36 -8.00 2.77 6.20
N THR A 37 -7.93 1.46 6.38
CA THR A 37 -7.84 0.54 5.24
C THR A 37 -9.19 0.33 4.59
N GLY A 38 -10.22 0.95 5.15
CA GLY A 38 -11.55 0.84 4.61
C GLY A 38 -11.99 2.07 3.85
N ARG A 39 -11.03 2.91 3.48
CA ARG A 39 -11.31 4.13 2.74
C ARG A 39 -10.34 4.31 1.58
N TRP A 40 -10.42 3.42 0.60
CA TRP A 40 -9.55 3.48 -0.56
C TRP A 40 -9.72 4.80 -1.32
N ARG A 41 -10.98 5.14 -1.61
CA ARG A 41 -11.28 6.38 -2.33
C ARG A 41 -10.64 7.58 -1.63
N ASP A 42 -10.81 7.65 -0.31
CA ASP A 42 -10.26 8.75 0.47
C ASP A 42 -8.73 8.73 0.41
N VAL A 43 -8.16 7.53 0.36
CA VAL A 43 -6.71 7.38 0.30
C VAL A 43 -6.14 7.94 -0.99
N LYS A 44 -6.92 7.84 -2.06
CA LYS A 44 -6.51 8.33 -3.37
C LYS A 44 -6.45 9.85 -3.38
N MET A 45 -7.50 10.49 -2.89
CA MET A 45 -7.57 11.95 -2.84
C MET A 45 -6.66 12.49 -1.75
N ARG A 46 -6.49 11.72 -0.68
CA ARG A 46 -5.64 12.12 0.43
C ARG A 46 -4.16 12.04 0.06
N ALA A 47 -3.81 10.97 -0.66
CA ALA A 47 -2.43 10.77 -1.08
C ALA A 47 -2.17 11.41 -2.45
N PHE A 48 -2.77 10.84 -3.48
CA PHE A 48 -2.60 11.35 -4.84
C PHE A 48 -3.33 12.68 -5.01
N ASP A 49 -2.60 13.70 -5.44
CA ASP A 49 -3.18 15.02 -5.65
C ASP A 49 -4.11 15.03 -6.86
N ASN A 50 -3.76 14.24 -7.88
CA ASN A 50 -4.55 14.16 -9.10
C ASN A 50 -5.42 12.91 -9.09
N ALA A 51 -6.23 12.77 -8.05
CA ALA A 51 -7.12 11.61 -7.93
C ALA A 51 -8.44 11.86 -8.65
N ASP A 52 -8.35 12.25 -9.92
CA ASP A 52 -9.54 12.51 -10.73
C ASP A 52 -9.89 11.30 -11.58
N HIS A 53 -9.04 11.00 -12.55
CA HIS A 53 -9.27 9.87 -13.44
C HIS A 53 -8.38 8.70 -13.06
N ARG A 54 -7.96 8.66 -11.81
CA ARG A 54 -7.08 7.59 -11.32
C ARG A 54 -7.91 6.41 -10.80
N THR A 55 -7.31 5.23 -10.78
CA THR A 55 -7.99 4.03 -10.31
C THR A 55 -7.79 3.84 -8.81
N TYR A 56 -8.67 3.06 -8.19
CA TYR A 56 -8.59 2.80 -6.77
C TYR A 56 -7.67 1.61 -6.47
N VAL A 57 -7.42 0.80 -7.49
CA VAL A 57 -6.56 -0.37 -7.36
C VAL A 57 -5.10 0.06 -7.21
N ASP A 58 -4.73 1.15 -7.87
CA ASP A 58 -3.37 1.65 -7.82
C ASP A 58 -2.92 1.87 -6.37
N LEU A 59 -3.74 2.59 -5.61
CA LEU A 59 -3.43 2.87 -4.22
C LEU A 59 -3.60 1.62 -3.37
N LYS A 60 -4.53 0.76 -3.74
CA LYS A 60 -4.78 -0.47 -3.02
C LYS A 60 -3.56 -1.39 -3.07
N ASP A 61 -2.90 -1.43 -4.22
CA ASP A 61 -1.72 -2.26 -4.39
C ASP A 61 -0.53 -1.69 -3.63
N LYS A 62 -0.38 -0.37 -3.68
CA LYS A 62 0.71 0.31 -2.99
C LYS A 62 0.72 -0.05 -1.51
N TRP A 63 -0.46 -0.10 -0.91
CA TRP A 63 -0.59 -0.43 0.51
C TRP A 63 -0.22 -1.89 0.76
N LYS A 64 -0.83 -2.79 -0.01
CA LYS A 64 -0.58 -4.23 0.13
C LYS A 64 0.92 -4.50 0.09
N THR A 65 1.59 -4.05 -0.97
CA THR A 65 3.02 -4.25 -1.12
C THR A 65 3.79 -3.60 0.02
N LEU A 66 3.25 -2.52 0.55
CA LEU A 66 3.89 -1.80 1.64
C LEU A 66 4.02 -2.68 2.87
N VAL A 67 2.91 -3.32 3.26
CA VAL A 67 2.91 -4.20 4.43
C VAL A 67 3.92 -5.33 4.26
N HIS A 68 3.82 -6.06 3.16
CA HIS A 68 4.72 -7.17 2.89
C HIS A 68 6.18 -6.72 2.96
N THR A 69 6.40 -5.43 2.70
CA THR A 69 7.75 -4.87 2.74
C THR A 69 8.19 -4.60 4.17
N ALA A 70 7.23 -4.33 5.05
CA ALA A 70 7.52 -4.07 6.44
C ALA A 70 8.36 -5.18 7.06
N SER A 71 7.91 -6.42 6.88
CA SER A 71 8.62 -7.58 7.41
C SER A 71 7.76 -8.83 7.33
N ILE A 72 7.50 -9.28 6.11
CA ILE A 72 6.68 -10.47 5.89
C ILE A 72 7.53 -11.62 5.36
N ALA A 73 8.04 -11.45 4.13
CA ALA A 73 8.86 -12.49 3.51
C ALA A 73 10.34 -12.10 3.55
N PRO A 74 11.19 -13.08 3.84
CA PRO A 74 12.65 -12.87 3.92
C PRO A 74 13.27 -12.59 2.55
N GLN A 75 12.82 -13.35 1.55
CA GLN A 75 13.34 -13.18 0.20
C GLN A 75 12.76 -11.94 -0.47
N GLN A 76 11.73 -11.36 0.16
CA GLN A 76 11.07 -10.17 -0.37
C GLN A 76 11.89 -8.93 -0.05
N ARG A 77 12.69 -9.00 1.01
CA ARG A 77 13.52 -7.87 1.41
C ARG A 77 14.84 -7.87 0.64
N ARG A 78 15.02 -6.84 -0.20
CA ARG A 78 16.24 -6.71 -1.00
C ARG A 78 16.18 -5.47 -1.88
N GLY A 79 14.98 -5.12 -2.31
CA GLY A 79 14.81 -3.94 -3.15
C GLY A 79 15.31 -2.68 -2.49
N GLU A 80 14.95 -1.53 -3.07
CA GLU A 80 15.36 -0.24 -2.52
C GLU A 80 15.08 -0.17 -1.03
N PRO A 81 15.78 0.76 -0.34
CA PRO A 81 15.63 0.96 1.10
C PRO A 81 14.27 1.55 1.47
N VAL A 82 13.52 0.83 2.30
CA VAL A 82 12.21 1.29 2.74
C VAL A 82 12.26 1.82 4.17
N PRO A 83 11.63 2.99 4.38
CA PRO A 83 11.59 3.63 5.70
C PRO A 83 10.70 2.87 6.68
N GLN A 84 11.25 2.57 7.85
CA GLN A 84 10.52 1.85 8.88
C GLN A 84 9.35 2.66 9.39
N ASP A 85 9.37 3.97 9.12
CA ASP A 85 8.31 4.86 9.56
C ASP A 85 7.01 4.57 8.81
N LEU A 86 7.12 4.44 7.48
CA LEU A 86 5.95 4.16 6.64
C LEU A 86 5.52 2.71 6.79
N LEU A 87 6.49 1.83 6.99
CA LEU A 87 6.21 0.40 7.14
C LEU A 87 5.56 0.12 8.50
N ASP A 88 6.19 0.59 9.56
CA ASP A 88 5.67 0.39 10.91
C ASP A 88 4.30 1.04 11.07
N ARG A 89 4.07 2.12 10.32
CA ARG A 89 2.80 2.83 10.38
C ARG A 89 1.70 2.02 9.69
N VAL A 90 2.01 1.49 8.52
CA VAL A 90 1.04 0.70 7.76
C VAL A 90 0.62 -0.54 8.52
N LEU A 91 1.55 -1.08 9.32
CA LEU A 91 1.27 -2.27 10.11
C LEU A 91 0.33 -1.95 11.27
N ALA A 92 0.57 -0.83 11.92
CA ALA A 92 -0.26 -0.40 13.05
C ALA A 92 -1.73 -0.35 12.65
N ALA A 93 -2.01 0.28 11.52
CA ALA A 93 -3.37 0.41 11.02
C ALA A 93 -3.86 -0.91 10.42
N HIS A 94 -2.99 -1.56 9.66
CA HIS A 94 -3.34 -2.84 9.01
C HIS A 94 -3.82 -3.84 10.05
N ALA A 95 -3.11 -3.94 11.16
CA ALA A 95 -3.47 -4.86 12.23
C ALA A 95 -4.63 -4.32 13.06
N TYR A 96 -4.55 -3.04 13.42
CA TYR A 96 -5.60 -2.41 14.22
C TYR A 96 -6.96 -2.57 13.55
N TRP A 97 -7.03 -2.24 12.26
CA TRP A 97 -8.27 -2.35 11.51
C TRP A 97 -8.64 -3.80 11.27
N SER A 98 -7.62 -4.65 11.12
CA SER A 98 -7.83 -6.07 10.87
C SER A 98 -8.52 -6.73 12.07
N GLN A 99 -8.22 -6.22 13.26
CA GLN A 99 -8.80 -6.75 14.49
C GLN A 99 -10.33 -6.69 14.44
N GLN A 100 -10.85 -5.78 13.63
CA GLN A 100 -12.29 -5.62 13.50
C GLN A 100 -12.93 -5.22 14.83
N GLN A 101 -12.45 -4.12 15.40
CA GLN A 101 -12.96 -3.64 16.68
C GLN A 101 -14.49 -3.52 16.64
N GLY A 102 -15.02 -3.20 15.45
CA GLY A 102 -16.46 -3.07 15.31
C GLY A 102 -16.84 -2.28 14.07
N LYS A 103 -17.04 -2.99 12.96
CA LYS A 103 -17.41 -2.35 11.71
C LYS A 103 -18.55 -3.10 11.03
N GLN A 104 -18.28 -4.32 10.58
CA GLN A 104 -19.29 -5.14 9.93
C GLN A 104 -18.76 -6.54 9.63
N HIS A 105 -19.66 -7.47 9.39
CA HIS A 105 -19.28 -8.85 9.10
C HIS A 105 -18.57 -8.94 7.75
N VAL A 106 -17.37 -9.52 7.77
CA VAL A 106 -16.58 -9.67 6.55
C VAL A 106 -15.81 -10.98 6.56
N GLU A 107 -15.63 -11.56 5.37
CA GLU A 107 -14.91 -12.82 5.25
C GLU A 107 -13.66 -12.65 4.37
N PRO A 108 -12.68 -13.56 4.55
CA PRO A 108 -11.43 -13.52 3.79
C PRO A 108 -11.62 -13.87 2.32
N LEU A 109 -10.94 -13.15 1.45
CA LEU A 109 -11.04 -13.39 0.02
C LEU A 109 -9.77 -12.95 -0.71
N LYS A 110 -9.22 -13.84 -1.52
CA LYS A 110 -8.00 -13.55 -2.27
C LYS A 110 -8.29 -13.48 -3.76
N ILE A 111 -7.46 -12.72 -4.48
CA ILE A 111 -7.62 -12.57 -5.93
C ILE A 111 -6.28 -12.72 -6.64
N LEU A 112 -6.32 -13.38 -7.80
CA LEU A 112 -5.11 -13.59 -8.58
C LEU A 112 -4.84 -12.40 -9.51
N ASP A 113 -3.56 -12.13 -9.77
CA ASP A 113 -3.18 -11.03 -10.64
C ASP A 113 -1.88 -11.36 -11.38
N ALA A 114 -1.53 -10.50 -12.33
CA ALA A 114 -0.31 -10.69 -13.11
C ALA A 114 0.38 -9.36 -13.38
N LYS A 115 1.67 -9.29 -13.06
CA LYS A 115 2.44 -8.07 -13.27
C LYS A 115 3.70 -8.36 -14.08
N ALA A 116 4.34 -7.31 -14.58
CA ALA A 116 5.56 -7.45 -15.37
C ALA A 116 6.45 -6.24 -15.22
N GLN A 117 7.77 -6.45 -15.28
CA GLN A 117 8.74 -5.37 -15.15
C GLN A 117 10.15 -5.87 -15.43
N LYS A 118 11.00 -4.98 -15.93
CA LYS A 118 12.38 -5.33 -16.23
C LYS A 118 13.18 -5.51 -14.95
N VAL A 119 14.12 -6.46 -14.98
CA VAL A 119 14.96 -6.73 -13.82
C VAL A 119 16.43 -6.52 -14.15
N GLY A 120 17.28 -6.65 -13.13
CA GLY A 120 18.71 -6.47 -13.33
C GLY A 120 19.11 -5.01 -13.38
N ALA A 121 19.29 -4.41 -12.21
CA ALA A 121 19.67 -3.00 -12.12
C ALA A 121 21.11 -2.80 -12.56
N PRO A 1 -21.84 27.97 -25.50
CA PRO A 1 -21.64 26.52 -25.32
C PRO A 1 -21.25 26.16 -23.90
N VAL A 2 -22.24 25.90 -23.06
CA VAL A 2 -22.00 25.53 -21.67
C VAL A 2 -22.82 24.32 -21.27
N ASN A 3 -22.18 23.15 -21.26
CA ASN A 3 -22.85 21.91 -20.89
C ASN A 3 -21.95 21.03 -20.04
N GLN A 4 -22.52 19.96 -19.49
CA GLN A 4 -21.76 19.04 -18.65
C GLN A 4 -21.88 17.61 -19.15
N LYS A 5 -21.25 16.68 -18.45
CA LYS A 5 -21.29 15.27 -18.83
C LYS A 5 -21.42 14.39 -17.60
N SER A 6 -22.22 13.33 -17.71
CA SER A 6 -22.43 12.40 -16.60
C SER A 6 -21.53 11.17 -16.75
N LYS A 7 -21.05 10.68 -15.62
CA LYS A 7 -20.17 9.50 -15.61
C LYS A 7 -20.67 8.46 -14.62
N ARG A 8 -19.98 7.33 -14.55
CA ARG A 8 -20.34 6.26 -13.64
C ARG A 8 -19.09 5.63 -13.02
N SER A 9 -19.30 4.61 -12.18
CA SER A 9 -18.20 3.93 -11.52
C SER A 9 -17.66 2.80 -12.39
N GLU A 10 -16.35 2.59 -12.34
CA GLU A 10 -15.71 1.54 -13.12
C GLU A 10 -14.99 0.55 -12.22
N LEU A 11 -14.38 -0.46 -12.83
CA LEU A 11 -13.66 -1.48 -12.08
C LEU A 11 -12.59 -2.14 -12.95
N SER A 12 -11.34 -2.05 -12.51
CA SER A 12 -10.23 -2.63 -13.24
C SER A 12 -9.10 -3.04 -12.30
N GLN A 13 -8.32 -4.03 -12.71
CA GLN A 13 -7.21 -4.52 -11.89
C GLN A 13 -5.92 -4.55 -12.70
N ARG A 14 -5.36 -3.36 -12.95
CA ARG A 14 -4.12 -3.25 -13.71
C ARG A 14 -3.04 -2.55 -12.89
N ARG A 15 -2.56 -3.23 -11.85
CA ARG A 15 -1.52 -2.67 -10.99
C ARG A 15 -0.33 -2.18 -11.81
N ILE A 16 0.25 -1.07 -11.39
CA ILE A 16 1.40 -0.50 -12.09
C ILE A 16 2.54 -0.19 -11.12
N ARG A 17 3.77 -0.33 -11.60
CA ARG A 17 4.94 -0.09 -10.77
C ARG A 17 5.63 1.21 -11.20
N ARG A 18 5.61 2.21 -10.31
CA ARG A 18 6.22 3.50 -10.59
C ARG A 18 7.31 3.81 -9.57
N PRO A 19 8.24 4.70 -9.96
CA PRO A 19 9.35 5.11 -9.09
C PRO A 19 8.88 5.96 -7.91
N PHE A 20 8.48 5.29 -6.83
CA PHE A 20 8.00 6.00 -5.64
C PHE A 20 9.16 6.22 -4.66
N SER A 21 9.20 7.43 -4.09
CA SER A 21 10.25 7.79 -3.14
C SER A 21 9.70 7.78 -1.71
N VAL A 22 10.61 7.88 -0.74
CA VAL A 22 10.23 7.89 0.66
C VAL A 22 9.14 8.92 0.93
N ALA A 23 9.28 10.09 0.32
CA ALA A 23 8.31 11.16 0.49
C ALA A 23 6.99 10.82 -0.20
N GLU A 24 7.08 10.07 -1.30
CA GLU A 24 5.89 9.68 -2.05
C GLU A 24 5.12 8.58 -1.31
N VAL A 25 5.80 7.49 -1.01
CA VAL A 25 5.19 6.36 -0.32
C VAL A 25 4.54 6.82 0.99
N GLU A 26 5.17 7.81 1.64
CA GLU A 26 4.65 8.33 2.90
C GLU A 26 3.18 8.69 2.78
N ALA A 27 2.76 9.10 1.59
CA ALA A 27 1.38 9.48 1.33
C ALA A 27 0.47 8.25 1.39
N LEU A 28 0.90 7.17 0.75
CA LEU A 28 0.12 5.94 0.72
C LEU A 28 -0.25 5.49 2.13
N VAL A 29 0.75 5.42 3.00
CA VAL A 29 0.54 5.00 4.38
C VAL A 29 -0.20 6.09 5.17
N GLU A 30 0.23 7.34 4.97
CA GLU A 30 -0.40 8.46 5.67
C GLU A 30 -1.91 8.47 5.48
N ALA A 31 -2.34 8.29 4.23
CA ALA A 31 -3.76 8.28 3.90
C ALA A 31 -4.43 7.02 4.46
N VAL A 32 -3.68 5.92 4.48
CA VAL A 32 -4.20 4.66 5.00
C VAL A 32 -4.29 4.67 6.52
N GLU A 33 -3.44 5.49 7.15
CA GLU A 33 -3.43 5.59 8.60
C GLU A 33 -4.64 6.37 9.10
N HIS A 34 -5.01 7.42 8.39
CA HIS A 34 -6.15 8.24 8.76
C HIS A 34 -7.45 7.66 8.20
N LEU A 35 -7.42 7.30 6.92
CA LEU A 35 -8.59 6.73 6.26
C LEU A 35 -8.74 5.25 6.59
N GLY A 36 -7.63 4.62 6.96
CA GLY A 36 -7.66 3.21 7.31
C GLY A 36 -7.44 2.31 6.11
N THR A 37 -7.50 1.00 6.33
CA THR A 37 -7.31 0.04 5.26
C THR A 37 -8.63 -0.36 4.62
N GLY A 38 -9.63 0.49 4.78
CA GLY A 38 -10.93 0.21 4.21
C GLY A 38 -11.45 1.35 3.34
N ARG A 39 -10.56 2.29 3.04
CA ARG A 39 -10.93 3.43 2.21
C ARG A 39 -9.86 3.71 1.15
N TRP A 40 -9.78 2.82 0.17
CA TRP A 40 -8.80 2.96 -0.91
C TRP A 40 -9.07 4.23 -1.72
N ARG A 41 -10.31 4.40 -2.13
CA ARG A 41 -10.70 5.58 -2.92
C ARG A 41 -10.26 6.86 -2.23
N ASP A 42 -10.41 6.89 -0.90
CA ASP A 42 -10.02 8.06 -0.12
C ASP A 42 -8.51 8.20 -0.05
N VAL A 43 -7.82 7.06 -0.06
CA VAL A 43 -6.36 7.05 0.01
C VAL A 43 -5.75 7.72 -1.22
N LYS A 44 -6.35 7.48 -2.38
CA LYS A 44 -5.87 8.05 -3.63
C LYS A 44 -6.16 9.55 -3.69
N MET A 45 -7.36 9.93 -3.26
CA MET A 45 -7.76 11.34 -3.26
C MET A 45 -7.00 12.12 -2.19
N ARG A 46 -6.69 11.44 -1.09
CA ARG A 46 -5.97 12.07 0.01
C ARG A 46 -4.46 12.11 -0.27
N ALA A 47 -3.94 11.03 -0.85
CA ALA A 47 -2.52 10.95 -1.16
C ALA A 47 -2.23 11.60 -2.52
N PHE A 48 -2.68 10.95 -3.59
CA PHE A 48 -2.47 11.47 -4.94
C PHE A 48 -3.32 12.70 -5.19
N ASP A 49 -2.67 13.78 -5.60
CA ASP A 49 -3.37 15.03 -5.88
C ASP A 49 -4.24 14.90 -7.13
N ASN A 50 -3.76 14.11 -8.10
CA ASN A 50 -4.49 13.91 -9.35
C ASN A 50 -5.40 12.69 -9.25
N ALA A 51 -6.44 12.80 -8.42
CA ALA A 51 -7.39 11.71 -8.24
C ALA A 51 -8.82 12.23 -8.25
N ASP A 52 -9.46 12.12 -9.42
CA ASP A 52 -10.84 12.57 -9.58
C ASP A 52 -11.73 11.43 -10.07
N HIS A 53 -11.30 10.78 -11.15
CA HIS A 53 -12.05 9.68 -11.73
C HIS A 53 -11.14 8.51 -12.07
N ARG A 54 -10.02 8.41 -11.37
CA ARG A 54 -9.05 7.34 -11.60
C ARG A 54 -9.31 6.17 -10.66
N THR A 55 -8.85 4.99 -11.08
CA THR A 55 -9.04 3.79 -10.27
C THR A 55 -8.07 3.77 -9.08
N TYR A 56 -8.38 2.95 -8.09
CA TYR A 56 -7.54 2.83 -6.90
C TYR A 56 -6.62 1.62 -7.00
N VAL A 57 -6.35 1.18 -8.23
CA VAL A 57 -5.48 0.03 -8.45
C VAL A 57 -4.03 0.37 -8.16
N ASP A 58 -3.65 1.61 -8.43
CA ASP A 58 -2.28 2.08 -8.19
C ASP A 58 -1.94 1.98 -6.70
N LEU A 59 -2.80 2.55 -5.87
CA LEU A 59 -2.58 2.54 -4.42
C LEU A 59 -2.73 1.12 -3.86
N LYS A 60 -3.46 0.29 -4.58
CA LYS A 60 -3.67 -1.09 -4.16
C LYS A 60 -2.37 -1.89 -4.23
N ASP A 61 -1.60 -1.65 -5.28
CA ASP A 61 -0.32 -2.35 -5.46
C ASP A 61 0.70 -1.87 -4.45
N LYS A 62 0.87 -0.56 -4.34
CA LYS A 62 1.82 0.03 -3.40
C LYS A 62 1.52 -0.40 -1.97
N TRP A 63 0.24 -0.69 -1.71
CA TRP A 63 -0.19 -1.11 -0.37
C TRP A 63 0.25 -2.55 -0.10
N LYS A 64 -0.14 -3.46 -0.99
CA LYS A 64 0.22 -4.86 -0.84
C LYS A 64 1.71 -5.03 -0.58
N THR A 65 2.52 -4.24 -1.28
CA THR A 65 3.97 -4.31 -1.12
C THR A 65 4.41 -3.62 0.17
N LEU A 66 3.74 -2.53 0.51
CA LEU A 66 4.07 -1.78 1.72
C LEU A 66 3.98 -2.69 2.95
N VAL A 67 2.82 -3.30 3.14
CA VAL A 67 2.60 -4.19 4.28
C VAL A 67 3.57 -5.37 4.25
N HIS A 68 3.57 -6.10 3.14
CA HIS A 68 4.45 -7.25 2.98
C HIS A 68 5.90 -6.87 3.24
N THR A 69 6.23 -5.60 2.96
CA THR A 69 7.58 -5.10 3.15
C THR A 69 7.85 -4.78 4.62
N ALA A 70 6.79 -4.40 5.33
CA ALA A 70 6.90 -4.07 6.74
C ALA A 70 7.59 -5.19 7.52
N SER A 71 7.12 -6.40 7.33
CA SER A 71 7.68 -7.57 8.02
C SER A 71 6.79 -8.79 7.86
N ILE A 72 6.69 -9.28 6.63
CA ILE A 72 5.86 -10.44 6.33
C ILE A 72 6.65 -11.49 5.55
N ALA A 73 6.89 -11.22 4.27
CA ALA A 73 7.62 -12.15 3.42
C ALA A 73 9.05 -11.64 3.19
N PRO A 74 10.00 -12.59 3.10
CA PRO A 74 11.42 -12.27 2.88
C PRO A 74 11.68 -11.73 1.48
N GLN A 75 11.14 -12.42 0.48
CA GLN A 75 11.33 -12.00 -0.90
C GLN A 75 10.48 -10.77 -1.23
N GLN A 76 9.52 -10.48 -0.34
CA GLN A 76 8.64 -9.33 -0.53
C GLN A 76 9.32 -8.05 -0.08
N ARG A 77 10.56 -8.17 0.39
CA ARG A 77 11.30 -7.01 0.85
C ARG A 77 11.81 -6.18 -0.33
N ARG A 78 11.29 -4.95 -0.44
CA ARG A 78 11.68 -4.06 -1.52
C ARG A 78 13.20 -3.88 -1.56
N GLY A 79 13.77 -3.94 -2.77
CA GLY A 79 15.20 -3.79 -2.92
C GLY A 79 15.73 -2.54 -2.23
N GLU A 80 15.27 -1.38 -2.69
CA GLU A 80 15.70 -0.11 -2.11
C GLU A 80 15.41 -0.06 -0.61
N PRO A 81 16.10 0.85 0.09
CA PRO A 81 15.94 1.01 1.54
C PRO A 81 14.58 1.60 1.91
N VAL A 82 13.82 0.87 2.71
CA VAL A 82 12.50 1.33 3.14
C VAL A 82 12.55 1.88 4.57
N PRO A 83 11.95 3.06 4.77
CA PRO A 83 11.90 3.71 6.08
C PRO A 83 11.00 2.98 7.06
N GLN A 84 11.54 2.69 8.24
CA GLN A 84 10.78 1.99 9.28
C GLN A 84 9.60 2.84 9.75
N ASP A 85 9.70 4.15 9.56
CA ASP A 85 8.65 5.06 9.97
C ASP A 85 7.33 4.72 9.27
N LEU A 86 7.41 4.48 7.97
CA LEU A 86 6.23 4.16 7.18
C LEU A 86 5.76 2.73 7.47
N LEU A 87 6.69 1.78 7.35
CA LEU A 87 6.37 0.38 7.60
C LEU A 87 5.73 0.20 8.98
N ASP A 88 6.40 0.73 10.00
CA ASP A 88 5.89 0.63 11.37
C ASP A 88 4.49 1.21 11.47
N ARG A 89 4.26 2.34 10.80
CA ARG A 89 2.97 3.00 10.82
C ARG A 89 1.91 2.15 10.11
N VAL A 90 2.33 1.47 9.05
CA VAL A 90 1.41 0.62 8.29
C VAL A 90 0.92 -0.56 9.13
N LEU A 91 1.87 -1.32 9.68
CA LEU A 91 1.53 -2.47 10.51
C LEU A 91 0.77 -2.03 11.76
N ALA A 92 0.97 -0.78 12.17
CA ALA A 92 0.30 -0.24 13.34
C ALA A 92 -1.20 -0.10 13.10
N ALA A 93 -1.55 0.58 12.02
CA ALA A 93 -2.96 0.79 11.68
C ALA A 93 -3.58 -0.47 11.08
N HIS A 94 -2.91 -1.05 10.10
CA HIS A 94 -3.40 -2.26 9.45
C HIS A 94 -3.70 -3.35 10.49
N ALA A 95 -2.95 -3.33 11.59
CA ALA A 95 -3.13 -4.31 12.65
C ALA A 95 -4.37 -3.98 13.48
N TYR A 96 -4.49 -2.71 13.87
CA TYR A 96 -5.63 -2.26 14.68
C TYR A 96 -6.93 -2.39 13.90
N TRP A 97 -6.87 -2.11 12.61
CA TRP A 97 -8.05 -2.19 11.74
C TRP A 97 -8.46 -3.64 11.54
N SER A 98 -7.47 -4.51 11.37
CA SER A 98 -7.73 -5.93 11.15
C SER A 98 -8.56 -6.52 12.28
N GLN A 99 -8.12 -6.28 13.51
CA GLN A 99 -8.82 -6.78 14.69
C GLN A 99 -10.20 -6.15 14.81
N GLN A 100 -10.37 -4.98 14.20
CA GLN A 100 -11.65 -4.27 14.24
C GLN A 100 -12.12 -3.93 12.83
N GLN A 101 -12.19 -4.93 11.97
CA GLN A 101 -12.63 -4.73 10.60
C GLN A 101 -14.02 -5.31 10.38
N GLY A 102 -14.11 -6.63 10.30
CA GLY A 102 -15.40 -7.27 10.09
C GLY A 102 -15.26 -8.67 9.52
N LYS A 103 -14.17 -8.90 8.78
CA LYS A 103 -13.92 -10.20 8.17
C LYS A 103 -13.99 -11.31 9.21
N GLN A 104 -13.94 -12.55 8.75
CA GLN A 104 -13.98 -13.71 9.64
C GLN A 104 -12.75 -13.75 10.53
N HIS A 105 -12.93 -13.40 11.80
CA HIS A 105 -11.84 -13.41 12.76
C HIS A 105 -12.34 -13.05 14.16
N VAL A 106 -11.45 -13.16 15.14
CA VAL A 106 -11.80 -12.85 16.53
C VAL A 106 -11.98 -11.36 16.73
N GLU A 107 -13.22 -10.89 16.57
CA GLU A 107 -13.53 -9.47 16.74
C GLU A 107 -14.81 -9.28 17.54
N PRO A 108 -14.95 -8.10 18.16
CA PRO A 108 -16.12 -7.76 18.97
C PRO A 108 -17.38 -7.60 18.13
N LEU A 109 -18.45 -7.12 18.76
CA LEU A 109 -19.72 -6.90 18.07
C LEU A 109 -20.02 -5.42 17.91
N LYS A 110 -20.78 -5.08 16.88
CA LYS A 110 -21.14 -3.69 16.62
C LYS A 110 -22.57 -3.39 17.11
N ILE A 111 -22.72 -2.29 17.83
CA ILE A 111 -24.02 -1.89 18.36
C ILE A 111 -24.67 -0.85 17.47
N LEU A 112 -25.99 -0.91 17.36
CA LEU A 112 -26.74 0.04 16.54
C LEU A 112 -28.18 0.15 17.02
N ASP A 113 -28.95 1.03 16.37
CA ASP A 113 -30.35 1.23 16.73
C ASP A 113 -31.17 1.58 15.50
N ALA A 114 -32.43 1.13 15.48
CA ALA A 114 -33.31 1.39 14.36
C ALA A 114 -34.49 2.25 14.79
N LYS A 115 -35.30 2.69 13.82
CA LYS A 115 -36.47 3.51 14.11
C LYS A 115 -37.75 2.82 13.66
N ALA A 116 -38.21 1.86 14.47
CA ALA A 116 -39.43 1.11 14.15
C ALA A 116 -40.62 1.68 14.91
N GLN A 117 -41.72 1.90 14.21
CA GLN A 117 -42.94 2.43 14.82
C GLN A 117 -44.16 1.62 14.41
N LYS A 118 -45.31 1.99 14.95
CA LYS A 118 -46.56 1.30 14.64
C LYS A 118 -47.51 2.21 13.86
N VAL A 119 -48.06 1.68 12.78
CA VAL A 119 -49.00 2.45 11.95
C VAL A 119 -50.23 2.86 12.75
N GLY A 120 -50.26 4.11 13.20
CA GLY A 120 -51.39 4.60 13.96
C GLY A 120 -52.20 5.64 13.21
N ALA A 121 -53.51 5.57 13.35
CA ALA A 121 -54.39 6.52 12.66
C ALA A 121 -54.08 7.95 13.08
N PRO A 1 19.88 11.77 30.12
CA PRO A 1 20.55 12.73 29.23
C PRO A 1 19.56 13.52 28.38
N VAL A 2 19.92 14.75 28.04
CA VAL A 2 19.07 15.61 27.24
C VAL A 2 19.58 15.73 25.81
N ASN A 3 19.24 14.75 24.99
CA ASN A 3 19.68 14.74 23.60
C ASN A 3 18.73 15.57 22.72
N GLN A 4 19.26 16.12 21.64
CA GLN A 4 18.46 16.93 20.73
C GLN A 4 19.10 16.99 19.34
N LYS A 5 18.49 16.29 18.39
CA LYS A 5 19.00 16.26 17.03
C LYS A 5 17.85 16.40 16.01
N SER A 6 17.83 17.53 15.32
CA SER A 6 16.79 17.79 14.32
C SER A 6 17.41 18.10 12.97
N LYS A 7 16.94 17.41 11.94
CA LYS A 7 17.44 17.61 10.59
C LYS A 7 16.31 18.02 9.65
N ARG A 8 16.34 19.28 9.20
CA ARG A 8 15.33 19.79 8.30
C ARG A 8 15.94 20.13 6.93
N SER A 9 17.02 19.44 6.59
CA SER A 9 17.69 19.67 5.32
C SER A 9 17.34 18.56 4.32
N GLU A 10 16.60 18.93 3.27
CA GLU A 10 16.21 17.98 2.25
C GLU A 10 15.53 18.69 1.08
N LEU A 11 15.72 18.14 -0.12
CA LEU A 11 15.14 18.72 -1.33
C LEU A 11 14.99 17.67 -2.42
N SER A 12 14.25 18.02 -3.47
CA SER A 12 14.03 17.10 -4.58
C SER A 12 13.36 17.82 -5.75
N GLN A 13 14.11 18.02 -6.83
CA GLN A 13 13.59 18.69 -8.01
C GLN A 13 14.45 18.38 -9.24
N ARG A 14 13.92 17.55 -10.13
CA ARG A 14 14.63 17.18 -11.34
C ARG A 14 13.76 16.30 -12.24
N ARG A 15 14.11 16.24 -13.51
CA ARG A 15 13.36 15.43 -14.48
C ARG A 15 13.85 13.99 -14.48
N ILE A 16 13.85 13.37 -13.31
CA ILE A 16 14.30 11.99 -13.18
C ILE A 16 13.22 11.01 -13.66
N ARG A 17 13.58 9.74 -13.77
CA ARG A 17 12.65 8.71 -14.21
C ARG A 17 12.62 7.55 -13.23
N ARG A 18 12.44 7.87 -11.95
CA ARG A 18 12.38 6.85 -10.91
C ARG A 18 11.00 6.78 -10.29
N PRO A 19 10.69 5.65 -9.64
CA PRO A 19 9.40 5.43 -8.98
C PRO A 19 9.22 6.31 -7.74
N PHE A 20 8.17 6.03 -6.98
CA PHE A 20 7.89 6.80 -5.77
C PHE A 20 9.00 6.61 -4.74
N SER A 21 9.30 7.68 -4.00
CA SER A 21 10.34 7.64 -2.98
C SER A 21 9.73 7.62 -1.58
N VAL A 22 10.60 7.64 -0.57
CA VAL A 22 10.15 7.62 0.82
C VAL A 22 9.12 8.72 1.07
N ALA A 23 9.33 9.88 0.45
CA ALA A 23 8.42 11.01 0.61
C ALA A 23 7.09 10.73 -0.08
N GLU A 24 7.13 10.05 -1.22
CA GLU A 24 5.93 9.73 -1.98
C GLU A 24 5.12 8.65 -1.26
N VAL A 25 5.78 7.55 -0.90
CA VAL A 25 5.13 6.46 -0.22
C VAL A 25 4.40 6.94 1.04
N GLU A 26 4.98 7.95 1.70
CA GLU A 26 4.39 8.50 2.90
C GLU A 26 2.93 8.88 2.68
N ALA A 27 2.63 9.39 1.49
CA ALA A 27 1.27 9.79 1.15
C ALA A 27 0.33 8.59 1.15
N LEU A 28 0.87 7.43 0.80
CA LEU A 28 0.07 6.20 0.76
C LEU A 28 -0.27 5.73 2.17
N VAL A 29 0.77 5.54 2.99
CA VAL A 29 0.58 5.09 4.36
C VAL A 29 -0.20 6.11 5.17
N GLU A 30 0.19 7.39 5.05
CA GLU A 30 -0.48 8.46 5.77
C GLU A 30 -1.99 8.43 5.53
N ALA A 31 -2.38 8.30 4.26
CA ALA A 31 -3.79 8.25 3.91
C ALA A 31 -4.44 6.97 4.42
N VAL A 32 -3.68 5.88 4.41
CA VAL A 32 -4.19 4.59 4.87
C VAL A 32 -4.38 4.60 6.39
N GLU A 33 -3.60 5.41 7.08
CA GLU A 33 -3.68 5.51 8.53
C GLU A 33 -4.93 6.29 8.95
N HIS A 34 -5.28 7.31 8.18
CA HIS A 34 -6.45 8.13 8.47
C HIS A 34 -7.71 7.51 7.88
N LEU A 35 -7.64 7.13 6.60
CA LEU A 35 -8.78 6.53 5.93
C LEU A 35 -8.89 5.05 6.27
N GLY A 36 -7.78 4.44 6.66
CA GLY A 36 -7.77 3.04 7.01
C GLY A 36 -7.53 2.13 5.83
N THR A 37 -7.86 0.85 5.97
CA THR A 37 -7.67 -0.11 4.90
C THR A 37 -9.01 -0.51 4.26
N GLY A 38 -9.98 0.39 4.34
CA GLY A 38 -11.29 0.13 3.76
C GLY A 38 -11.79 1.26 2.90
N ARG A 39 -10.98 2.32 2.78
CA ARG A 39 -11.35 3.48 1.98
C ARG A 39 -10.27 3.78 0.94
N TRP A 40 -10.29 3.03 -0.16
CA TRP A 40 -9.31 3.22 -1.23
C TRP A 40 -9.52 4.56 -1.92
N ARG A 41 -10.76 4.82 -2.33
CA ARG A 41 -11.09 6.08 -3.01
C ARG A 41 -10.62 7.28 -2.20
N ASP A 42 -10.94 7.27 -0.91
CA ASP A 42 -10.56 8.37 -0.02
C ASP A 42 -9.04 8.50 0.05
N VAL A 43 -8.35 7.35 0.07
CA VAL A 43 -6.90 7.33 0.14
C VAL A 43 -6.29 7.92 -1.13
N LYS A 44 -6.96 7.73 -2.24
CA LYS A 44 -6.49 8.22 -3.53
C LYS A 44 -6.44 9.75 -3.54
N MET A 45 -7.52 10.37 -3.07
CA MET A 45 -7.61 11.82 -3.02
C MET A 45 -6.72 12.39 -1.91
N ARG A 46 -6.57 11.61 -0.84
CA ARG A 46 -5.75 12.03 0.29
C ARG A 46 -4.26 11.94 -0.05
N ALA A 47 -3.89 10.88 -0.75
CA ALA A 47 -2.50 10.67 -1.15
C ALA A 47 -2.21 11.31 -2.50
N PHE A 48 -2.77 10.71 -3.55
CA PHE A 48 -2.57 11.21 -4.91
C PHE A 48 -3.33 12.52 -5.11
N ASP A 49 -2.61 13.55 -5.56
CA ASP A 49 -3.21 14.85 -5.79
C ASP A 49 -4.13 14.81 -7.02
N ASN A 50 -3.77 13.99 -7.99
CA ASN A 50 -4.55 13.86 -9.21
C ASN A 50 -5.42 12.60 -9.17
N ALA A 51 -6.34 12.56 -8.22
CA ALA A 51 -7.23 11.41 -8.08
C ALA A 51 -8.62 11.73 -8.61
N ASP A 52 -8.68 12.16 -9.87
CA ASP A 52 -9.95 12.49 -10.51
C ASP A 52 -10.59 11.26 -11.13
N HIS A 53 -10.00 10.78 -12.23
CA HIS A 53 -10.52 9.61 -12.92
C HIS A 53 -9.51 8.46 -12.87
N ARG A 54 -8.65 8.48 -11.85
CA ARG A 54 -7.64 7.44 -11.68
C ARG A 54 -8.20 6.26 -10.90
N THR A 55 -7.59 5.09 -11.10
CA THR A 55 -8.02 3.88 -10.41
C THR A 55 -7.61 3.90 -8.94
N TYR A 56 -8.22 3.04 -8.14
CA TYR A 56 -7.91 2.95 -6.72
C TYR A 56 -7.12 1.70 -6.40
N VAL A 57 -7.32 0.65 -7.21
CA VAL A 57 -6.63 -0.61 -7.02
C VAL A 57 -5.12 -0.39 -6.91
N ASP A 58 -4.62 0.60 -7.63
CA ASP A 58 -3.19 0.91 -7.61
C ASP A 58 -2.70 1.15 -6.19
N LEU A 59 -3.41 2.01 -5.47
CA LEU A 59 -3.05 2.34 -4.09
C LEU A 59 -3.29 1.15 -3.17
N LYS A 60 -4.22 0.27 -3.56
CA LYS A 60 -4.55 -0.91 -2.78
C LYS A 60 -3.39 -1.91 -2.81
N ASP A 61 -2.83 -2.11 -3.99
CA ASP A 61 -1.72 -3.06 -4.16
C ASP A 61 -0.44 -2.49 -3.54
N LYS A 62 -0.33 -1.17 -3.53
CA LYS A 62 0.85 -0.52 -2.96
C LYS A 62 0.94 -0.76 -1.46
N TRP A 63 -0.19 -0.63 -0.77
CA TRP A 63 -0.24 -0.83 0.67
C TRP A 63 0.01 -2.30 1.01
N LYS A 64 -0.68 -3.19 0.31
CA LYS A 64 -0.54 -4.62 0.53
C LYS A 64 0.93 -5.03 0.53
N THR A 65 1.66 -4.61 -0.50
CA THR A 65 3.08 -4.93 -0.62
C THR A 65 3.90 -4.16 0.41
N LEU A 66 3.41 -2.99 0.80
CA LEU A 66 4.11 -2.15 1.77
C LEU A 66 4.25 -2.88 3.11
N VAL A 67 3.12 -3.32 3.65
CA VAL A 67 3.12 -4.03 4.93
C VAL A 67 3.91 -5.33 4.83
N HIS A 68 3.74 -6.05 3.72
CA HIS A 68 4.44 -7.31 3.51
C HIS A 68 5.95 -7.09 3.46
N THR A 69 6.36 -5.89 3.07
CA THR A 69 7.77 -5.55 2.99
C THR A 69 8.34 -5.22 4.37
N ALA A 70 7.49 -4.71 5.25
CA ALA A 70 7.91 -4.37 6.61
C ALA A 70 8.61 -5.53 7.28
N SER A 71 8.00 -6.71 7.21
CA SER A 71 8.57 -7.91 7.82
C SER A 71 7.62 -9.09 7.68
N ILE A 72 7.41 -9.52 6.44
CA ILE A 72 6.53 -10.65 6.16
C ILE A 72 7.17 -11.62 5.17
N ALA A 73 7.22 -11.20 3.91
CA ALA A 73 7.81 -12.03 2.86
C ALA A 73 9.20 -11.54 2.50
N PRO A 74 10.13 -12.50 2.29
CA PRO A 74 11.52 -12.20 1.93
C PRO A 74 11.65 -11.63 0.52
N GLN A 75 10.89 -12.19 -0.42
CA GLN A 75 10.91 -11.74 -1.80
C GLN A 75 10.18 -10.41 -1.95
N GLN A 76 9.44 -10.03 -0.92
CA GLN A 76 8.68 -8.78 -0.94
C GLN A 76 9.58 -7.60 -0.62
N ARG A 77 10.57 -7.83 0.25
CA ARG A 77 11.50 -6.78 0.65
C ARG A 77 12.65 -6.66 -0.35
N ARG A 78 12.68 -5.54 -1.07
CA ARG A 78 13.73 -5.31 -2.06
C ARG A 78 13.53 -3.97 -2.76
N GLY A 79 14.63 -3.33 -3.13
CA GLY A 79 14.55 -2.04 -3.80
C GLY A 79 14.81 -0.88 -2.86
N GLU A 80 16.09 -0.55 -2.66
CA GLU A 80 16.47 0.54 -1.77
C GLU A 80 16.02 0.26 -0.35
N PRO A 81 16.62 0.97 0.62
CA PRO A 81 16.31 0.82 2.03
C PRO A 81 14.92 1.36 2.38
N VAL A 82 14.13 0.53 3.07
CA VAL A 82 12.79 0.93 3.46
C VAL A 82 12.78 1.60 4.83
N PRO A 83 12.09 2.74 4.93
CA PRO A 83 12.01 3.50 6.18
C PRO A 83 11.16 2.79 7.23
N GLN A 84 11.70 2.65 8.44
CA GLN A 84 11.01 1.98 9.52
C GLN A 84 9.82 2.82 10.00
N ASP A 85 9.89 4.13 9.76
CA ASP A 85 8.83 5.04 10.17
C ASP A 85 7.53 4.71 9.44
N LEU A 86 7.62 4.53 8.13
CA LEU A 86 6.45 4.21 7.32
C LEU A 86 5.97 2.78 7.59
N LEU A 87 6.90 1.83 7.51
CA LEU A 87 6.57 0.43 7.75
C LEU A 87 5.92 0.24 9.12
N ASP A 88 6.40 1.01 10.10
CA ASP A 88 5.87 0.93 11.45
C ASP A 88 4.39 1.32 11.48
N ARG A 89 4.07 2.45 10.85
CA ARG A 89 2.69 2.93 10.80
C ARG A 89 1.83 2.02 9.94
N VAL A 90 2.44 1.44 8.91
CA VAL A 90 1.72 0.55 8.01
C VAL A 90 1.17 -0.67 8.75
N LEU A 91 2.02 -1.31 9.54
CA LEU A 91 1.62 -2.48 10.30
C LEU A 91 0.67 -2.09 11.44
N ALA A 92 0.80 -0.85 11.91
CA ALA A 92 -0.05 -0.35 12.99
C ALA A 92 -1.49 -0.21 12.53
N ALA A 93 -1.68 0.38 11.35
CA ALA A 93 -3.02 0.59 10.80
C ALA A 93 -3.58 -0.71 10.25
N HIS A 94 -2.76 -1.44 9.50
CA HIS A 94 -3.19 -2.71 8.90
C HIS A 94 -3.72 -3.65 9.96
N ALA A 95 -3.04 -3.72 11.10
CA ALA A 95 -3.45 -4.59 12.19
C ALA A 95 -4.60 -3.97 12.97
N TYR A 96 -4.47 -2.69 13.31
CA TYR A 96 -5.50 -1.98 14.05
C TYR A 96 -6.85 -2.10 13.36
N TRP A 97 -6.88 -1.81 12.06
CA TRP A 97 -8.11 -1.89 11.28
C TRP A 97 -8.54 -3.34 11.10
N SER A 98 -7.57 -4.24 11.02
CA SER A 98 -7.86 -5.66 10.84
C SER A 98 -8.49 -6.25 12.09
N GLN A 99 -8.06 -5.76 13.25
CA GLN A 99 -8.59 -6.24 14.52
C GLN A 99 -9.88 -5.51 14.89
N GLN A 100 -9.85 -4.17 14.76
CA GLN A 100 -11.01 -3.35 15.09
C GLN A 100 -11.14 -2.19 14.10
N GLN A 101 -11.65 -2.50 12.91
CA GLN A 101 -11.83 -1.49 11.87
C GLN A 101 -12.66 -0.32 12.41
N GLY A 102 -11.98 0.77 12.75
CA GLY A 102 -12.67 1.95 13.26
C GLY A 102 -11.99 3.23 12.86
N LYS A 103 -12.79 4.26 12.58
CA LYS A 103 -12.26 5.55 12.18
C LYS A 103 -11.21 6.05 13.17
N GLN A 104 -10.15 6.64 12.66
CA GLN A 104 -9.07 7.14 13.51
C GLN A 104 -8.72 8.59 13.13
N HIS A 105 -7.99 9.26 14.01
CA HIS A 105 -7.59 10.64 13.78
C HIS A 105 -6.07 10.77 13.74
N VAL A 106 -5.55 11.47 12.74
CA VAL A 106 -4.11 11.67 12.60
C VAL A 106 -3.81 13.00 11.94
N GLU A 107 -2.53 13.24 11.66
CA GLU A 107 -2.10 14.48 11.03
C GLU A 107 -1.80 14.26 9.53
N PRO A 108 -2.27 15.20 8.70
CA PRO A 108 -2.06 15.13 7.26
C PRO A 108 -0.60 15.38 6.87
N LEU A 109 -0.35 15.51 5.57
CA LEU A 109 1.00 15.75 5.07
C LEU A 109 0.98 16.03 3.57
N LYS A 110 1.35 17.26 3.20
CA LYS A 110 1.37 17.66 1.80
C LYS A 110 2.21 16.69 0.98
N ILE A 111 2.14 16.82 -0.35
CA ILE A 111 2.89 15.96 -1.25
C ILE A 111 3.14 16.65 -2.59
N LEU A 112 4.30 16.37 -3.18
CA LEU A 112 4.66 16.95 -4.47
C LEU A 112 5.02 15.87 -5.48
N ASP A 113 5.00 16.23 -6.76
CA ASP A 113 5.33 15.29 -7.82
C ASP A 113 6.39 15.87 -8.76
N ALA A 114 7.47 15.12 -8.96
CA ALA A 114 8.55 15.55 -9.83
C ALA A 114 8.73 14.61 -11.02
N LYS A 115 8.39 13.35 -10.81
CA LYS A 115 8.51 12.34 -11.86
C LYS A 115 7.76 12.78 -13.10
N ALA A 116 8.49 12.94 -14.21
CA ALA A 116 7.89 13.34 -15.47
C ALA A 116 7.67 12.14 -16.40
N GLN A 117 8.77 11.52 -16.80
CA GLN A 117 8.72 10.36 -17.68
C GLN A 117 9.44 9.17 -17.07
N LYS A 118 9.28 8.00 -17.68
CA LYS A 118 9.93 6.79 -17.20
C LYS A 118 11.01 6.32 -18.18
N VAL A 119 11.77 5.31 -17.77
CA VAL A 119 12.85 4.78 -18.59
C VAL A 119 12.40 3.50 -19.29
N GLY A 120 11.52 2.75 -18.64
CA GLY A 120 11.04 1.50 -19.22
C GLY A 120 12.12 0.46 -19.35
N ALA A 121 12.86 0.23 -18.26
CA ALA A 121 13.94 -0.75 -18.26
C ALA A 121 13.61 -1.92 -17.33
#